data_2JA1
# 
_entry.id   2JA1 
# 
_audit_conform.dict_name       mmcif_pdbx.dic 
_audit_conform.dict_version    5.382 
_audit_conform.dict_location   http://mmcif.pdb.org/dictionaries/ascii/mmcif_pdbx.dic 
# 
loop_
_database_2.database_id 
_database_2.database_code 
_database_2.pdbx_database_accession 
_database_2.pdbx_DOI 
PDB   2JA1         pdb_00002ja1 10.2210/pdb2ja1/pdb 
PDBE  EBI-30518    ?            ?                   
WWPDB D_1290030518 ?            ?                   
# 
_pdbx_database_status.status_code                     REL 
_pdbx_database_status.entry_id                        2JA1 
_pdbx_database_status.deposit_site                    PDBE 
_pdbx_database_status.process_site                    PDBE 
_pdbx_database_status.SG_entry                        . 
_pdbx_database_status.recvd_initial_deposition_date   2006-11-17 
_pdbx_database_status.pdb_format_compatible           Y 
_pdbx_database_status.status_code_sf                  REL 
_pdbx_database_status.status_code_mr                  ? 
_pdbx_database_status.status_code_cs                  ? 
_pdbx_database_status.methods_development_category    ? 
_pdbx_database_status.status_code_nmr_data            ? 
# 
loop_
_audit_author.name 
_audit_author.pdbx_ordinal 
'Kosinska, U.'     1 
'Carnrot, C.'      2 
'Sandrini, M.P.B.' 3 
'Clausen, A.R.'    4 
'Wang, L.'         5 
'Piskur, J.'       6 
'Eriksson, S.'     7 
'Eklund, H.'       8 
# 
_citation.id                        primary 
_citation.title                     
;Structural Studies of Thymidine Kinases from Bacillus Anthracis and Bacillus Cereus Provide Insights Into Quaternary Structure and Conformational Changes Upon Substrate Binding
;
_citation.journal_abbrev            'FEBS J.' 
_citation.journal_volume            274 
_citation.page_first                727 
_citation.page_last                 ? 
_citation.year                      2007 
_citation.journal_id_ASTM           ? 
_citation.country                   UK 
_citation.journal_id_ISSN           1742-464X 
_citation.journal_id_CSD            ? 
_citation.book_publisher            ? 
_citation.pdbx_database_id_PubMed   17288553 
_citation.pdbx_database_id_DOI      10.1111/J.1742-4658.2006.05617.X 
# 
loop_
_citation_author.citation_id 
_citation_author.name 
_citation_author.ordinal 
_citation_author.identifier_ORCID 
primary 'Kosinska, U.'     1 ? 
primary 'Carnrot, C.'      2 ? 
primary 'Sandrini, M.P.B.' 3 ? 
primary 'Clausen, A.R.'    4 ? 
primary 'Wang, L.'         5 ? 
primary 'Piskur, J.'       6 ? 
primary 'Eriksson, S.'     7 ? 
primary 'Eklund, H.'       8 ? 
# 
_cell.entry_id           2JA1 
_cell.length_a           95.390 
_cell.length_b           95.390 
_cell.length_c           204.862 
_cell.angle_alpha        90.00 
_cell.angle_beta         90.00 
_cell.angle_gamma        90.00 
_cell.Z_PDB              16 
_cell.pdbx_unique_axis   ? 
# 
_symmetry.entry_id                         2JA1 
_symmetry.space_group_name_H-M             'I 41 2 2' 
_symmetry.pdbx_full_space_group_name_H-M   ? 
_symmetry.cell_setting                     ? 
_symmetry.Int_Tables_number                98 
# 
loop_
_entity.id 
_entity.type 
_entity.src_method 
_entity.pdbx_description 
_entity.formula_weight 
_entity.pdbx_number_of_molecules 
_entity.pdbx_ec 
_entity.pdbx_mutation 
_entity.pdbx_fragment 
_entity.details 
1 polymer     man 'THYMIDINE KINASE'              21866.939 1  2.7.1.21 ? ? ? 
2 non-polymer syn 'ZINC ION'                      65.409    1  ?        ? ? ? 
3 non-polymer syn "THYMIDINE-5'-TRIPHOSPHATE"     482.168   1  ?        ? ? ? 
4 non-polymer syn '(4S)-2-METHYL-2,4-PENTANEDIOL' 118.174   1  ?        ? ? ? 
5 water       nat water                           18.015    20 ?        ? ? ? 
# 
_entity_poly.entity_id                      1 
_entity_poly.type                           'polypeptide(L)' 
_entity_poly.nstd_linkage                   no 
_entity_poly.nstd_monomer                   no 
_entity_poly.pdbx_seq_one_letter_code       
;GSMYLINQNGWIEVICGSMFSGKSEELIRRVRRTQFAKQHAIVFKPCIDNRYSEEDVVSHNGLKVKAVPVSASKDIFEHI
TEELDVIAIDEVQFFDGDIVEVVQVLANRGYRVIVAGLDQDFRGLPFGQVPQLMAIAEHVTKLQAVCSVCGSPASRTQRL
IDGEPAAFDDPIILVGASESYEPRCRHCHAVPANKDK
;
_entity_poly.pdbx_seq_one_letter_code_can   
;GSMYLINQNGWIEVICGSMFSGKSEELIRRVRRTQFAKQHAIVFKPCIDNRYSEEDVVSHNGLKVKAVPVSASKDIFEHI
TEELDVIAIDEVQFFDGDIVEVVQVLANRGYRVIVAGLDQDFRGLPFGQVPQLMAIAEHVTKLQAVCSVCGSPASRTQRL
IDGEPAAFDDPIILVGASESYEPRCRHCHAVPANKDK
;
_entity_poly.pdbx_strand_id                 A 
_entity_poly.pdbx_target_identifier         ? 
# 
loop_
_entity_poly_seq.entity_id 
_entity_poly_seq.num 
_entity_poly_seq.mon_id 
_entity_poly_seq.hetero 
1 1   GLY n 
1 2   SER n 
1 3   MET n 
1 4   TYR n 
1 5   LEU n 
1 6   ILE n 
1 7   ASN n 
1 8   GLN n 
1 9   ASN n 
1 10  GLY n 
1 11  TRP n 
1 12  ILE n 
1 13  GLU n 
1 14  VAL n 
1 15  ILE n 
1 16  CYS n 
1 17  GLY n 
1 18  SER n 
1 19  MET n 
1 20  PHE n 
1 21  SER n 
1 22  GLY n 
1 23  LYS n 
1 24  SER n 
1 25  GLU n 
1 26  GLU n 
1 27  LEU n 
1 28  ILE n 
1 29  ARG n 
1 30  ARG n 
1 31  VAL n 
1 32  ARG n 
1 33  ARG n 
1 34  THR n 
1 35  GLN n 
1 36  PHE n 
1 37  ALA n 
1 38  LYS n 
1 39  GLN n 
1 40  HIS n 
1 41  ALA n 
1 42  ILE n 
1 43  VAL n 
1 44  PHE n 
1 45  LYS n 
1 46  PRO n 
1 47  CYS n 
1 48  ILE n 
1 49  ASP n 
1 50  ASN n 
1 51  ARG n 
1 52  TYR n 
1 53  SER n 
1 54  GLU n 
1 55  GLU n 
1 56  ASP n 
1 57  VAL n 
1 58  VAL n 
1 59  SER n 
1 60  HIS n 
1 61  ASN n 
1 62  GLY n 
1 63  LEU n 
1 64  LYS n 
1 65  VAL n 
1 66  LYS n 
1 67  ALA n 
1 68  VAL n 
1 69  PRO n 
1 70  VAL n 
1 71  SER n 
1 72  ALA n 
1 73  SER n 
1 74  LYS n 
1 75  ASP n 
1 76  ILE n 
1 77  PHE n 
1 78  GLU n 
1 79  HIS n 
1 80  ILE n 
1 81  THR n 
1 82  GLU n 
1 83  GLU n 
1 84  LEU n 
1 85  ASP n 
1 86  VAL n 
1 87  ILE n 
1 88  ALA n 
1 89  ILE n 
1 90  ASP n 
1 91  GLU n 
1 92  VAL n 
1 93  GLN n 
1 94  PHE n 
1 95  PHE n 
1 96  ASP n 
1 97  GLY n 
1 98  ASP n 
1 99  ILE n 
1 100 VAL n 
1 101 GLU n 
1 102 VAL n 
1 103 VAL n 
1 104 GLN n 
1 105 VAL n 
1 106 LEU n 
1 107 ALA n 
1 108 ASN n 
1 109 ARG n 
1 110 GLY n 
1 111 TYR n 
1 112 ARG n 
1 113 VAL n 
1 114 ILE n 
1 115 VAL n 
1 116 ALA n 
1 117 GLY n 
1 118 LEU n 
1 119 ASP n 
1 120 GLN n 
1 121 ASP n 
1 122 PHE n 
1 123 ARG n 
1 124 GLY n 
1 125 LEU n 
1 126 PRO n 
1 127 PHE n 
1 128 GLY n 
1 129 GLN n 
1 130 VAL n 
1 131 PRO n 
1 132 GLN n 
1 133 LEU n 
1 134 MET n 
1 135 ALA n 
1 136 ILE n 
1 137 ALA n 
1 138 GLU n 
1 139 HIS n 
1 140 VAL n 
1 141 THR n 
1 142 LYS n 
1 143 LEU n 
1 144 GLN n 
1 145 ALA n 
1 146 VAL n 
1 147 CYS n 
1 148 SER n 
1 149 VAL n 
1 150 CYS n 
1 151 GLY n 
1 152 SER n 
1 153 PRO n 
1 154 ALA n 
1 155 SER n 
1 156 ARG n 
1 157 THR n 
1 158 GLN n 
1 159 ARG n 
1 160 LEU n 
1 161 ILE n 
1 162 ASP n 
1 163 GLY n 
1 164 GLU n 
1 165 PRO n 
1 166 ALA n 
1 167 ALA n 
1 168 PHE n 
1 169 ASP n 
1 170 ASP n 
1 171 PRO n 
1 172 ILE n 
1 173 ILE n 
1 174 LEU n 
1 175 VAL n 
1 176 GLY n 
1 177 ALA n 
1 178 SER n 
1 179 GLU n 
1 180 SER n 
1 181 TYR n 
1 182 GLU n 
1 183 PRO n 
1 184 ARG n 
1 185 CYS n 
1 186 ARG n 
1 187 HIS n 
1 188 CYS n 
1 189 HIS n 
1 190 ALA n 
1 191 VAL n 
1 192 PRO n 
1 193 ALA n 
1 194 ASN n 
1 195 LYS n 
1 196 ASP n 
1 197 LYS n 
# 
_entity_src_gen.entity_id                          1 
_entity_src_gen.pdbx_src_id                        1 
_entity_src_gen.pdbx_alt_source_flag               sample 
_entity_src_gen.pdbx_seq_type                      ? 
_entity_src_gen.pdbx_beg_seq_num                   ? 
_entity_src_gen.pdbx_end_seq_num                   ? 
_entity_src_gen.gene_src_common_name               ? 
_entity_src_gen.gene_src_genus                     ? 
_entity_src_gen.pdbx_gene_src_gene                 ? 
_entity_src_gen.gene_src_species                   ? 
_entity_src_gen.gene_src_strain                    DVI 
_entity_src_gen.gene_src_tissue                    ? 
_entity_src_gen.gene_src_tissue_fraction           ? 
_entity_src_gen.gene_src_details                   ? 
_entity_src_gen.pdbx_gene_src_fragment             ? 
_entity_src_gen.pdbx_gene_src_scientific_name      'BACILLUS CEREUS' 
_entity_src_gen.pdbx_gene_src_ncbi_taxonomy_id     1396 
_entity_src_gen.pdbx_gene_src_variant              98-7869 
_entity_src_gen.pdbx_gene_src_cell_line            ? 
_entity_src_gen.pdbx_gene_src_atcc                 ? 
_entity_src_gen.pdbx_gene_src_organ                ? 
_entity_src_gen.pdbx_gene_src_organelle            ? 
_entity_src_gen.pdbx_gene_src_cell                 ? 
_entity_src_gen.pdbx_gene_src_cellular_location    ? 
_entity_src_gen.host_org_common_name               ? 
_entity_src_gen.pdbx_host_org_scientific_name      'ESCHERICHIA COLI' 
_entity_src_gen.pdbx_host_org_ncbi_taxonomy_id     562 
_entity_src_gen.host_org_genus                     ? 
_entity_src_gen.pdbx_host_org_gene                 ? 
_entity_src_gen.pdbx_host_org_organ                ? 
_entity_src_gen.host_org_species                   ? 
_entity_src_gen.pdbx_host_org_tissue               ? 
_entity_src_gen.pdbx_host_org_tissue_fraction      ? 
_entity_src_gen.pdbx_host_org_strain               KY895 
_entity_src_gen.pdbx_host_org_variant              ? 
_entity_src_gen.pdbx_host_org_cell_line            ? 
_entity_src_gen.pdbx_host_org_atcc                 ? 
_entity_src_gen.pdbx_host_org_culture_collection   ? 
_entity_src_gen.pdbx_host_org_cell                 ? 
_entity_src_gen.pdbx_host_org_organelle            ? 
_entity_src_gen.pdbx_host_org_cellular_location    ? 
_entity_src_gen.pdbx_host_org_vector_type          ? 
_entity_src_gen.pdbx_host_org_vector               PGEX-2T 
_entity_src_gen.host_org_details                   ? 
_entity_src_gen.expression_system_id               ? 
_entity_src_gen.plasmid_name                       ? 
_entity_src_gen.plasmid_details                    ? 
_entity_src_gen.pdbx_description                   ? 
# 
loop_
_struct_ref.id 
_struct_ref.db_name 
_struct_ref.db_code 
_struct_ref.entity_id 
_struct_ref.pdbx_seq_one_letter_code 
_struct_ref.pdbx_align_begin 
_struct_ref.pdbx_db_accession 
_struct_ref.pdbx_db_isoform 
1 PDB 2JA1         1 ? ? 2JA1   ? 
2 UNP Q0H0H6_BACCE 1 ? ? Q0H9H6 ? 
# 
loop_
_struct_ref_seq.align_id 
_struct_ref_seq.ref_id 
_struct_ref_seq.pdbx_PDB_id_code 
_struct_ref_seq.pdbx_strand_id 
_struct_ref_seq.seq_align_beg 
_struct_ref_seq.pdbx_seq_align_beg_ins_code 
_struct_ref_seq.seq_align_end 
_struct_ref_seq.pdbx_seq_align_end_ins_code 
_struct_ref_seq.pdbx_db_accession 
_struct_ref_seq.db_align_beg 
_struct_ref_seq.pdbx_db_align_beg_ins_code 
_struct_ref_seq.db_align_end 
_struct_ref_seq.pdbx_db_align_end_ins_code 
_struct_ref_seq.pdbx_auth_seq_align_beg 
_struct_ref_seq.pdbx_auth_seq_align_end 
1 1 2JA1 A 1 ? 2   ? 2JA1   -1 ? 0   ? -1 0   
2 2 2JA1 A 3 ? 197 ? Q0H9H6 1  ? 195 ? 1  195 
# 
loop_
_chem_comp.id 
_chem_comp.type 
_chem_comp.mon_nstd_flag 
_chem_comp.name 
_chem_comp.pdbx_synonyms 
_chem_comp.formula 
_chem_comp.formula_weight 
ALA 'L-peptide linking' y ALANINE                         ? 'C3 H7 N O2'        89.093  
ARG 'L-peptide linking' y ARGININE                        ? 'C6 H15 N4 O2 1'    175.209 
ASN 'L-peptide linking' y ASPARAGINE                      ? 'C4 H8 N2 O3'       132.118 
ASP 'L-peptide linking' y 'ASPARTIC ACID'                 ? 'C4 H7 N O4'        133.103 
CYS 'L-peptide linking' y CYSTEINE                        ? 'C3 H7 N O2 S'      121.158 
GLN 'L-peptide linking' y GLUTAMINE                       ? 'C5 H10 N2 O3'      146.144 
GLU 'L-peptide linking' y 'GLUTAMIC ACID'                 ? 'C5 H9 N O4'        147.129 
GLY 'peptide linking'   y GLYCINE                         ? 'C2 H5 N O2'        75.067  
HIS 'L-peptide linking' y HISTIDINE                       ? 'C6 H10 N3 O2 1'    156.162 
HOH non-polymer         . WATER                           ? 'H2 O'              18.015  
ILE 'L-peptide linking' y ISOLEUCINE                      ? 'C6 H13 N O2'       131.173 
LEU 'L-peptide linking' y LEUCINE                         ? 'C6 H13 N O2'       131.173 
LYS 'L-peptide linking' y LYSINE                          ? 'C6 H15 N2 O2 1'    147.195 
MET 'L-peptide linking' y METHIONINE                      ? 'C5 H11 N O2 S'     149.211 
MPD non-polymer         . '(4S)-2-METHYL-2,4-PENTANEDIOL' ? 'C6 H14 O2'         118.174 
PHE 'L-peptide linking' y PHENYLALANINE                   ? 'C9 H11 N O2'       165.189 
PRO 'L-peptide linking' y PROLINE                         ? 'C5 H9 N O2'        115.130 
SER 'L-peptide linking' y SERINE                          ? 'C3 H7 N O3'        105.093 
THR 'L-peptide linking' y THREONINE                       ? 'C4 H9 N O3'        119.119 
TRP 'L-peptide linking' y TRYPTOPHAN                      ? 'C11 H12 N2 O2'     204.225 
TTP non-polymer         . "THYMIDINE-5'-TRIPHOSPHATE"     ? 'C10 H17 N2 O14 P3' 482.168 
TYR 'L-peptide linking' y TYROSINE                        ? 'C9 H11 N O3'       181.189 
VAL 'L-peptide linking' y VALINE                          ? 'C5 H11 N O2'       117.146 
ZN  non-polymer         . 'ZINC ION'                      ? 'Zn 2'              65.409  
# 
_exptl.entry_id          2JA1 
_exptl.method            'X-RAY DIFFRACTION' 
_exptl.crystals_number   1 
# 
_exptl_crystal.id                    1 
_exptl_crystal.density_meas          ? 
_exptl_crystal.density_Matthews      5.3 
_exptl_crystal.density_percent_sol   76.6 
_exptl_crystal.description           ? 
_exptl_crystal.preparation           ? 
# 
_exptl_crystal_grow.crystal_id      1 
_exptl_crystal_grow.method          ? 
_exptl_crystal_grow.temp            ? 
_exptl_crystal_grow.temp_details    ? 
_exptl_crystal_grow.pH              7.00 
_exptl_crystal_grow.pdbx_pH_range   ? 
_exptl_crystal_grow.pdbx_details    '60% MPD 0.1M HEPES PH7, pH 7.00' 
# 
_diffrn.id                               1 
_diffrn.ambient_temp                     100.0 
_diffrn.ambient_temp_details             ? 
_diffrn.crystal_id                       1 
_diffrn.pdbx_serial_crystal_experiment   ? 
# 
_diffrn_detector.diffrn_id              1 
_diffrn_detector.detector               CCD 
_diffrn_detector.type                   'ADSC CCD' 
_diffrn_detector.pdbx_collection_date   ? 
_diffrn_detector.details                ? 
# 
_diffrn_radiation.diffrn_id                        1 
_diffrn_radiation.wavelength_id                    1 
_diffrn_radiation.pdbx_monochromatic_or_laue_m_l   M 
_diffrn_radiation.monochromator                    ? 
_diffrn_radiation.pdbx_diffrn_protocol             'SINGLE WAVELENGTH' 
_diffrn_radiation.pdbx_scattering_type             x-ray 
# 
_diffrn_radiation_wavelength.id           1 
_diffrn_radiation_wavelength.wavelength   0.933 
_diffrn_radiation_wavelength.wt           1.0 
# 
_diffrn_source.diffrn_id                   1 
_diffrn_source.source                      SYNCHROTRON 
_diffrn_source.type                        'ESRF BEAMLINE ID14-2' 
_diffrn_source.pdbx_synchrotron_site       ESRF 
_diffrn_source.pdbx_synchrotron_beamline   ID14-2 
_diffrn_source.pdbx_wavelength             0.933 
_diffrn_source.pdbx_wavelength_list        ? 
# 
_reflns.pdbx_diffrn_id               1 
_reflns.pdbx_ordinal                 1 
_reflns.entry_id                     2JA1 
_reflns.observed_criterion_sigma_I   2.000 
_reflns.observed_criterion_sigma_F   ? 
_reflns.d_resolution_low             37.600 
_reflns.d_resolution_high            2.800 
_reflns.number_obs                   12035 
_reflns.number_all                   ? 
_reflns.percent_possible_obs         99.8 
_reflns.pdbx_Rmerge_I_obs            ? 
_reflns.pdbx_Rsym_value              ? 
_reflns.pdbx_netI_over_sigmaI        26.8000 
_reflns.B_iso_Wilson_estimate        ? 
_reflns.pdbx_redundancy              13.600 
_reflns.pdbx_CC_half                 ? 
_reflns.pdbx_Rpim_I_all              ? 
_reflns.pdbx_Rrim_I_all              0.10 
# 
_reflns_shell.pdbx_diffrn_id         1 
_reflns_shell.pdbx_ordinal           1 
_reflns_shell.d_res_high             2.80 
_reflns_shell.d_res_low              2.95 
_reflns_shell.percent_possible_all   100.0 
_reflns_shell.Rmerge_I_obs           ? 
_reflns_shell.pdbx_Rsym_value        ? 
_reflns_shell.meanI_over_sigI_obs    4.200 
_reflns_shell.pdbx_redundancy        14.00 
_reflns_shell.number_measured_obs    ? 
_reflns_shell.number_unique_all      ? 
_reflns_shell.number_unique_obs      ? 
_reflns_shell.pdbx_CC_half           ? 
_reflns_shell.pdbx_Rpim_I_all        ? 
_reflns_shell.pdbx_Rrim_I_all        0.534 
# 
_refine.pdbx_refine_id                           'X-RAY DIFFRACTION' 
_refine.entry_id                                 2JA1 
_refine.pdbx_diffrn_id                           1 
_refine.pdbx_TLS_residual_ADP_flag               'LIKELY RESIDUAL' 
_refine.ls_number_reflns_obs                     11450 
_refine.ls_number_reflns_all                     ? 
_refine.pdbx_ls_sigma_I                          ? 
_refine.pdbx_ls_sigma_F                          ? 
_refine.pdbx_data_cutoff_high_absF               ? 
_refine.pdbx_data_cutoff_low_absF                ? 
_refine.pdbx_data_cutoff_high_rms_absF           ? 
_refine.ls_d_res_low                             37.63 
_refine.ls_d_res_high                            2.80 
_refine.ls_percent_reflns_obs                    99.8 
_refine.ls_R_factor_obs                          0.198 
_refine.ls_R_factor_all                          ? 
_refine.ls_R_factor_R_work                       0.196 
_refine.ls_R_factor_R_free                       0.239 
_refine.ls_R_factor_R_free_error                 ? 
_refine.ls_R_factor_R_free_error_details         ? 
_refine.ls_percent_reflns_R_free                 4.800 
_refine.ls_number_reflns_R_free                  574 
_refine.ls_number_parameters                     ? 
_refine.ls_number_restraints                     ? 
_refine.occupancy_min                            ? 
_refine.occupancy_max                            ? 
_refine.correlation_coeff_Fo_to_Fc               0.949 
_refine.correlation_coeff_Fo_to_Fc_free          0.932 
_refine.B_iso_mean                               57.80 
_refine.aniso_B[1][1]                            3.34000 
_refine.aniso_B[2][2]                            3.34000 
_refine.aniso_B[3][3]                            -6.68000 
_refine.aniso_B[1][2]                            0.00000 
_refine.aniso_B[1][3]                            0.00000 
_refine.aniso_B[2][3]                            0.00000 
_refine.solvent_model_details                    MASK 
_refine.solvent_model_param_ksol                 ? 
_refine.solvent_model_param_bsol                 ? 
_refine.pdbx_solvent_vdw_probe_radii             1.20 
_refine.pdbx_solvent_ion_probe_radii             0.80 
_refine.pdbx_solvent_shrinkage_radii             0.80 
_refine.pdbx_ls_cross_valid_method               THROUGHOUT 
_refine.details                                  ? 
_refine.pdbx_starting_model                      'PDB ENTRY 2J9R' 
_refine.pdbx_method_to_determine_struct          'MOLECULAR REPLACEMENT' 
_refine.pdbx_isotropic_thermal_model             ? 
_refine.pdbx_stereochemistry_target_values       'MAXIMUM LIKELIHOOD' 
_refine.pdbx_stereochem_target_val_spec_case     ? 
_refine.pdbx_R_Free_selection_details            RANDOM 
_refine.pdbx_overall_ESU_R                       0.305 
_refine.pdbx_overall_ESU_R_Free                  0.251 
_refine.overall_SU_ML                            0.178 
_refine.pdbx_overall_phase_error                 ? 
_refine.overall_SU_B                             17.574 
_refine.overall_SU_R_Cruickshank_DPI             ? 
_refine.pdbx_overall_SU_R_free_Cruickshank_DPI   ? 
_refine.pdbx_overall_SU_R_Blow_DPI               ? 
_refine.pdbx_overall_SU_R_free_Blow_DPI          ? 
# 
_refine_hist.pdbx_refine_id                   'X-RAY DIFFRACTION' 
_refine_hist.cycle_id                         LAST 
_refine_hist.pdbx_number_atoms_protein        1499 
_refine_hist.pdbx_number_atoms_nucleic_acid   0 
_refine_hist.pdbx_number_atoms_ligand         38 
_refine_hist.number_atoms_solvent             20 
_refine_hist.number_atoms_total               1557 
_refine_hist.d_res_high                       2.80 
_refine_hist.d_res_low                        37.63 
# 
loop_
_refine_ls_restr.type 
_refine_ls_restr.dev_ideal 
_refine_ls_restr.dev_ideal_target 
_refine_ls_restr.weight 
_refine_ls_restr.number 
_refine_ls_restr.pdbx_refine_id 
_refine_ls_restr.pdbx_restraint_function 
r_bond_refined_d             0.011  0.022  ? 1567 'X-RAY DIFFRACTION' ? 
r_bond_other_d               ?      ?      ? ?    'X-RAY DIFFRACTION' ? 
r_angle_refined_deg          1.479  1.977  ? 2130 'X-RAY DIFFRACTION' ? 
r_angle_other_deg            ?      ?      ? ?    'X-RAY DIFFRACTION' ? 
r_dihedral_angle_1_deg       6.296  5.000  ? 192  'X-RAY DIFFRACTION' ? 
r_dihedral_angle_2_deg       36.959 23.973 ? 73   'X-RAY DIFFRACTION' ? 
r_dihedral_angle_3_deg       17.675 15.000 ? 258  'X-RAY DIFFRACTION' ? 
r_dihedral_angle_4_deg       19.696 15.000 ? 12   'X-RAY DIFFRACTION' ? 
r_chiral_restr               0.098  0.200  ? 238  'X-RAY DIFFRACTION' ? 
r_gen_planes_refined         0.004  0.020  ? 1179 'X-RAY DIFFRACTION' ? 
r_gen_planes_other           ?      ?      ? ?    'X-RAY DIFFRACTION' ? 
r_nbd_refined                0.223  0.200  ? 649  'X-RAY DIFFRACTION' ? 
r_nbd_other                  ?      ?      ? ?    'X-RAY DIFFRACTION' ? 
r_nbtor_refined              0.311  0.200  ? 1046 'X-RAY DIFFRACTION' ? 
r_nbtor_other                ?      ?      ? ?    'X-RAY DIFFRACTION' ? 
r_xyhbond_nbd_refined        0.159  0.200  ? 50   'X-RAY DIFFRACTION' ? 
r_xyhbond_nbd_other          ?      ?      ? ?    'X-RAY DIFFRACTION' ? 
r_metal_ion_refined          ?      ?      ? ?    'X-RAY DIFFRACTION' ? 
r_metal_ion_other            ?      ?      ? ?    'X-RAY DIFFRACTION' ? 
r_symmetry_vdw_refined       0.192  0.200  ? 39   'X-RAY DIFFRACTION' ? 
r_symmetry_vdw_other         ?      ?      ? ?    'X-RAY DIFFRACTION' ? 
r_symmetry_hbond_refined     0.180  0.200  ? 7    'X-RAY DIFFRACTION' ? 
r_symmetry_hbond_other       ?      ?      ? ?    'X-RAY DIFFRACTION' ? 
r_symmetry_metal_ion_refined ?      ?      ? ?    'X-RAY DIFFRACTION' ? 
r_symmetry_metal_ion_other   ?      ?      ? ?    'X-RAY DIFFRACTION' ? 
r_mcbond_it                  0.476  1.500  ? 976  'X-RAY DIFFRACTION' ? 
r_mcbond_other               ?      ?      ? ?    'X-RAY DIFFRACTION' ? 
r_mcangle_it                 0.872  2.000  ? 1557 'X-RAY DIFFRACTION' ? 
r_mcangle_other              ?      ?      ? ?    'X-RAY DIFFRACTION' ? 
r_scbond_it                  1.330  3.000  ? 645  'X-RAY DIFFRACTION' ? 
r_scbond_other               ?      ?      ? ?    'X-RAY DIFFRACTION' ? 
r_scangle_it                 2.243  4.500  ? 573  'X-RAY DIFFRACTION' ? 
r_scangle_other              ?      ?      ? ?    'X-RAY DIFFRACTION' ? 
r_long_range_B_refined       ?      ?      ? ?    'X-RAY DIFFRACTION' ? 
r_long_range_B_other         ?      ?      ? ?    'X-RAY DIFFRACTION' ? 
r_rigid_bond_restr           ?      ?      ? ?    'X-RAY DIFFRACTION' ? 
r_sphericity_free            ?      ?      ? ?    'X-RAY DIFFRACTION' ? 
r_sphericity_bonded          ?      ?      ? ?    'X-RAY DIFFRACTION' ? 
# 
_refine_ls_shell.pdbx_refine_id                   'X-RAY DIFFRACTION' 
_refine_ls_shell.pdbx_total_number_of_bins_used   20 
_refine_ls_shell.d_res_high                       2.80 
_refine_ls_shell.d_res_low                        2.87 
_refine_ls_shell.number_reflns_R_work             795 
_refine_ls_shell.R_factor_R_work                  0.3520 
_refine_ls_shell.percent_reflns_obs               ? 
_refine_ls_shell.R_factor_R_free                  0.3940 
_refine_ls_shell.R_factor_R_free_error            ? 
_refine_ls_shell.percent_reflns_R_free            ? 
_refine_ls_shell.number_reflns_R_free             53 
_refine_ls_shell.number_reflns_all                ? 
_refine_ls_shell.R_factor_all                     ? 
_refine_ls_shell.R_factor_obs                     ? 
_refine_ls_shell.number_reflns_obs                ? 
# 
_struct.entry_id                  2JA1 
_struct.title                     'Thymidine kinase from B. cereus with TTP bound as phosphate donor.' 
_struct.pdbx_model_details        ? 
_struct.pdbx_CASP_flag            ? 
_struct.pdbx_model_type_details   ? 
# 
_struct_keywords.entry_id        2JA1 
_struct_keywords.pdbx_keywords   TRANSFERASE 
_struct_keywords.text            'TK1, DNK, LASSO, KINASE, TRANSFERASE, PHOSPHATE DONOR, DEOXYRIBONUCLEOSIDE KINASE' 
# 
loop_
_struct_asym.id 
_struct_asym.pdbx_blank_PDB_chainid_flag 
_struct_asym.pdbx_modified 
_struct_asym.entity_id 
_struct_asym.details 
A N N 1 ? 
B N N 2 ? 
C N N 3 ? 
D N N 4 ? 
E N N 5 ? 
# 
loop_
_struct_conf.conf_type_id 
_struct_conf.id 
_struct_conf.pdbx_PDB_helix_id 
_struct_conf.beg_label_comp_id 
_struct_conf.beg_label_asym_id 
_struct_conf.beg_label_seq_id 
_struct_conf.pdbx_beg_PDB_ins_code 
_struct_conf.end_label_comp_id 
_struct_conf.end_label_asym_id 
_struct_conf.end_label_seq_id 
_struct_conf.pdbx_end_PDB_ins_code 
_struct_conf.beg_auth_comp_id 
_struct_conf.beg_auth_asym_id 
_struct_conf.beg_auth_seq_id 
_struct_conf.end_auth_comp_id 
_struct_conf.end_auth_asym_id 
_struct_conf.end_auth_seq_id 
_struct_conf.pdbx_PDB_helix_class 
_struct_conf.details 
_struct_conf.pdbx_PDB_helix_length 
HELX_P HELX_P1 1 GLY A 22  ? ALA A 37  ? GLY A 20  ALA A 35  1 ? 16 
HELX_P HELX_P2 2 ALA A 72  ? ILE A 80  ? ALA A 70  ILE A 78  5 ? 9  
HELX_P HELX_P3 3 GLU A 91  ? PHE A 95  ? GLU A 89  PHE A 93  5 ? 5  
HELX_P HELX_P4 4 ASP A 98  ? ARG A 109 ? ASP A 96  ARG A 107 1 ? 12 
HELX_P HELX_P5 5 GLN A 129 ? ALA A 137 ? GLN A 127 ALA A 135 1 ? 9  
# 
_struct_conf_type.id          HELX_P 
_struct_conf_type.criteria    ? 
_struct_conf_type.reference   ? 
# 
loop_
_struct_conn.id 
_struct_conn.conn_type_id 
_struct_conn.pdbx_leaving_atom_flag 
_struct_conn.pdbx_PDB_id 
_struct_conn.ptnr1_label_asym_id 
_struct_conn.ptnr1_label_comp_id 
_struct_conn.ptnr1_label_seq_id 
_struct_conn.ptnr1_label_atom_id 
_struct_conn.pdbx_ptnr1_label_alt_id 
_struct_conn.pdbx_ptnr1_PDB_ins_code 
_struct_conn.pdbx_ptnr1_standard_comp_id 
_struct_conn.ptnr1_symmetry 
_struct_conn.ptnr2_label_asym_id 
_struct_conn.ptnr2_label_comp_id 
_struct_conn.ptnr2_label_seq_id 
_struct_conn.ptnr2_label_atom_id 
_struct_conn.pdbx_ptnr2_label_alt_id 
_struct_conn.pdbx_ptnr2_PDB_ins_code 
_struct_conn.ptnr1_auth_asym_id 
_struct_conn.ptnr1_auth_comp_id 
_struct_conn.ptnr1_auth_seq_id 
_struct_conn.ptnr2_auth_asym_id 
_struct_conn.ptnr2_auth_comp_id 
_struct_conn.ptnr2_auth_seq_id 
_struct_conn.ptnr2_symmetry 
_struct_conn.pdbx_ptnr3_label_atom_id 
_struct_conn.pdbx_ptnr3_label_seq_id 
_struct_conn.pdbx_ptnr3_label_comp_id 
_struct_conn.pdbx_ptnr3_label_asym_id 
_struct_conn.pdbx_ptnr3_label_alt_id 
_struct_conn.pdbx_ptnr3_PDB_ins_code 
_struct_conn.details 
_struct_conn.pdbx_dist_value 
_struct_conn.pdbx_value_order 
_struct_conn.pdbx_role 
metalc1 metalc ? ? A CYS 147 SG ? ? ? 1_555 B ZN . ZN ? ? A CYS 145 A ZN 1192 1_555 ? ? ? ? ? ? ? 2.231 ? ? 
metalc2 metalc ? ? A CYS 150 SG ? ? ? 1_555 B ZN . ZN ? ? A CYS 148 A ZN 1192 1_555 ? ? ? ? ? ? ? 2.280 ? ? 
metalc3 metalc ? ? A CYS 185 SG ? ? ? 1_555 B ZN . ZN ? ? A CYS 183 A ZN 1192 1_555 ? ? ? ? ? ? ? 2.354 ? ? 
metalc4 metalc ? ? A CYS 188 SG ? ? ? 1_555 B ZN . ZN ? ? A CYS 186 A ZN 1192 1_555 ? ? ? ? ? ? ? 2.500 ? ? 
# 
_struct_conn_type.id          metalc 
_struct_conn_type.criteria    ? 
_struct_conn_type.reference   ? 
# 
loop_
_struct_sheet.id 
_struct_sheet.type 
_struct_sheet.number_strands 
_struct_sheet.details 
AA ? 6 ? 
AB ? 2 ? 
AC ? 2 ? 
AD ? 3 ? 
# 
loop_
_struct_sheet_order.sheet_id 
_struct_sheet_order.range_id_1 
_struct_sheet_order.range_id_2 
_struct_sheet_order.offset 
_struct_sheet_order.sense 
AA 1 2 ? parallel      
AA 2 3 ? parallel      
AA 3 4 ? parallel      
AA 4 5 ? parallel      
AA 5 6 ? parallel      
AB 1 2 ? anti-parallel 
AC 1 2 ? anti-parallel 
AD 1 2 ? anti-parallel 
AD 2 3 ? anti-parallel 
# 
loop_
_struct_sheet_range.sheet_id 
_struct_sheet_range.id 
_struct_sheet_range.beg_label_comp_id 
_struct_sheet_range.beg_label_asym_id 
_struct_sheet_range.beg_label_seq_id 
_struct_sheet_range.pdbx_beg_PDB_ins_code 
_struct_sheet_range.end_label_comp_id 
_struct_sheet_range.end_label_asym_id 
_struct_sheet_range.end_label_seq_id 
_struct_sheet_range.pdbx_end_PDB_ins_code 
_struct_sheet_range.beg_auth_comp_id 
_struct_sheet_range.beg_auth_asym_id 
_struct_sheet_range.beg_auth_seq_id 
_struct_sheet_range.end_auth_comp_id 
_struct_sheet_range.end_auth_asym_id 
_struct_sheet_range.end_auth_seq_id 
AA 1 VAL A 68  ? VAL A 70  ? VAL A 66  VAL A 68  
AA 2 ALA A 41  ? PRO A 46  ? ALA A 39  PRO A 44  
AA 3 VAL A 86  ? ILE A 89  ? VAL A 84  ILE A 87  
AA 4 ARG A 112 ? LEU A 118 ? ARG A 110 LEU A 116 
AA 5 TRP A 11  ? GLY A 17  ? TRP A 9   GLY A 15  
AA 6 HIS A 139 ? LYS A 142 ? HIS A 137 LYS A 140 
AB 1 ASP A 56  ? VAL A 58  ? ASP A 54  VAL A 56  
AB 2 LYS A 64  ? LYS A 66  ? LYS A 62  LYS A 64  
AC 1 ALA A 145 ? CYS A 147 ? ALA A 143 CYS A 145 
AC 2 GLY A 151 ? ALA A 154 ? GLY A 149 ALA A 152 
AD 1 GLU A 164 ? PRO A 165 ? GLU A 162 PRO A 163 
AD 2 ARG A 156 ? ILE A 161 ? ARG A 154 ILE A 159 
AD 3 GLU A 179 ? ARG A 184 ? GLU A 177 ARG A 182 
# 
loop_
_pdbx_struct_sheet_hbond.sheet_id 
_pdbx_struct_sheet_hbond.range_id_1 
_pdbx_struct_sheet_hbond.range_id_2 
_pdbx_struct_sheet_hbond.range_1_label_atom_id 
_pdbx_struct_sheet_hbond.range_1_label_comp_id 
_pdbx_struct_sheet_hbond.range_1_label_asym_id 
_pdbx_struct_sheet_hbond.range_1_label_seq_id 
_pdbx_struct_sheet_hbond.range_1_PDB_ins_code 
_pdbx_struct_sheet_hbond.range_1_auth_atom_id 
_pdbx_struct_sheet_hbond.range_1_auth_comp_id 
_pdbx_struct_sheet_hbond.range_1_auth_asym_id 
_pdbx_struct_sheet_hbond.range_1_auth_seq_id 
_pdbx_struct_sheet_hbond.range_2_label_atom_id 
_pdbx_struct_sheet_hbond.range_2_label_comp_id 
_pdbx_struct_sheet_hbond.range_2_label_asym_id 
_pdbx_struct_sheet_hbond.range_2_label_seq_id 
_pdbx_struct_sheet_hbond.range_2_PDB_ins_code 
_pdbx_struct_sheet_hbond.range_2_auth_atom_id 
_pdbx_struct_sheet_hbond.range_2_auth_comp_id 
_pdbx_struct_sheet_hbond.range_2_auth_asym_id 
_pdbx_struct_sheet_hbond.range_2_auth_seq_id 
AA 1 2 N VAL A 68  ? N VAL A 66  O VAL A 43  ? O VAL A 41  
AA 2 3 N ILE A 42  ? N ILE A 40  O VAL A 86  ? O VAL A 84  
AA 3 4 N ILE A 87  ? N ILE A 85  O ARG A 112 ? O ARG A 110 
AA 4 5 N VAL A 113 ? N VAL A 111 O TRP A 11  ? O TRP A 9   
AA 5 6 N VAL A 14  ? N VAL A 12  O HIS A 139 ? O HIS A 137 
AB 1 2 N VAL A 57  ? N VAL A 55  O VAL A 65  ? O VAL A 63  
AC 1 2 N CYS A 147 ? N CYS A 145 O SER A 152 ? O SER A 150 
AD 1 2 N GLU A 164 ? N GLU A 162 O ILE A 161 ? O ILE A 159 
AD 2 3 N LEU A 160 ? N LEU A 158 O SER A 180 ? O SER A 178 
# 
loop_
_struct_site.id 
_struct_site.pdbx_evidence_code 
_struct_site.pdbx_auth_asym_id 
_struct_site.pdbx_auth_comp_id 
_struct_site.pdbx_auth_seq_id 
_struct_site.pdbx_auth_ins_code 
_struct_site.pdbx_num_residues 
_struct_site.details 
AC1 Software ? ? ? ? 4  'BINDING SITE FOR RESIDUE ZN A1192'  
AC2 Software ? ? ? ? 17 'BINDING SITE FOR RESIDUE TTP A1193' 
AC3 Software ? ? ? ? 7  'BINDING SITE FOR RESIDUE MPD A1194' 
# 
loop_
_struct_site_gen.id 
_struct_site_gen.site_id 
_struct_site_gen.pdbx_num_res 
_struct_site_gen.label_comp_id 
_struct_site_gen.label_asym_id 
_struct_site_gen.label_seq_id 
_struct_site_gen.pdbx_auth_ins_code 
_struct_site_gen.auth_comp_id 
_struct_site_gen.auth_asym_id 
_struct_site_gen.auth_seq_id 
_struct_site_gen.label_atom_id 
_struct_site_gen.label_alt_id 
_struct_site_gen.symmetry 
_struct_site_gen.details 
1  AC1 4  CYS A 147 ? CYS A 145  . ? 1_555 ? 
2  AC1 4  CYS A 150 ? CYS A 148  . ? 1_555 ? 
3  AC1 4  CYS A 185 ? CYS A 183  . ? 1_555 ? 
4  AC1 4  CYS A 188 ? CYS A 186  . ? 1_555 ? 
5  AC2 17 SER A 18  ? SER A 16   . ? 1_555 ? 
6  AC2 17 PHE A 20  ? PHE A 18   . ? 1_555 ? 
7  AC2 17 SER A 21  ? SER A 19   . ? 1_555 ? 
8  AC2 17 GLY A 22  ? GLY A 20   . ? 1_555 ? 
9  AC2 17 LYS A 23  ? LYS A 21   . ? 1_555 ? 
10 AC2 17 SER A 24  ? SER A 22   . ? 1_555 ? 
11 AC2 17 GLU A 25  ? GLU A 23   . ? 1_555 ? 
12 AC2 17 PHE A 36  ? PHE A 34   . ? 1_555 ? 
13 AC2 17 VAL A 58  ? VAL A 56   . ? 1_555 ? 
14 AC2 17 SER A 59  ? SER A 57   . ? 1_555 ? 
15 AC2 17 HIS A 60  ? HIS A 58   . ? 1_555 ? 
16 AC2 17 ASN A 61  ? ASN A 59   . ? 1_555 ? 
17 AC2 17 ASP A 90  ? ASP A 88   . ? 1_555 ? 
18 AC2 17 GLU A 91  ? GLU A 89   . ? 1_555 ? 
19 AC2 17 VAL A 146 ? VAL A 144  . ? 1_555 ? 
20 AC2 17 HOH E .   ? HOH A 2009 . ? 1_555 ? 
21 AC2 17 HOH E .   ? HOH A 2020 . ? 1_555 ? 
22 AC3 7  PHE A 94  ? PHE A 92   . ? 1_555 ? 
23 AC3 7  LEU A 118 ? LEU A 116  . ? 1_555 ? 
24 AC3 7  ASP A 121 ? ASP A 119  . ? 1_555 ? 
25 AC3 7  PHE A 122 ? PHE A 120  . ? 1_555 ? 
26 AC3 7  PHE A 127 ? PHE A 125  . ? 1_555 ? 
27 AC3 7  ILE A 172 ? ILE A 170  . ? 1_555 ? 
28 AC3 7  TYR A 181 ? TYR A 179  . ? 1_555 ? 
# 
_atom_sites.entry_id                    2JA1 
_atom_sites.fract_transf_matrix[1][1]   0.01007089 
_atom_sites.fract_transf_matrix[1][2]   0.00277688 
_atom_sites.fract_transf_matrix[1][3]   0.00087146 
_atom_sites.fract_transf_matrix[2][1]   0.00169729 
_atom_sites.fract_transf_matrix[2][2]   -0.00815354 
_atom_sites.fract_transf_matrix[2][3]   0.00636650 
_atom_sites.fract_transf_matrix[3][1]   0.00110082 
_atom_sites.fract_transf_matrix[3][2]   -0.00278208 
_atom_sites.fract_transf_matrix[3][3]   -0.00385647 
_atom_sites.fract_transf_vector[1]      0.123059 
_atom_sites.fract_transf_vector[2]      0.095873 
_atom_sites.fract_transf_vector[3]      0.061603 
# 
loop_
_atom_type.symbol 
C  
N  
O  
P  
S  
ZN 
# 
loop_
_atom_site.group_PDB 
_atom_site.id 
_atom_site.type_symbol 
_atom_site.label_atom_id 
_atom_site.label_alt_id 
_atom_site.label_comp_id 
_atom_site.label_asym_id 
_atom_site.label_entity_id 
_atom_site.label_seq_id 
_atom_site.pdbx_PDB_ins_code 
_atom_site.Cartn_x 
_atom_site.Cartn_y 
_atom_site.Cartn_z 
_atom_site.occupancy 
_atom_site.B_iso_or_equiv 
_atom_site.pdbx_formal_charge 
_atom_site.auth_seq_id 
_atom_site.auth_comp_id 
_atom_site.auth_asym_id 
_atom_site.auth_atom_id 
_atom_site.pdbx_PDB_model_num 
ATOM   1    N  N     . GLY A 1 1   ? -13.541 38.486  -4.059  1.00 78.01 ? -1   GLY A N     1 
ATOM   2    C  CA    . GLY A 1 1   ? -12.743 38.477  -2.800  1.00 77.98 ? -1   GLY A CA    1 
ATOM   3    C  C     . GLY A 1 1   ? -11.252 38.508  -3.062  1.00 77.95 ? -1   GLY A C     1 
ATOM   4    O  O     . GLY A 1 1   ? -10.586 39.509  -2.810  1.00 78.00 ? -1   GLY A O     1 
ATOM   5    N  N     . SER A 1 2   ? -10.738 37.400  -3.584  1.00 77.93 ? 0    SER A N     1 
ATOM   6    C  CA    . SER A 1 2   ? -9.315  37.234  -3.840  1.00 77.83 ? 0    SER A CA    1 
ATOM   7    C  C     . SER A 1 2   ? -9.147  36.137  -4.892  1.00 77.75 ? 0    SER A C     1 
ATOM   8    O  O     . SER A 1 2   ? -9.265  34.953  -4.568  1.00 77.72 ? 0    SER A O     1 
ATOM   9    C  CB    . SER A 1 2   ? -8.608  36.853  -2.536  1.00 77.88 ? 0    SER A CB    1 
ATOM   10   O  OG    . SER A 1 2   ? -7.208  36.988  -2.661  1.00 77.95 ? 0    SER A OG    1 
ATOM   11   N  N     . MET A 1 3   ? -8.881  36.537  -6.141  1.00 77.57 ? 1    MET A N     1 
ATOM   12   C  CA    . MET A 1 3   ? -8.923  35.646  -7.322  1.00 77.49 ? 1    MET A CA    1 
ATOM   13   C  C     . MET A 1 3   ? -8.438  34.204  -7.101  1.00 77.27 ? 1    MET A C     1 
ATOM   14   O  O     . MET A 1 3   ? -9.160  33.250  -7.402  1.00 77.31 ? 1    MET A O     1 
ATOM   15   C  CB    . MET A 1 3   ? -8.171  36.255  -8.519  1.00 77.75 ? 1    MET A CB    1 
ATOM   16   C  CG    . MET A 1 3   ? -8.924  37.301  -9.349  1.00 78.42 ? 1    MET A CG    1 
ATOM   17   S  SD    . MET A 1 3   ? -8.366  39.006  -9.030  1.00 81.32 ? 1    MET A SD    1 
ATOM   18   C  CE    . MET A 1 3   ? -8.853  39.914  -10.516 1.00 78.99 ? 1    MET A CE    1 
ATOM   19   N  N     . TYR A 1 4   ? -7.224  34.048  -6.569  1.00 76.95 ? 2    TYR A N     1 
ATOM   20   C  CA    . TYR A 1 4   ? -6.563  32.734  -6.494  1.00 76.55 ? 2    TYR A CA    1 
ATOM   21   C  C     . TYR A 1 4   ? -6.288  32.240  -5.077  1.00 76.24 ? 2    TYR A C     1 
ATOM   22   O  O     . TYR A 1 4   ? -6.123  33.033  -4.152  1.00 76.14 ? 2    TYR A O     1 
ATOM   23   C  CB    . TYR A 1 4   ? -5.250  32.749  -7.287  1.00 76.56 ? 2    TYR A CB    1 
ATOM   24   C  CG    . TYR A 1 4   ? -5.414  33.077  -8.758  1.00 76.68 ? 2    TYR A CG    1 
ATOM   25   C  CD1   . TYR A 1 4   ? -5.356  34.402  -9.211  1.00 76.52 ? 2    TYR A CD1   1 
ATOM   26   C  CD2   . TYR A 1 4   ? -5.623  32.062  -9.699  1.00 76.55 ? 2    TYR A CD2   1 
ATOM   27   C  CE1   . TYR A 1 4   ? -5.508  34.707  -10.559 1.00 76.43 ? 2    TYR A CE1   1 
ATOM   28   C  CE2   . TYR A 1 4   ? -5.776  32.358  -11.051 1.00 76.18 ? 2    TYR A CE2   1 
ATOM   29   C  CZ    . TYR A 1 4   ? -5.716  33.678  -11.468 1.00 76.45 ? 2    TYR A CZ    1 
ATOM   30   O  OH    . TYR A 1 4   ? -5.865  33.965  -12.798 1.00 76.90 ? 2    TYR A OH    1 
ATOM   31   N  N     . LEU A 1 5   ? -6.221  30.921  -4.934  1.00 76.03 ? 3    LEU A N     1 
ATOM   32   C  CA    . LEU A 1 5   ? -5.967  30.264  -3.659  1.00 75.89 ? 3    LEU A CA    1 
ATOM   33   C  C     . LEU A 1 5   ? -4.617  29.549  -3.710  1.00 75.66 ? 3    LEU A C     1 
ATOM   34   O  O     . LEU A 1 5   ? -4.574  28.357  -4.047  1.00 76.15 ? 3    LEU A O     1 
ATOM   35   C  CB    . LEU A 1 5   ? -7.090  29.243  -3.369  1.00 76.14 ? 3    LEU A CB    1 
ATOM   36   C  CG    . LEU A 1 5   ? -7.026  28.258  -2.179  1.00 76.40 ? 3    LEU A CG    1 
ATOM   37   C  CD1   . LEU A 1 5   ? -7.856  28.758  -0.986  1.00 77.11 ? 3    LEU A CD1   1 
ATOM   38   C  CD2   . LEU A 1 5   ? -7.469  26.841  -2.583  1.00 76.45 ? 3    LEU A CD2   1 
ATOM   39   N  N     . ILE A 1 6   ? -3.530  30.258  -3.380  1.00 74.98 ? 4    ILE A N     1 
ATOM   40   C  CA    . ILE A 1 6   ? -2.181  29.651  -3.307  1.00 74.50 ? 4    ILE A CA    1 
ATOM   41   C  C     . ILE A 1 6   ? -2.007  28.712  -2.099  1.00 74.18 ? 4    ILE A C     1 
ATOM   42   O  O     . ILE A 1 6   ? -2.311  29.083  -0.970  1.00 74.51 ? 4    ILE A O     1 
ATOM   43   C  CB    . ILE A 1 6   ? -1.049  30.709  -3.243  1.00 74.51 ? 4    ILE A CB    1 
ATOM   44   C  CG1   . ILE A 1 6   ? -0.964  31.526  -4.535  1.00 74.49 ? 4    ILE A CG1   1 
ATOM   45   C  CG2   . ILE A 1 6   ? 0.300   30.034  -2.984  1.00 74.85 ? 4    ILE A CG2   1 
ATOM   46   C  CD1   . ILE A 1 6   ? 0.133   32.606  -4.507  1.00 74.41 ? 4    ILE A CD1   1 
ATOM   47   N  N     . ASN A 1 7   ? -1.512  27.502  -2.349  1.00 73.57 ? 5    ASN A N     1 
ATOM   48   C  CA    . ASN A 1 7   ? -1.155  26.550  -1.294  1.00 72.94 ? 5    ASN A CA    1 
ATOM   49   C  C     . ASN A 1 7   ? 0.246   25.986  -1.526  1.00 72.19 ? 5    ASN A C     1 
ATOM   50   O  O     . ASN A 1 7   ? 0.840   26.219  -2.587  1.00 72.43 ? 5    ASN A O     1 
ATOM   51   C  CB    . ASN A 1 7   ? -2.182  25.418  -1.211  1.00 73.26 ? 5    ASN A CB    1 
ATOM   52   C  CG    . ASN A 1 7   ? -3.220  25.642  -0.117  1.00 74.06 ? 5    ASN A CG    1 
ATOM   53   O  OD1   . ASN A 1 7   ? -3.351  26.743  0.434   1.00 75.01 ? 5    ASN A OD1   1 
ATOM   54   N  ND2   . ASN A 1 7   ? -3.963  24.591  0.206   1.00 74.55 ? 5    ASN A ND2   1 
ATOM   55   N  N     . GLN A 1 8   ? 0.784   25.260  -0.547  1.00 70.81 ? 6    GLN A N     1 
ATOM   56   C  CA    . GLN A 1 8   ? 2.142   24.727  -0.686  1.00 69.44 ? 6    GLN A CA    1 
ATOM   57   C  C     . GLN A 1 8   ? 2.078   23.269  -1.058  1.00 67.95 ? 6    GLN A C     1 
ATOM   58   O  O     . GLN A 1 8   ? 1.325   22.514  -0.453  1.00 68.11 ? 6    GLN A O     1 
ATOM   59   C  CB    . GLN A 1 8   ? 2.945   24.882  0.605   1.00 69.72 ? 6    GLN A CB    1 
ATOM   60   C  CG    . GLN A 1 8   ? 2.943   26.287  1.180   1.00 71.05 ? 6    GLN A CG    1 
ATOM   61   C  CD    . GLN A 1 8   ? 4.247   26.625  1.876   1.00 72.76 ? 6    GLN A CD    1 
ATOM   62   O  OE1   . GLN A 1 8   ? 5.322   26.185  1.452   1.00 73.91 ? 6    GLN A OE1   1 
ATOM   63   N  NE2   . GLN A 1 8   ? 4.164   27.417  2.944   1.00 71.94 ? 6    GLN A NE2   1 
ATOM   64   N  N     . ASN A 1 9   ? 2.860   22.867  -2.052  1.00 66.07 ? 7    ASN A N     1 
ATOM   65   C  CA    . ASN A 1 9   ? 2.938   21.454  -2.401  1.00 64.26 ? 7    ASN A CA    1 
ATOM   66   C  C     . ASN A 1 9   ? 3.747   20.661  -1.390  1.00 62.64 ? 7    ASN A C     1 
ATOM   67   O  O     . ASN A 1 9   ? 4.484   21.222  -0.588  1.00 62.49 ? 7    ASN A O     1 
ATOM   68   C  CB    . ASN A 1 9   ? 3.495   21.258  -3.810  1.00 64.41 ? 7    ASN A CB    1 
ATOM   69   C  CG    . ASN A 1 9   ? 2.433   21.412  -4.881  1.00 65.16 ? 7    ASN A CG    1 
ATOM   70   O  OD1   . ASN A 1 9   ? 2.662   22.065  -5.890  1.00 66.66 ? 7    ASN A OD1   1 
ATOM   71   N  ND2   . ASN A 1 9   ? 1.265   20.808  -4.672  1.00 66.79 ? 7    ASN A ND2   1 
ATOM   72   N  N     . GLY A 1 10  ? 3.607   19.349  -1.437  1.00 61.05 ? 8    GLY A N     1 
ATOM   73   C  CA    . GLY A 1 10  ? 4.388   18.489  -0.568  1.00 59.44 ? 8    GLY A CA    1 
ATOM   74   C  C     . GLY A 1 10  ? 3.610   18.007  0.635   1.00 58.41 ? 8    GLY A C     1 
ATOM   75   O  O     . GLY A 1 10  ? 3.415   18.748  1.595   1.00 58.59 ? 8    GLY A O     1 
ATOM   76   N  N     . TRP A 1 11  ? 3.149   16.764  0.571   1.00 56.89 ? 9    TRP A N     1 
ATOM   77   C  CA    . TRP A 1 11  ? 2.456   16.164  1.671   1.00 55.61 ? 9    TRP A CA    1 
ATOM   78   C  C     . TRP A 1 11  ? 2.415   14.655  1.439   1.00 55.75 ? 9    TRP A C     1 
ATOM   79   O  O     . TRP A 1 11  ? 2.804   14.174  0.356   1.00 55.53 ? 9    TRP A O     1 
ATOM   80   C  CB    . TRP A 1 11  ? 1.058   16.769  1.794   1.00 54.58 ? 9    TRP A CB    1 
ATOM   81   C  CG    . TRP A 1 11  ? 0.131   16.385  0.686   1.00 53.81 ? 9    TRP A CG    1 
ATOM   82   C  CD1   . TRP A 1 11  ? -0.542  15.195  0.549   1.00 52.12 ? 9    TRP A CD1   1 
ATOM   83   C  CD2   . TRP A 1 11  ? -0.254  17.194  -0.431  1.00 52.88 ? 9    TRP A CD2   1 
ATOM   84   N  NE1   . TRP A 1 11  ? -1.297  15.214  -0.597  1.00 51.81 ? 9    TRP A NE1   1 
ATOM   85   C  CE2   . TRP A 1 11  ? -1.143  16.429  -1.215  1.00 52.34 ? 9    TRP A CE2   1 
ATOM   86   C  CE3   . TRP A 1 11  ? 0.065   18.494  -0.850  1.00 53.69 ? 9    TRP A CE3   1 
ATOM   87   C  CZ2   . TRP A 1 11  ? -1.705  16.918  -2.407  1.00 51.84 ? 9    TRP A CZ2   1 
ATOM   88   C  CZ3   . TRP A 1 11  ? -0.504  18.979  -2.032  1.00 52.55 ? 9    TRP A CZ3   1 
ATOM   89   C  CH2   . TRP A 1 11  ? -1.381  18.188  -2.788  1.00 52.21 ? 9    TRP A CH2   1 
ATOM   90   N  N     . ILE A 1 12  ? 1.931   13.919  2.449   1.00 55.53 ? 10   ILE A N     1 
ATOM   91   C  CA    . ILE A 1 12  ? 1.825   12.459  2.395   1.00 55.22 ? 10   ILE A CA    1 
ATOM   92   C  C     . ILE A 1 12  ? 0.367   11.969  2.518   1.00 55.71 ? 10   ILE A C     1 
ATOM   93   O  O     . ILE A 1 12  ? -0.343  12.360  3.444   1.00 56.30 ? 10   ILE A O     1 
ATOM   94   C  CB    . ILE A 1 12  ? 2.671   11.784  3.503   1.00 54.73 ? 10   ILE A CB    1 
ATOM   95   C  CG1   . ILE A 1 12  ? 4.098   12.321  3.518   1.00 53.19 ? 10   ILE A CG1   1 
ATOM   96   C  CG2   . ILE A 1 12  ? 2.686   10.259  3.325   1.00 54.73 ? 10   ILE A CG2   1 
ATOM   97   C  CD1   . ILE A 1 12  ? 4.835   11.991  4.773   1.00 50.73 ? 10   ILE A CD1   1 
ATOM   98   N  N     . GLU A 1 13  ? -0.060  11.097  1.601   1.00 55.86 ? 11   GLU A N     1 
ATOM   99   C  CA    . GLU A 1 13  ? -1.358  10.409  1.692   1.00 55.93 ? 11   GLU A CA    1 
ATOM   100  C  C     . GLU A 1 13  ? -1.108  8.934   1.919   1.00 56.15 ? 11   GLU A C     1 
ATOM   101  O  O     . GLU A 1 13  ? -0.378  8.316   1.140   1.00 56.62 ? 11   GLU A O     1 
ATOM   102  C  CB    . GLU A 1 13  ? -2.150  10.555  0.396   1.00 55.48 ? 11   GLU A CB    1 
ATOM   103  C  CG    . GLU A 1 13  ? -2.408  11.980  0.020   1.00 55.26 ? 11   GLU A CG    1 
ATOM   104  C  CD    . GLU A 1 13  ? -2.955  12.138  -1.373  1.00 55.26 ? 11   GLU A CD    1 
ATOM   105  O  OE1   . GLU A 1 13  ? -3.183  11.111  -2.053  1.00 55.53 ? 11   GLU A OE1   1 
ATOM   106  O  OE2   . GLU A 1 13  ? -3.168  13.303  -1.787  1.00 54.94 ? 11   GLU A OE2   1 
ATOM   107  N  N     . VAL A 1 14  ? -1.697  8.365   2.975   1.00 56.07 ? 12   VAL A N     1 
ATOM   108  C  CA    . VAL A 1 14  ? -1.629  6.920   3.184   1.00 55.53 ? 12   VAL A CA    1 
ATOM   109  C  C     . VAL A 1 14  ? -2.949  6.268   2.806   1.00 55.65 ? 12   VAL A C     1 
ATOM   110  O  O     . VAL A 1 14  ? -4.032  6.748   3.179   1.00 55.49 ? 12   VAL A O     1 
ATOM   111  C  CB    . VAL A 1 14  ? -1.265  6.549   4.629   1.00 55.43 ? 12   VAL A CB    1 
ATOM   112  C  CG1   . VAL A 1 14  ? -1.360  5.027   4.822   1.00 54.72 ? 12   VAL A CG1   1 
ATOM   113  C  CG2   . VAL A 1 14  ? 0.136   7.042   4.971   1.00 55.18 ? 12   VAL A CG2   1 
ATOM   114  N  N     . ILE A 1 15  ? -2.842  5.183   2.054   1.00 55.59 ? 13   ILE A N     1 
ATOM   115  C  CA    . ILE A 1 15  ? -3.964  4.297   1.779   1.00 55.86 ? 13   ILE A CA    1 
ATOM   116  C  C     . ILE A 1 15  ? -3.653  2.938   2.426   1.00 56.35 ? 13   ILE A C     1 
ATOM   117  O  O     . ILE A 1 15  ? -2.688  2.276   2.037   1.00 56.67 ? 13   ILE A O     1 
ATOM   118  C  CB    . ILE A 1 15  ? -4.174  4.123   0.245   1.00 55.81 ? 13   ILE A CB    1 
ATOM   119  C  CG1   . ILE A 1 15  ? -4.341  5.493   -0.428  1.00 55.48 ? 13   ILE A CG1   1 
ATOM   120  C  CG2   . ILE A 1 15  ? -5.358  3.164   -0.046  1.00 54.96 ? 13   ILE A CG2   1 
ATOM   121  C  CD1   . ILE A 1 15  ? -4.290  5.459   -1.934  1.00 55.82 ? 13   ILE A CD1   1 
ATOM   122  N  N     . CYS A 1 16  ? -4.452  2.516   3.401   1.00 56.66 ? 14   CYS A N     1 
ATOM   123  C  CA    . CYS A 1 16  ? -4.216  1.228   4.049   1.00 57.34 ? 14   CYS A CA    1 
ATOM   124  C  C     . CYS A 1 16  ? -5.492  0.393   4.291   1.00 58.27 ? 14   CYS A C     1 
ATOM   125  O  O     . CYS A 1 16  ? -6.629  0.883   4.100   1.00 58.68 ? 14   CYS A O     1 
ATOM   126  C  CB    . CYS A 1 16  ? -3.480  1.435   5.361   1.00 57.04 ? 14   CYS A CB    1 
ATOM   127  S  SG    . CYS A 1 16  ? -4.410  2.454   6.519   1.00 57.56 ? 14   CYS A SG    1 
ATOM   128  N  N     . GLY A 1 17  ? -5.283  -0.853  4.738   1.00 58.46 ? 15   GLY A N     1 
ATOM   129  C  CA    . GLY A 1 17  ? -6.342  -1.843  4.941   1.00 58.56 ? 15   GLY A CA    1 
ATOM   130  C  C     . GLY A 1 17  ? -5.898  -3.265  4.600   1.00 58.78 ? 15   GLY A C     1 
ATOM   131  O  O     . GLY A 1 17  ? -4.736  -3.504  4.237   1.00 58.85 ? 15   GLY A O     1 
ATOM   132  N  N     . SER A 1 18  ? -6.828  -4.213  4.703   1.00 58.74 ? 16   SER A N     1 
ATOM   133  C  CA    . SER A 1 18  ? -6.533  -5.620  4.455   1.00 58.61 ? 16   SER A CA    1 
ATOM   134  C  C     . SER A 1 18  ? -6.324  -5.879  2.974   1.00 59.12 ? 16   SER A C     1 
ATOM   135  O  O     . SER A 1 18  ? -6.620  -5.023  2.119   1.00 58.85 ? 16   SER A O     1 
ATOM   136  C  CB    . SER A 1 18  ? -7.698  -6.489  4.921   1.00 58.64 ? 16   SER A CB    1 
ATOM   137  O  OG    . SER A 1 18  ? -8.831  -6.275  4.098   1.00 57.09 ? 16   SER A OG    1 
ATOM   138  N  N     . MET A 1 19  ? -5.854  -7.083  2.661   1.00 58.91 ? 17   MET A N     1 
ATOM   139  C  CA    . MET A 1 19  ? -5.822  -7.500  1.281   1.00 59.05 ? 17   MET A CA    1 
ATOM   140  C  C     . MET A 1 19  ? -7.227  -7.378  0.704   1.00 58.48 ? 17   MET A C     1 
ATOM   141  O  O     . MET A 1 19  ? -8.210  -7.587  1.414   1.00 58.45 ? 17   MET A O     1 
ATOM   142  C  CB    . MET A 1 19  ? -5.311  -8.918  1.175   1.00 58.66 ? 17   MET A CB    1 
ATOM   143  C  CG    . MET A 1 19  ? -3.818  -9.024  1.411   1.00 59.50 ? 17   MET A CG    1 
ATOM   144  S  SD    . MET A 1 19  ? -3.188  -10.597 0.788   1.00 61.17 ? 17   MET A SD    1 
ATOM   145  C  CE    . MET A 1 19  ? -3.624  -10.431 -0.962  1.00 58.04 ? 17   MET A CE    1 
ATOM   146  N  N     . PHE A 1 20  ? -7.304  -7.006  -0.571  1.00 58.15 ? 18   PHE A N     1 
ATOM   147  C  CA    . PHE A 1 20  ? -8.563  -6.878  -1.316  1.00 57.73 ? 18   PHE A CA    1 
ATOM   148  C  C     . PHE A 1 20  ? -9.470  -5.738  -0.843  1.00 57.82 ? 18   PHE A C     1 
ATOM   149  O  O     . PHE A 1 20  ? -10.619 -5.619  -1.308  1.00 58.64 ? 18   PHE A O     1 
ATOM   150  C  CB    . PHE A 1 20  ? -9.354  -8.193  -1.364  1.00 57.41 ? 18   PHE A CB    1 
ATOM   151  C  CG    . PHE A 1 20  ? -8.579  -9.359  -1.912  1.00 57.87 ? 18   PHE A CG    1 
ATOM   152  C  CD1   . PHE A 1 20  ? -8.060  -10.330 -1.057  1.00 58.61 ? 18   PHE A CD1   1 
ATOM   153  C  CD2   . PHE A 1 20  ? -8.384  -9.508  -3.279  1.00 57.99 ? 18   PHE A CD2   1 
ATOM   154  C  CE1   . PHE A 1 20  ? -7.346  -11.429 -1.571  1.00 58.48 ? 18   PHE A CE1   1 
ATOM   155  C  CE2   . PHE A 1 20  ? -7.675  -10.593 -3.786  1.00 57.69 ? 18   PHE A CE2   1 
ATOM   156  C  CZ    . PHE A 1 20  ? -7.155  -11.552 -2.931  1.00 56.96 ? 18   PHE A CZ    1 
ATOM   157  N  N     . SER A 1 21  ? -8.987  -4.889  0.062   1.00 57.27 ? 19   SER A N     1 
ATOM   158  C  CA    . SER A 1 21  ? -9.781  -3.715  0.432   1.00 56.89 ? 19   SER A CA    1 
ATOM   159  C  C     . SER A 1 21  ? -9.813  -2.632  -0.670  1.00 56.30 ? 19   SER A C     1 
ATOM   160  O  O     . SER A 1 21  ? -10.663 -1.734  -0.646  1.00 56.13 ? 19   SER A O     1 
ATOM   161  C  CB    . SER A 1 21  ? -9.319  -3.139  1.765   1.00 57.11 ? 19   SER A CB    1 
ATOM   162  O  OG    . SER A 1 21  ? -7.944  -2.814  1.712   1.00 58.65 ? 19   SER A OG    1 
ATOM   163  N  N     . GLY A 1 22  ? -8.888  -2.729  -1.627  1.00 55.84 ? 20   GLY A N     1 
ATOM   164  C  CA    . GLY A 1 22  ? -8.824  -1.811  -2.763  1.00 55.28 ? 20   GLY A CA    1 
ATOM   165  C  C     . GLY A 1 22  ? -7.663  -0.824  -2.768  1.00 55.19 ? 20   GLY A C     1 
ATOM   166  O  O     . GLY A 1 22  ? -7.718  0.174   -3.475  1.00 55.85 ? 20   GLY A O     1 
ATOM   167  N  N     . LYS A 1 23  ? -6.618  -1.086  -1.987  1.00 54.78 ? 21   LYS A N     1 
ATOM   168  C  CA    . LYS A 1 23  ? -5.475  -0.179  -1.892  1.00 54.85 ? 21   LYS A CA    1 
ATOM   169  C  C     . LYS A 1 23  ? -4.879  0.170   -3.244  1.00 55.10 ? 21   LYS A C     1 
ATOM   170  O  O     . LYS A 1 23  ? -4.636  1.336   -3.528  1.00 56.09 ? 21   LYS A O     1 
ATOM   171  C  CB    . LYS A 1 23  ? -4.387  -0.752  -0.995  1.00 54.62 ? 21   LYS A CB    1 
ATOM   172  C  CG    . LYS A 1 23  ? -4.863  -1.152  0.395   1.00 55.64 ? 21   LYS A CG    1 
ATOM   173  C  CD    . LYS A 1 23  ? -3.697  -1.501  1.295   1.00 56.50 ? 21   LYS A CD    1 
ATOM   174  C  CE    . LYS A 1 23  ? -3.059  -2.824  0.877   1.00 57.79 ? 21   LYS A CE    1 
ATOM   175  N  NZ    . LYS A 1 23  ? -3.983  -3.965  1.125   1.00 58.58 ? 21   LYS A NZ    1 
ATOM   176  N  N     . SER A 1 24  ? -4.633  -0.833  -4.069  1.00 55.53 ? 22   SER A N     1 
ATOM   177  C  CA    . SER A 1 24  ? -4.056  -0.558  -5.375  1.00 55.66 ? 22   SER A CA    1 
ATOM   178  C  C     . SER A 1 24  ? -5.072  0.013   -6.343  1.00 55.84 ? 22   SER A C     1 
ATOM   179  O  O     . SER A 1 24  ? -4.720  0.839   -7.179  1.00 56.11 ? 22   SER A O     1 
ATOM   180  C  CB    . SER A 1 24  ? -3.414  -1.794  -5.977  1.00 55.97 ? 22   SER A CB    1 
ATOM   181  O  OG    . SER A 1 24  ? -2.245  -2.175  -5.274  1.00 57.07 ? 22   SER A OG    1 
ATOM   182  N  N     . GLU A 1 25  ? -6.319  -0.410  -6.253  1.00 55.93 ? 23   GLU A N     1 
ATOM   183  C  CA    . GLU A 1 25  ? -7.396  0.199   -7.028  1.00 56.25 ? 23   GLU A CA    1 
ATOM   184  C  C     . GLU A 1 25  ? -7.393  1.712   -6.771  1.00 56.39 ? 23   GLU A C     1 
ATOM   185  O  O     . GLU A 1 25  ? -7.462  2.523   -7.706  1.00 57.09 ? 23   GLU A O     1 
ATOM   186  C  CB    . GLU A 1 25  ? -8.721  -0.437  -6.620  1.00 55.68 ? 23   GLU A CB    1 
ATOM   187  C  CG    . GLU A 1 25  ? -9.948  0.134   -7.248  1.00 56.24 ? 23   GLU A CG    1 
ATOM   188  C  CD    . GLU A 1 25  ? -11.210 -0.621  -6.846  1.00 57.50 ? 23   GLU A CD    1 
ATOM   189  O  OE1   . GLU A 1 25  ? -11.481 -0.812  -5.632  1.00 60.29 ? 23   GLU A OE1   1 
ATOM   190  O  OE2   . GLU A 1 25  ? -11.950 -1.031  -7.758  1.00 60.63 ? 23   GLU A OE2   1 
ATOM   191  N  N     . GLU A 1 26  ? -7.261  2.078   -5.498  1.00 56.14 ? 24   GLU A N     1 
ATOM   192  C  CA    . GLU A 1 26  ? -7.331  3.459   -5.057  1.00 56.02 ? 24   GLU A CA    1 
ATOM   193  C  C     . GLU A 1 26  ? -6.050  4.213   -5.389  1.00 56.02 ? 24   GLU A C     1 
ATOM   194  O  O     . GLU A 1 26  ? -6.094  5.366   -5.837  1.00 56.50 ? 24   GLU A O     1 
ATOM   195  C  CB    . GLU A 1 26  ? -7.629  3.500   -3.559  1.00 56.15 ? 24   GLU A CB    1 
ATOM   196  C  CG    . GLU A 1 26  ? -7.738  4.878   -2.955  1.00 56.19 ? 24   GLU A CG    1 
ATOM   197  C  CD    . GLU A 1 26  ? -8.734  5.771   -3.652  1.00 57.50 ? 24   GLU A CD    1 
ATOM   198  O  OE1   . GLU A 1 26  ? -9.480  5.296   -4.550  1.00 56.31 ? 24   GLU A OE1   1 
ATOM   199  O  OE2   . GLU A 1 26  ? -8.759  6.977   -3.292  1.00 59.56 ? 24   GLU A OE2   1 
ATOM   200  N  N     . LEU A 1 27  ? -4.910  3.558   -5.201  1.00 55.34 ? 25   LEU A N     1 
ATOM   201  C  CA    . LEU A 1 27  ? -3.651  4.125   -5.640  1.00 54.81 ? 25   LEU A CA    1 
ATOM   202  C  C     . LEU A 1 27  ? -3.695  4.422   -7.137  1.00 54.46 ? 25   LEU A C     1 
ATOM   203  O  O     . LEU A 1 27  ? -3.260  5.486   -7.577  1.00 54.38 ? 25   LEU A O     1 
ATOM   204  C  CB    . LEU A 1 27  ? -2.488  3.185   -5.304  1.00 54.95 ? 25   LEU A CB    1 
ATOM   205  C  CG    . LEU A 1 27  ? -1.086  3.781   -5.497  1.00 55.42 ? 25   LEU A CG    1 
ATOM   206  C  CD1   . LEU A 1 27  ? -0.108  3.240   -4.492  1.00 56.33 ? 25   LEU A CD1   1 
ATOM   207  C  CD2   . LEU A 1 27  ? -0.563  3.520   -6.912  1.00 56.04 ? 25   LEU A CD2   1 
ATOM   208  N  N     . ILE A 1 28  ? -4.230  3.480   -7.916  1.00 54.04 ? 26   ILE A N     1 
ATOM   209  C  CA    . ILE A 1 28  ? -4.265  3.621   -9.375  1.00 53.35 ? 26   ILE A CA    1 
ATOM   210  C  C     . ILE A 1 28  ? -5.188  4.748   -9.825  1.00 53.14 ? 26   ILE A C     1 
ATOM   211  O  O     . ILE A 1 28  ? -4.814  5.458   -10.757 1.00 52.86 ? 26   ILE A O     1 
ATOM   212  C  CB    . ILE A 1 28  ? -4.602  2.292   -10.083 1.00 53.33 ? 26   ILE A CB    1 
ATOM   213  C  CG1   . ILE A 1 28  ? -3.424  1.321   -9.973  1.00 53.87 ? 26   ILE A CG1   1 
ATOM   214  C  CG2   . ILE A 1 28  ? -4.913  2.506   -11.538 1.00 53.36 ? 26   ILE A CG2   1 
ATOM   215  C  CD1   . ILE A 1 28  ? -3.809  -0.151  -10.183 1.00 53.07 ? 26   ILE A CD1   1 
ATOM   216  N  N     . ARG A 1 29  ? -6.361  4.938   -9.179  1.00 52.93 ? 27   ARG A N     1 
ATOM   217  C  CA    . ARG A 1 29  ? -7.252  6.064   -9.588  1.00 52.71 ? 27   ARG A CA    1 
ATOM   218  C  C     . ARG A 1 29  ? -6.665  7.414   -9.239  1.00 52.66 ? 27   ARG A C     1 
ATOM   219  O  O     . ARG A 1 29  ? -6.756  8.357   -10.039 1.00 52.48 ? 27   ARG A O     1 
ATOM   220  C  CB    . ARG A 1 29  ? -8.758  5.944   -9.225  1.00 51.77 ? 27   ARG A CB    1 
ATOM   221  C  CG    . ARG A 1 29  ? -9.123  5.915   -7.783  1.00 53.19 ? 27   ARG A CG    1 
ATOM   222  C  CD    . ARG A 1 29  ? -10.613 6.338   -7.499  1.00 53.03 ? 27   ARG A CD    1 
ATOM   223  N  NE    . ARG A 1 29  ? -10.701 7.794   -7.415  1.00 57.91 ? 27   ARG A NE    1 
ATOM   224  C  CZ    . ARG A 1 29  ? -10.321 8.565   -6.379  1.00 57.10 ? 27   ARG A CZ    1 
ATOM   225  N  NH1   . ARG A 1 29  ? -9.860  8.037   -5.245  1.00 54.71 ? 27   ARG A NH1   1 
ATOM   226  N  NH2   . ARG A 1 29  ? -10.418 9.892   -6.486  1.00 54.15 ? 27   ARG A NH2   1 
ATOM   227  N  N     . ARG A 1 30  ? -6.023  7.492   -8.072  1.00 52.80 ? 28   ARG A N     1 
ATOM   228  C  CA    . ARG A 1 30  ? -5.317  8.716   -7.695  1.00 52.86 ? 28   ARG A CA    1 
ATOM   229  C  C     . ARG A 1 30  ? -4.231  9.063   -8.710  1.00 53.20 ? 28   ARG A C     1 
ATOM   230  O  O     . ARG A 1 30  ? -4.223  10.186  -9.212  1.00 53.74 ? 28   ARG A O     1 
ATOM   231  C  CB    . ARG A 1 30  ? -4.771  8.649   -6.274  1.00 52.48 ? 28   ARG A CB    1 
ATOM   232  C  CG    . ARG A 1 30  ? -5.877  8.647   -5.247  1.00 52.23 ? 28   ARG A CG    1 
ATOM   233  C  CD    . ARG A 1 30  ? -5.343  8.823   -3.854  1.00 52.63 ? 28   ARG A CD    1 
ATOM   234  N  NE    . ARG A 1 30  ? -6.328  8.400   -2.861  1.00 52.14 ? 28   ARG A NE    1 
ATOM   235  C  CZ    . ARG A 1 30  ? -6.163  8.519   -1.547  1.00 51.99 ? 28   ARG A CZ    1 
ATOM   236  N  NH1   . ARG A 1 30  ? -5.047  9.054   -1.059  1.00 51.06 ? 28   ARG A NH1   1 
ATOM   237  N  NH2   . ARG A 1 30  ? -7.111  8.087   -0.722  1.00 51.04 ? 28   ARG A NH2   1 
ATOM   238  N  N     . VAL A 1 31  ? -3.364  8.102   -9.045  1.00 53.21 ? 29   VAL A N     1 
ATOM   239  C  CA    . VAL A 1 31  ? -2.325  8.323   -10.050 1.00 53.78 ? 29   VAL A CA    1 
ATOM   240  C  C     . VAL A 1 31  ? -2.886  8.672   -11.451 1.00 54.38 ? 29   VAL A C     1 
ATOM   241  O  O     . VAL A 1 31  ? -2.380  9.578   -12.102 1.00 55.20 ? 29   VAL A O     1 
ATOM   242  C  CB    . VAL A 1 31  ? -1.289  7.152   -10.108 1.00 53.85 ? 29   VAL A CB    1 
ATOM   243  C  CG1   . VAL A 1 31  ? -0.348  7.288   -11.310 1.00 52.62 ? 29   VAL A CG1   1 
ATOM   244  C  CG2   . VAL A 1 31  ? -0.478  7.099   -8.831  1.00 53.76 ? 29   VAL A CG2   1 
ATOM   245  N  N     . ARG A 1 32  ? -3.911  7.967   -11.918 1.00 54.57 ? 30   ARG A N     1 
ATOM   246  C  CA    . ARG A 1 32  ? -4.606  8.362   -13.134 1.00 54.79 ? 30   ARG A CA    1 
ATOM   247  C  C     . ARG A 1 32  ? -5.069  9.815   -13.102 1.00 54.99 ? 30   ARG A C     1 
ATOM   248  O  O     . ARG A 1 32  ? -4.828  10.526  -14.056 1.00 54.99 ? 30   ARG A O     1 
ATOM   249  C  CB    . ARG A 1 32  ? -5.799  7.450   -13.384 1.00 54.99 ? 30   ARG A CB    1 
ATOM   250  C  CG    . ARG A 1 32  ? -5.605  6.408   -14.460 1.00 58.10 ? 30   ARG A CG    1 
ATOM   251  C  CD    . ARG A 1 32  ? -4.148  5.962   -14.556 1.00 63.46 ? 30   ARG A CD    1 
ATOM   252  N  NE    . ARG A 1 32  ? -3.965  4.668   -15.224 1.00 66.21 ? 30   ARG A NE    1 
ATOM   253  C  CZ    . ARG A 1 32  ? -2.856  4.309   -15.877 1.00 67.51 ? 30   ARG A CZ    1 
ATOM   254  N  NH1   . ARG A 1 32  ? -1.813  5.140   -15.987 1.00 65.37 ? 30   ARG A NH1   1 
ATOM   255  N  NH2   . ARG A 1 32  ? -2.795  3.107   -16.435 1.00 68.55 ? 30   ARG A NH2   1 
ATOM   256  N  N     . ARG A 1 33  ? -5.727  10.267  -12.023 1.00 55.57 ? 31   ARG A N     1 
ATOM   257  C  CA    . ARG A 1 33  ? -6.266  11.648  -11.979 1.00 56.21 ? 31   ARG A CA    1 
ATOM   258  C  C     . ARG A 1 33  ? -5.126  12.595  -12.268 1.00 55.93 ? 31   ARG A C     1 
ATOM   259  O  O     . ARG A 1 33  ? -5.279  13.566  -13.004 1.00 55.87 ? 31   ARG A O     1 
ATOM   260  C  CB    . ARG A 1 33  ? -6.930  12.015  -10.632 1.00 56.21 ? 31   ARG A CB    1 
ATOM   261  C  CG    . ARG A 1 33  ? -8.199  11.233  -10.353 1.00 58.08 ? 31   ARG A CG    1 
ATOM   262  C  CD    . ARG A 1 33  ? -9.028  11.710  -9.138  1.00 56.93 ? 31   ARG A CD    1 
ATOM   263  N  NE    . ARG A 1 33  ? -10.025 12.727  -9.465  1.00 53.90 ? 31   ARG A NE    1 
ATOM   264  C  CZ    . ARG A 1 33  ? -9.809  14.017  -9.254  1.00 55.61 ? 31   ARG A CZ    1 
ATOM   265  N  NH1   . ARG A 1 33  ? -8.646  14.399  -8.734  1.00 55.69 ? 31   ARG A NH1   1 
ATOM   266  N  NH2   . ARG A 1 33  ? -10.734 14.926  -9.555  1.00 56.04 ? 31   ARG A NH2   1 
ATOM   267  N  N     . THR A 1 34  ? -3.978  12.264  -11.689 1.00 55.89 ? 32   THR A N     1 
ATOM   268  C  CA    . THR A 1 34  ? -2.725  12.982  -11.869 1.00 56.09 ? 32   THR A CA    1 
ATOM   269  C  C     . THR A 1 34  ? -2.341  13.174  -13.339 1.00 56.14 ? 32   THR A C     1 
ATOM   270  O  O     . THR A 1 34  ? -1.894  14.256  -13.724 1.00 56.46 ? 32   THR A O     1 
ATOM   271  C  CB    . THR A 1 34  ? -1.608  12.272  -11.074 1.00 55.90 ? 32   THR A CB    1 
ATOM   272  O  OG1   . THR A 1 34  ? -1.470  12.903  -9.799  1.00 56.72 ? 32   THR A OG1   1 
ATOM   273  C  CG2   . THR A 1 34  ? -0.295  12.318  -11.787 1.00 56.72 ? 32   THR A CG2   1 
ATOM   274  N  N     . GLN A 1 35  ? -2.524  12.152  -14.165 1.00 56.16 ? 33   GLN A N     1 
ATOM   275  C  CA    . GLN A 1 35  ? -2.169  12.281  -15.576 1.00 56.61 ? 33   GLN A CA    1 
ATOM   276  C  C     . GLN A 1 35  ? -3.107  13.226  -16.332 1.00 55.97 ? 33   GLN A C     1 
ATOM   277  O  O     . GLN A 1 35  ? -2.672  13.947  -17.237 1.00 55.96 ? 33   GLN A O     1 
ATOM   278  C  CB    . GLN A 1 35  ? -2.075  10.917  -16.254 1.00 56.98 ? 33   GLN A CB    1 
ATOM   279  C  CG    . GLN A 1 35  ? -0.884  10.092  -15.770 1.00 59.59 ? 33   GLN A CG    1 
ATOM   280  C  CD    . GLN A 1 35  ? -1.084  8.595   -16.021 1.00 63.44 ? 33   GLN A CD    1 
ATOM   281  O  OE1   . GLN A 1 35  ? -1.052  8.124   -17.165 1.00 64.28 ? 33   GLN A OE1   1 
ATOM   282  N  NE2   . GLN A 1 35  ? -1.301  7.844   -14.947 1.00 65.10 ? 33   GLN A NE2   1 
ATOM   283  N  N     . PHE A 1 36  ? -4.376  13.247  -15.940 1.00 55.23 ? 34   PHE A N     1 
ATOM   284  C  CA    . PHE A 1 36  ? -5.337  14.168  -16.549 1.00 54.58 ? 34   PHE A CA    1 
ATOM   285  C  C     . PHE A 1 36  ? -5.088  15.617  -16.114 1.00 54.42 ? 34   PHE A C     1 
ATOM   286  O  O     . PHE A 1 36  ? -5.363  16.551  -16.866 1.00 54.18 ? 34   PHE A O     1 
ATOM   287  C  CB    . PHE A 1 36  ? -6.781  13.711  -16.283 1.00 54.13 ? 34   PHE A CB    1 
ATOM   288  C  CG    . PHE A 1 36  ? -7.155  12.459  -17.027 1.00 52.81 ? 34   PHE A CG    1 
ATOM   289  C  CD1   . PHE A 1 36  ? -7.035  11.214  -16.421 1.00 51.60 ? 34   PHE A CD1   1 
ATOM   290  C  CD2   . PHE A 1 36  ? -7.599  12.525  -18.346 1.00 52.11 ? 34   PHE A CD2   1 
ATOM   291  C  CE1   . PHE A 1 36  ? -7.367  10.047  -17.112 1.00 51.56 ? 34   PHE A CE1   1 
ATOM   292  C  CE2   . PHE A 1 36  ? -7.934  11.368  -19.049 1.00 51.93 ? 34   PHE A CE2   1 
ATOM   293  C  CZ    . PHE A 1 36  ? -7.818  10.123  -18.427 1.00 52.24 ? 34   PHE A CZ    1 
ATOM   294  N  N     . ALA A 1 37  ? -4.544  15.782  -14.910 1.00 54.45 ? 35   ALA A N     1 
ATOM   295  C  CA    . ALA A 1 37  ? -4.099  17.080  -14.413 1.00 54.67 ? 35   ALA A CA    1 
ATOM   296  C  C     . ALA A 1 37  ? -2.778  17.500  -15.058 1.00 55.12 ? 35   ALA A C     1 
ATOM   297  O  O     . ALA A 1 37  ? -2.190  18.515  -14.674 1.00 55.50 ? 35   ALA A O     1 
ATOM   298  C  CB    . ALA A 1 37  ? -3.970  17.061  -12.899 1.00 54.40 ? 35   ALA A CB    1 
ATOM   299  N  N     . LYS A 1 38  ? -2.323  16.728  -16.049 1.00 55.33 ? 36   LYS A N     1 
ATOM   300  C  CA    . LYS A 1 38  ? -1.069  16.997  -16.769 1.00 55.09 ? 36   LYS A CA    1 
ATOM   301  C  C     . LYS A 1 38  ? 0.127   17.150  -15.833 1.00 54.80 ? 36   LYS A C     1 
ATOM   302  O  O     . LYS A 1 38  ? 0.995   17.972  -16.069 1.00 54.71 ? 36   LYS A O     1 
ATOM   303  C  CB    . LYS A 1 38  ? -1.196  18.234  -17.658 1.00 55.14 ? 36   LYS A CB    1 
ATOM   304  C  CG    . LYS A 1 38  ? -2.261  18.126  -18.724 1.00 56.14 ? 36   LYS A CG    1 
ATOM   305  C  CD    . LYS A 1 38  ? -2.446  19.466  -19.382 1.00 57.22 ? 36   LYS A CD    1 
ATOM   306  C  CE    . LYS A 1 38  ? -3.903  19.718  -19.700 1.00 58.58 ? 36   LYS A CE    1 
ATOM   307  N  NZ    . LYS A 1 38  ? -4.141  21.193  -19.808 1.00 59.37 ? 36   LYS A NZ    1 
ATOM   308  N  N     . GLN A 1 39  ? 0.149   16.360  -14.766 1.00 54.75 ? 37   GLN A N     1 
ATOM   309  C  CA    . GLN A 1 39  ? 1.301   16.261  -13.875 1.00 54.83 ? 37   GLN A CA    1 
ATOM   310  C  C     . GLN A 1 39  ? 2.046   14.973  -14.165 1.00 54.36 ? 37   GLN A C     1 
ATOM   311  O  O     . GLN A 1 39  ? 1.469   14.015  -14.680 1.00 54.32 ? 37   GLN A O     1 
ATOM   312  C  CB    . GLN A 1 39  ? 0.863   16.204  -12.410 1.00 55.27 ? 37   GLN A CB    1 
ATOM   313  C  CG    . GLN A 1 39  ? -0.053  17.311  -11.948 1.00 56.52 ? 37   GLN A CG    1 
ATOM   314  C  CD    . GLN A 1 39  ? -0.351  17.183  -10.484 1.00 57.53 ? 37   GLN A CD    1 
ATOM   315  O  OE1   . GLN A 1 39  ? -1.084  16.296  -10.057 1.00 60.60 ? 37   GLN A OE1   1 
ATOM   316  N  NE2   . GLN A 1 39  ? 0.239   18.052  -9.697  1.00 57.94 ? 37   GLN A NE2   1 
ATOM   317  N  N     . HIS A 1 40  ? 3.314   14.938  -13.784 1.00 53.85 ? 38   HIS A N     1 
ATOM   318  C  CA    . HIS A 1 40  ? 4.149   13.764  -13.985 1.00 53.44 ? 38   HIS A CA    1 
ATOM   319  C  C     . HIS A 1 40  ? 4.197   12.918  -12.708 1.00 52.67 ? 38   HIS A C     1 
ATOM   320  O  O     . HIS A 1 40  ? 4.407   13.446  -11.617 1.00 52.62 ? 38   HIS A O     1 
ATOM   321  C  CB    . HIS A 1 40  ? 5.543   14.200  -14.438 1.00 53.58 ? 38   HIS A CB    1 
ATOM   322  C  CG    . HIS A 1 40  ? 5.520   15.075  -15.651 1.00 54.97 ? 38   HIS A CG    1 
ATOM   323  N  ND1   . HIS A 1 40  ? 5.713   14.586  -16.926 1.00 56.84 ? 38   HIS A ND1   1 
ATOM   324  C  CD2   . HIS A 1 40  ? 5.293   16.403  -15.789 1.00 56.09 ? 38   HIS A CD2   1 
ATOM   325  C  CE1   . HIS A 1 40  ? 5.622   15.577  -17.797 1.00 56.68 ? 38   HIS A CE1   1 
ATOM   326  N  NE2   . HIS A 1 40  ? 5.363   16.689  -17.133 1.00 56.82 ? 38   HIS A NE2   1 
ATOM   327  N  N     . ALA A 1 41  ? 3.977   11.614  -12.849 1.00 51.84 ? 39   ALA A N     1 
ATOM   328  C  CA    . ALA A 1 41  ? 3.952   10.701  -11.704 1.00 50.96 ? 39   ALA A CA    1 
ATOM   329  C  C     . ALA A 1 41  ? 4.883   9.522   -11.919 1.00 50.79 ? 39   ALA A C     1 
ATOM   330  O  O     . ALA A 1 41  ? 5.171   9.128   -13.054 1.00 50.68 ? 39   ALA A O     1 
ATOM   331  C  CB    . ALA A 1 41  ? 2.551   10.207  -11.454 1.00 50.43 ? 39   ALA A CB    1 
ATOM   332  N  N     . ILE A 1 42  ? 5.346   8.955   -10.818 1.00 50.61 ? 40   ILE A N     1 
ATOM   333  C  CA    . ILE A 1 42  ? 6.145   7.739   -10.861 1.00 50.70 ? 40   ILE A CA    1 
ATOM   334  C  C     . ILE A 1 42  ? 5.589   6.805   -9.778  1.00 51.09 ? 40   ILE A C     1 
ATOM   335  O  O     . ILE A 1 42  ? 5.114   7.265   -8.724  1.00 50.74 ? 40   ILE A O     1 
ATOM   336  C  CB    . ILE A 1 42  ? 7.652   8.064   -10.673 1.00 50.63 ? 40   ILE A CB    1 
ATOM   337  C  CG1   . ILE A 1 42  ? 8.546   6.914   -11.132 1.00 50.06 ? 40   ILE A CG1   1 
ATOM   338  C  CG2   . ILE A 1 42  ? 7.965   8.504   -9.234  1.00 50.77 ? 40   ILE A CG2   1 
ATOM   339  C  CD1   . ILE A 1 42  ? 9.955   7.367   -11.506 1.00 48.46 ? 40   ILE A CD1   1 
ATOM   340  N  N     . VAL A 1 43  ? 5.602   5.504   -10.044 1.00 51.49 ? 41   VAL A N     1 
ATOM   341  C  CA    . VAL A 1 43  ? 5.069   4.555   -9.067  1.00 51.63 ? 41   VAL A CA    1 
ATOM   342  C  C     . VAL A 1 43  ? 6.132   3.542   -8.733  1.00 52.14 ? 41   VAL A C     1 
ATOM   343  O  O     . VAL A 1 43  ? 6.724   2.941   -9.625  1.00 52.49 ? 41   VAL A O     1 
ATOM   344  C  CB    . VAL A 1 43  ? 3.828   3.809   -9.578  1.00 51.52 ? 41   VAL A CB    1 
ATOM   345  C  CG1   . VAL A 1 43  ? 3.252   2.964   -8.468  1.00 50.92 ? 41   VAL A CG1   1 
ATOM   346  C  CG2   . VAL A 1 43  ? 2.786   4.781   -10.123 1.00 50.92 ? 41   VAL A CG2   1 
ATOM   347  N  N     . PHE A 1 44  ? 6.382   3.365   -7.443  1.00 52.70 ? 42   PHE A N     1 
ATOM   348  C  CA    . PHE A 1 44  ? 7.357   2.381   -6.975  1.00 53.09 ? 42   PHE A CA    1 
ATOM   349  C  C     . PHE A 1 44  ? 6.656   1.202   -6.342  1.00 53.80 ? 42   PHE A C     1 
ATOM   350  O  O     . PHE A 1 44  ? 5.524   1.316   -5.835  1.00 53.94 ? 42   PHE A O     1 
ATOM   351  C  CB    . PHE A 1 44  ? 8.328   3.010   -5.975  1.00 52.37 ? 42   PHE A CB    1 
ATOM   352  C  CG    . PHE A 1 44  ? 9.187   4.065   -6.572  1.00 52.04 ? 42   PHE A CG    1 
ATOM   353  C  CD1   . PHE A 1 44  ? 8.833   5.404   -6.465  1.00 51.70 ? 42   PHE A CD1   1 
ATOM   354  C  CD2   . PHE A 1 44  ? 10.344  3.725   -7.273  1.00 51.25 ? 42   PHE A CD2   1 
ATOM   355  C  CE1   . PHE A 1 44  ? 9.625   6.399   -7.048  1.00 51.50 ? 42   PHE A CE1   1 
ATOM   356  C  CE2   . PHE A 1 44  ? 11.145  4.709   -7.854  1.00 50.83 ? 42   PHE A CE2   1 
ATOM   357  C  CZ    . PHE A 1 44  ? 10.787  6.049   -7.739  1.00 51.25 ? 42   PHE A CZ    1 
ATOM   358  N  N     . LYS A 1 45  ? 7.326   0.065   -6.375  1.00 54.64 ? 43   LYS A N     1 
ATOM   359  C  CA    . LYS A 1 45  ? 6.859   -1.094  -5.647  1.00 55.86 ? 43   LYS A CA    1 
ATOM   360  C  C     . LYS A 1 45  ? 8.071   -1.883  -5.182  1.00 56.94 ? 43   LYS A C     1 
ATOM   361  O  O     . LYS A 1 45  ? 9.171   -1.713  -5.736  1.00 56.95 ? 43   LYS A O     1 
ATOM   362  C  CB    . LYS A 1 45  ? 5.946   -1.945  -6.524  1.00 55.80 ? 43   LYS A CB    1 
ATOM   363  C  CG    . LYS A 1 45  ? 6.479   -2.179  -7.923  1.00 56.52 ? 43   LYS A CG    1 
ATOM   364  C  CD    . LYS A 1 45  ? 5.686   -3.243  -8.651  1.00 57.17 ? 43   LYS A CD    1 
ATOM   365  C  CE    . LYS A 1 45  ? 6.069   -4.635  -8.202  1.00 56.32 ? 43   LYS A CE    1 
ATOM   366  N  NZ    . LYS A 1 45  ? 5.152   -5.617  -8.816  1.00 57.14 ? 43   LYS A NZ    1 
ATOM   367  N  N     . PRO A 1 46  ? 7.889   -2.741  -4.159  1.00 58.03 ? 44   PRO A N     1 
ATOM   368  C  CA    . PRO A 1 46  ? 9.016   -3.532  -3.676  1.00 58.91 ? 44   PRO A CA    1 
ATOM   369  C  C     . PRO A 1 46  ? 9.294   -4.729  -4.588  1.00 60.10 ? 44   PRO A C     1 
ATOM   370  O  O     . PRO A 1 46  ? 8.364   -5.278  -5.174  1.00 60.11 ? 44   PRO A O     1 
ATOM   371  C  CB    . PRO A 1 46  ? 8.553   -3.983  -2.294  1.00 58.83 ? 44   PRO A CB    1 
ATOM   372  C  CG    . PRO A 1 46  ? 7.063   -3.983  -2.358  1.00 58.20 ? 44   PRO A CG    1 
ATOM   373  C  CD    . PRO A 1 46  ? 6.643   -3.017  -3.413  1.00 57.98 ? 44   PRO A CD    1 
ATOM   374  N  N     . CYS A 1 47  ? 10.566  -5.106  -4.714  1.00 61.63 ? 45   CYS A N     1 
ATOM   375  C  CA    . CYS A 1 47  ? 10.976  -6.266  -5.520  1.00 63.56 ? 45   CYS A CA    1 
ATOM   376  C  C     . CYS A 1 47  ? 10.259  -7.550  -5.155  1.00 64.62 ? 45   CYS A C     1 
ATOM   377  O  O     . CYS A 1 47  ? 9.766   -8.273  -6.024  1.00 64.53 ? 45   CYS A O     1 
ATOM   378  C  CB    . CYS A 1 47  ? 12.462  -6.498  -5.357  1.00 63.31 ? 45   CYS A CB    1 
ATOM   379  S  SG    . CYS A 1 47  ? 13.358  -5.306  -6.272  1.00 65.23 ? 45   CYS A SG    1 
ATOM   380  N  N     . ILE A 1 48  ? 10.237  -7.812  -3.852  1.00 66.19 ? 46   ILE A N     1 
ATOM   381  C  CA    . ILE A 1 48  ? 9.529   -8.921  -3.238  1.00 67.57 ? 46   ILE A CA    1 
ATOM   382  C  C     . ILE A 1 48  ? 8.070   -9.085  -3.730  1.00 68.28 ? 46   ILE A C     1 
ATOM   383  O  O     . ILE A 1 48  ? 7.613   -10.211 -3.916  1.00 68.64 ? 46   ILE A O     1 
ATOM   384  C  CB    . ILE A 1 48  ? 9.710   -8.842  -1.679  1.00 67.78 ? 46   ILE A CB    1 
ATOM   385  C  CG1   . ILE A 1 48  ? 10.778  -9.855  -1.252  1.00 68.67 ? 46   ILE A CG1   1 
ATOM   386  C  CG2   . ILE A 1 48  ? 8.399   -9.032  -0.900  1.00 67.63 ? 46   ILE A CG2   1 
ATOM   387  C  CD1   . ILE A 1 48  ? 11.773  -9.316  -0.225  1.00 70.61 ? 46   ILE A CD1   1 
ATOM   388  N  N     . ASP A 1 49  ? 7.370   -7.977  -3.991  1.00 68.98 ? 47   ASP A N     1 
ATOM   389  C  CA    . ASP A 1 49  ? 5.965   -8.018  -4.442  1.00 69.67 ? 47   ASP A CA    1 
ATOM   390  C  C     . ASP A 1 49  ? 5.775   -8.461  -5.903  1.00 69.88 ? 47   ASP A C     1 
ATOM   391  O  O     . ASP A 1 49  ? 5.714   -7.627  -6.809  1.00 69.92 ? 47   ASP A O     1 
ATOM   392  C  CB    . ASP A 1 49  ? 5.303   -6.650  -4.217  1.00 69.83 ? 47   ASP A CB    1 
ATOM   393  C  CG    . ASP A 1 49  ? 3.900   -6.541  -4.840  1.00 70.67 ? 47   ASP A CG    1 
ATOM   394  O  OD1   . ASP A 1 49  ? 3.223   -7.588  -5.049  1.00 71.68 ? 47   ASP A OD1   1 
ATOM   395  O  OD2   . ASP A 1 49  ? 3.487   -5.387  -5.112  1.00 70.15 ? 47   ASP A OD2   1 
ATOM   396  N  N     . ASN A 1 50  ? 5.643   -9.764  -6.134  1.00 70.17 ? 48   ASN A N     1 
ATOM   397  C  CA    . ASN A 1 50  ? 5.427   -10.244 -7.500  1.00 70.45 ? 48   ASN A CA    1 
ATOM   398  C  C     . ASN A 1 50  ? 4.125   -11.028 -7.746  1.00 70.78 ? 48   ASN A C     1 
ATOM   399  O  O     . ASN A 1 50  ? 4.037   -11.753 -8.734  1.00 70.48 ? 48   ASN A O     1 
ATOM   400  C  CB    . ASN A 1 50  ? 6.658   -11.010 -8.028  1.00 70.28 ? 48   ASN A CB    1 
ATOM   401  C  CG    . ASN A 1 50  ? 6.951   -12.274 -7.242  1.00 70.01 ? 48   ASN A CG    1 
ATOM   402  O  OD1   . ASN A 1 50  ? 6.482   -12.445 -6.108  1.00 69.27 ? 48   ASN A OD1   1 
ATOM   403  N  ND2   . ASN A 1 50  ? 7.740   -13.169 -7.840  1.00 68.67 ? 48   ASN A ND2   1 
ATOM   404  N  N     . ARG A 1 51  ? 3.119   -10.843 -6.877  1.00 71.42 ? 49   ARG A N     1 
ATOM   405  C  CA    . ARG A 1 51  ? 1.855   -11.617 -6.939  1.00 72.28 ? 49   ARG A CA    1 
ATOM   406  C  C     . ARG A 1 51  ? 1.218   -11.629 -8.336  1.00 72.07 ? 49   ARG A C     1 
ATOM   407  O  O     . ARG A 1 51  ? 0.905   -12.700 -8.874  1.00 71.90 ? 49   ARG A O     1 
ATOM   408  C  CB    . ARG A 1 51  ? 0.827   -11.162 -5.887  1.00 71.69 ? 49   ARG A CB    1 
ATOM   409  C  CG    . ARG A 1 51  ? 1.412   -10.783 -4.523  1.00 73.52 ? 49   ARG A CG    1 
ATOM   410  C  CD    . ARG A 1 51  ? 0.345   -10.656 -3.386  1.00 74.49 ? 49   ARG A CD    1 
ATOM   411  N  NE    . ARG A 1 51  ? -0.802  -9.758  -3.644  1.00 79.19 ? 49   ARG A NE    1 
ATOM   412  C  CZ    . ARG A 1 51  ? -1.988  -10.143 -4.140  1.00 79.95 ? 49   ARG A CZ    1 
ATOM   413  N  NH1   . ARG A 1 51  ? -2.207  -11.419 -4.469  1.00 80.78 ? 49   ARG A NH1   1 
ATOM   414  N  NH2   . ARG A 1 51  ? -2.962  -9.252  -4.318  1.00 78.42 ? 49   ARG A NH2   1 
ATOM   415  N  N     . TYR A 1 52  ? 1.032   -10.446 -8.923  1.00 72.41 ? 50   TYR A N     1 
ATOM   416  C  CA    . TYR A 1 52  ? 0.461   -10.360 -10.271 1.00 72.49 ? 50   TYR A CA    1 
ATOM   417  C  C     . TYR A 1 52  ? 1.493   -9.966  -11.334 1.00 72.49 ? 50   TYR A C     1 
ATOM   418  O  O     . TYR A 1 52  ? 1.302   -10.262 -12.513 1.00 72.38 ? 50   TYR A O     1 
ATOM   419  C  CB    . TYR A 1 52  ? -0.726  -9.393  -10.329 1.00 72.42 ? 50   TYR A CB    1 
ATOM   420  C  CG    . TYR A 1 52  ? -1.858  -9.604  -9.320  1.00 72.78 ? 50   TYR A CG    1 
ATOM   421  C  CD1   . TYR A 1 52  ? -2.153  -8.617  -8.371  1.00 72.42 ? 50   TYR A CD1   1 
ATOM   422  C  CD2   . TYR A 1 52  ? -2.663  -10.750 -9.345  1.00 72.86 ? 50   TYR A CD2   1 
ATOM   423  C  CE1   . TYR A 1 52  ? -3.193  -8.770  -7.462  1.00 72.66 ? 50   TYR A CE1   1 
ATOM   424  C  CE2   . TYR A 1 52  ? -3.719  -10.914 -8.421  1.00 73.49 ? 50   TYR A CE2   1 
ATOM   425  C  CZ    . TYR A 1 52  ? -3.979  -9.915  -7.480  1.00 72.86 ? 50   TYR A CZ    1 
ATOM   426  O  OH    . TYR A 1 52  ? -5.018  -10.037 -6.563  1.00 71.90 ? 50   TYR A OH    1 
ATOM   427  N  N     . SER A 1 53  ? 2.579   -9.308  -10.919 1.00 72.59 ? 51   SER A N     1 
ATOM   428  C  CA    . SER A 1 53  ? 3.571   -8.773  -11.864 1.00 72.44 ? 51   SER A CA    1 
ATOM   429  C  C     . SER A 1 53  ? 4.920   -8.441  -11.220 1.00 72.52 ? 51   SER A C     1 
ATOM   430  O  O     . SER A 1 53  ? 4.990   -8.039  -10.063 1.00 72.39 ? 51   SER A O     1 
ATOM   431  C  CB    . SER A 1 53  ? 3.006   -7.520  -12.542 1.00 72.39 ? 51   SER A CB    1 
ATOM   432  O  OG    . SER A 1 53  ? 3.737   -7.176  -13.698 1.00 72.13 ? 51   SER A OG    1 
ATOM   433  N  N     . GLU A 1 54  ? 5.992   -8.606  -11.986 1.00 72.86 ? 52   GLU A N     1 
ATOM   434  C  CA    . GLU A 1 54  ? 7.320   -8.166  -11.565 1.00 73.31 ? 52   GLU A CA    1 
ATOM   435  C  C     . GLU A 1 54  ? 7.488   -6.671  -11.874 1.00 73.05 ? 52   GLU A C     1 
ATOM   436  O  O     . GLU A 1 54  ? 7.864   -5.875  -11.009 1.00 73.21 ? 52   GLU A O     1 
ATOM   437  C  CB    . GLU A 1 54  ? 8.379   -8.981  -12.296 1.00 73.53 ? 52   GLU A CB    1 
ATOM   438  C  CG    . GLU A 1 54  ? 9.475   -9.506  -11.398 1.00 75.52 ? 52   GLU A CG    1 
ATOM   439  C  CD    . GLU A 1 54  ? 9.813   -10.961 -11.707 1.00 77.87 ? 52   GLU A CD    1 
ATOM   440  O  OE1   . GLU A 1 54  ? 9.135   -11.863 -11.143 1.00 78.66 ? 52   GLU A OE1   1 
ATOM   441  O  OE2   . GLU A 1 54  ? 10.750  -11.199 -12.508 1.00 77.61 ? 52   GLU A OE2   1 
ATOM   442  N  N     . GLU A 1 55  ? 7.177   -6.312  -13.118 1.00 72.56 ? 53   GLU A N     1 
ATOM   443  C  CA    . GLU A 1 55  ? 7.216   -4.943  -13.621 1.00 71.94 ? 53   GLU A CA    1 
ATOM   444  C  C     . GLU A 1 55  ? 6.159   -3.968  -13.037 1.00 70.82 ? 53   GLU A C     1 
ATOM   445  O  O     . GLU A 1 55  ? 6.498   -2.841  -12.692 1.00 71.09 ? 53   GLU A O     1 
ATOM   446  C  CB    . GLU A 1 55  ? 7.086   -4.990  -15.152 1.00 72.57 ? 53   GLU A CB    1 
ATOM   447  C  CG    . GLU A 1 55  ? 7.296   -3.651  -15.857 1.00 74.85 ? 53   GLU A CG    1 
ATOM   448  C  CD    . GLU A 1 55  ? 8.725   -3.136  -15.713 1.00 77.06 ? 53   GLU A CD    1 
ATOM   449  O  OE1   . GLU A 1 55  ? 8.938   -2.234  -14.863 1.00 78.17 ? 53   GLU A OE1   1 
ATOM   450  O  OE2   . GLU A 1 55  ? 9.623   -3.641  -16.435 1.00 75.48 ? 53   GLU A OE2   1 
ATOM   451  N  N     . ASP A 1 56  ? 4.897   -4.393  -12.925 1.00 69.12 ? 54   ASP A N     1 
ATOM   452  C  CA    . ASP A 1 56  ? 3.780   -3.452  -12.727 1.00 67.35 ? 54   ASP A CA    1 
ATOM   453  C  C     . ASP A 1 56  ? 3.064   -3.500  -11.380 1.00 65.88 ? 54   ASP A C     1 
ATOM   454  O  O     . ASP A 1 56  ? 3.175   -4.478  -10.633 1.00 65.55 ? 54   ASP A O     1 
ATOM   455  C  CB    . ASP A 1 56  ? 2.726   -3.651  -13.820 1.00 67.85 ? 54   ASP A CB    1 
ATOM   456  C  CG    . ASP A 1 56  ? 3.264   -3.401  -15.220 1.00 69.40 ? 54   ASP A CG    1 
ATOM   457  O  OD1   . ASP A 1 56  ? 4.132   -2.503  -15.389 1.00 71.70 ? 54   ASP A OD1   1 
ATOM   458  O  OD2   . ASP A 1 56  ? 2.797   -4.103  -16.154 1.00 69.96 ? 54   ASP A OD2   1 
ATOM   459  N  N     . VAL A 1 57  ? 2.317   -2.430  -11.096 1.00 64.00 ? 55   VAL A N     1 
ATOM   460  C  CA    . VAL A 1 57  ? 1.384   -2.374  -9.969  1.00 62.47 ? 55   VAL A CA    1 
ATOM   461  C  C     . VAL A 1 57  ? -0.019  -2.784  -10.445 1.00 61.69 ? 55   VAL A C     1 
ATOM   462  O  O     . VAL A 1 57  ? -0.648  -2.079  -11.246 1.00 61.39 ? 55   VAL A O     1 
ATOM   463  C  CB    . VAL A 1 57  ? 1.369   -0.967  -9.301  1.00 62.58 ? 55   VAL A CB    1 
ATOM   464  C  CG1   . VAL A 1 57  ? 0.117   -0.758  -8.453  1.00 61.61 ? 55   VAL A CG1   1 
ATOM   465  C  CG2   . VAL A 1 57  ? 2.618   -0.759  -8.457  1.00 62.45 ? 55   VAL A CG2   1 
ATOM   466  N  N     . VAL A 1 58  ? -0.500  -3.929  -9.959  1.00 60.69 ? 56   VAL A N     1 
ATOM   467  C  CA    . VAL A 1 58  ? -1.753  -4.491  -10.454 1.00 59.99 ? 56   VAL A CA    1 
ATOM   468  C  C     . VAL A 1 58  ? -2.822  -4.597  -9.356  1.00 59.70 ? 56   VAL A C     1 
ATOM   469  O  O     . VAL A 1 58  ? -2.546  -5.086  -8.268  1.00 60.24 ? 56   VAL A O     1 
ATOM   470  C  CB    . VAL A 1 58  ? -1.535  -5.869  -11.140 1.00 59.85 ? 56   VAL A CB    1 
ATOM   471  C  CG1   . VAL A 1 58  ? -2.835  -6.403  -11.706 1.00 59.11 ? 56   VAL A CG1   1 
ATOM   472  C  CG2   . VAL A 1 58  ? -0.482  -5.769  -12.248 1.00 59.34 ? 56   VAL A CG2   1 
ATOM   473  N  N     . SER A 1 59  ? -4.033  -4.123  -9.655  1.00 58.80 ? 57   SER A N     1 
ATOM   474  C  CA    . SER A 1 59  ? -5.193  -4.308  -8.787  1.00 57.85 ? 57   SER A CA    1 
ATOM   475  C  C     . SER A 1 59  ? -5.993  -5.545  -9.210  1.00 58.09 ? 57   SER A C     1 
ATOM   476  O  O     . SER A 1 59  ? -6.136  -5.825  -10.401 1.00 57.82 ? 57   SER A O     1 
ATOM   477  C  CB    . SER A 1 59  ? -6.096  -3.075  -8.825  1.00 57.43 ? 57   SER A CB    1 
ATOM   478  O  OG    . SER A 1 59  ? -7.398  -3.356  -8.337  1.00 54.96 ? 57   SER A OG    1 
ATOM   479  N  N     . HIS A 1 60  ? -6.522  -6.268  -8.226  1.00 58.18 ? 58   HIS A N     1 
ATOM   480  C  CA    . HIS A 1 60  ? -7.357  -7.423  -8.494  1.00 58.71 ? 58   HIS A CA    1 
ATOM   481  C  C     . HIS A 1 60  ? -8.626  -7.044  -9.280  1.00 58.27 ? 58   HIS A C     1 
ATOM   482  O  O     . HIS A 1 60  ? -9.330  -7.931  -9.763  1.00 58.25 ? 58   HIS A O     1 
ATOM   483  C  CB    . HIS A 1 60  ? -7.664  -8.240  -7.205  1.00 59.39 ? 58   HIS A CB    1 
ATOM   484  C  CG    . HIS A 1 60  ? -8.464  -9.489  -7.458  1.00 62.54 ? 58   HIS A CG    1 
ATOM   485  N  ND1   . HIS A 1 60  ? -9.633  -9.781  -6.780  1.00 65.20 ? 58   HIS A ND1   1 
ATOM   486  C  CD2   . HIS A 1 60  ? -8.299  -10.489 -8.365  1.00 64.61 ? 58   HIS A CD2   1 
ATOM   487  C  CE1   . HIS A 1 60  ? -10.143 -10.912 -7.243  1.00 64.93 ? 58   HIS A CE1   1 
ATOM   488  N  NE2   . HIS A 1 60  ? -9.354  -11.361 -8.206  1.00 65.05 ? 58   HIS A NE2   1 
ATOM   489  N  N     . ASN A 1 61  ? -8.905  -5.743  -9.442  1.00 57.92 ? 59   ASN A N     1 
ATOM   490  C  CA    . ASN A 1 61  ? -10.001 -5.314  -10.326 1.00 57.28 ? 59   ASN A CA    1 
ATOM   491  C  C     . ASN A 1 61  ? -9.624  -5.459  -11.788 1.00 56.68 ? 59   ASN A C     1 
ATOM   492  O  O     . ASN A 1 61  ? -10.468 -5.281  -12.661 1.00 56.77 ? 59   ASN A O     1 
ATOM   493  C  CB    . ASN A 1 61  ? -10.526 -3.901  -10.014 1.00 57.46 ? 59   ASN A CB    1 
ATOM   494  C  CG    . ASN A 1 61  ? -9.566  -2.766  -10.448 1.00 59.07 ? 59   ASN A CG    1 
ATOM   495  O  OD1   . ASN A 1 61  ? -8.617  -2.963  -11.217 1.00 60.20 ? 59   ASN A OD1   1 
ATOM   496  N  ND2   . ASN A 1 61  ? -9.832  -1.560  -9.946  1.00 59.40 ? 59   ASN A ND2   1 
ATOM   497  N  N     . GLY A 1 62  ? -8.354  -5.790  -12.033 1.00 56.28 ? 60   GLY A N     1 
ATOM   498  C  CA    . GLY A 1 62  ? -7.817  -5.994  -13.377 1.00 55.67 ? 60   GLY A CA    1 
ATOM   499  C  C     . GLY A 1 62  ? -7.068  -4.816  -13.971 1.00 55.49 ? 60   GLY A C     1 
ATOM   500  O  O     . GLY A 1 62  ? -6.593  -4.899  -15.093 1.00 55.99 ? 60   GLY A O     1 
ATOM   501  N  N     . LEU A 1 63  ? -6.962  -3.709  -13.243 1.00 55.42 ? 61   LEU A N     1 
ATOM   502  C  CA    . LEU A 1 63  ? -6.280  -2.518  -13.762 1.00 55.47 ? 61   LEU A CA    1 
ATOM   503  C  C     . LEU A 1 63  ? -4.850  -2.435  -13.269 1.00 55.91 ? 61   LEU A C     1 
ATOM   504  O  O     . LEU A 1 63  ? -4.549  -2.869  -12.160 1.00 56.16 ? 61   LEU A O     1 
ATOM   505  C  CB    . LEU A 1 63  ? -7.029  -1.222  -13.410 1.00 55.07 ? 61   LEU A CB    1 
ATOM   506  C  CG    . LEU A 1 63  ? -8.473  -1.039  -13.890 1.00 53.71 ? 61   LEU A CG    1 
ATOM   507  C  CD1   . LEU A 1 63  ? -9.013  0.288   -13.360 1.00 52.42 ? 61   LEU A CD1   1 
ATOM   508  C  CD2   . LEU A 1 63  ? -8.602  -1.148  -15.417 1.00 49.99 ? 61   LEU A CD2   1 
ATOM   509  N  N     . LYS A 1 64  ? -3.977  -1.865  -14.090 1.00 56.48 ? 62   LYS A N     1 
ATOM   510  C  CA    . LYS A 1 64  ? -2.560  -1.800  -13.764 1.00 57.31 ? 62   LYS A CA    1 
ATOM   511  C  C     . LYS A 1 64  ? -1.952  -0.441  -14.088 1.00 56.99 ? 62   LYS A C     1 
ATOM   512  O  O     . LYS A 1 64  ? -2.548  0.367   -14.790 1.00 57.18 ? 62   LYS A O     1 
ATOM   513  C  CB    . LYS A 1 64  ? -1.803  -2.915  -14.499 1.00 57.32 ? 62   LYS A CB    1 
ATOM   514  C  CG    . LYS A 1 64  ? -1.897  -2.844  -16.023 1.00 58.90 ? 62   LYS A CG    1 
ATOM   515  C  CD    . LYS A 1 64  ? -0.948  -3.838  -16.715 1.00 58.77 ? 62   LYS A CD    1 
ATOM   516  C  CE    . LYS A 1 64  ? -1.448  -5.291  -16.565 1.00 61.54 ? 62   LYS A CE    1 
ATOM   517  N  NZ    . LYS A 1 64  ? -0.606  -6.308  -17.301 1.00 61.22 ? 62   LYS A NZ    1 
ATOM   518  N  N     . VAL A 1 65  ? -0.765  -0.193  -13.553 1.00 57.09 ? 63   VAL A N     1 
ATOM   519  C  CA    . VAL A 1 65  ? 0.027   0.986   -13.909 1.00 57.09 ? 63   VAL A CA    1 
ATOM   520  C  C     . VAL A 1 65  ? 1.504   0.558   -13.948 1.00 57.20 ? 63   VAL A C     1 
ATOM   521  O  O     . VAL A 1 65  ? 1.922   -0.301  -13.167 1.00 57.49 ? 63   VAL A O     1 
ATOM   522  C  CB    . VAL A 1 65  ? -0.254  2.184   -12.930 1.00 56.91 ? 63   VAL A CB    1 
ATOM   523  C  CG1   . VAL A 1 65  ? 0.271   1.916   -11.514 1.00 56.74 ? 63   VAL A CG1   1 
ATOM   524  C  CG2   . VAL A 1 65  ? 0.297   3.480   -13.467 1.00 57.02 ? 63   VAL A CG2   1 
ATOM   525  N  N     . LYS A 1 66  ? 2.280   1.108   -14.878 1.00 57.17 ? 64   LYS A N     1 
ATOM   526  C  CA    . LYS A 1 66  ? 3.717   0.824   -14.928 1.00 57.09 ? 64   LYS A CA    1 
ATOM   527  C  C     . LYS A 1 66  ? 4.403   1.292   -13.664 1.00 56.27 ? 64   LYS A C     1 
ATOM   528  O  O     . LYS A 1 66  ? 4.091   2.362   -13.130 1.00 56.29 ? 64   LYS A O     1 
ATOM   529  C  CB    . LYS A 1 66  ? 4.366   1.465   -16.150 1.00 57.38 ? 64   LYS A CB    1 
ATOM   530  C  CG    . LYS A 1 66  ? 4.446   0.510   -17.312 1.00 60.15 ? 64   LYS A CG    1 
ATOM   531  C  CD    . LYS A 1 66  ? 4.197   1.216   -18.633 1.00 64.61 ? 64   LYS A CD    1 
ATOM   532  C  CE    . LYS A 1 66  ? 3.883   0.197   -19.733 1.00 66.19 ? 64   LYS A CE    1 
ATOM   533  N  NZ    . LYS A 1 66  ? 3.690   0.859   -21.053 1.00 67.11 ? 64   LYS A NZ    1 
ATOM   534  N  N     . ALA A 1 67  ? 5.328   0.479   -13.175 1.00 55.44 ? 65   ALA A N     1 
ATOM   535  C  CA    . ALA A 1 67  ? 6.038   0.811   -11.947 1.00 54.78 ? 65   ALA A CA    1 
ATOM   536  C  C     . ALA A 1 67  ? 7.531   0.515   -12.009 1.00 54.42 ? 65   ALA A C     1 
ATOM   537  O  O     . ALA A 1 67  ? 8.025   -0.167  -12.912 1.00 54.39 ? 65   ALA A O     1 
ATOM   538  C  CB    . ALA A 1 67  ? 5.402   0.120   -10.753 1.00 54.73 ? 65   ALA A CB    1 
ATOM   539  N  N     . VAL A 1 68  ? 8.248   1.056   -11.035 1.00 54.10 ? 66   VAL A N     1 
ATOM   540  C  CA    . VAL A 1 68  ? 9.668   0.834   -10.919 1.00 53.62 ? 66   VAL A CA    1 
ATOM   541  C  C     . VAL A 1 68  ? 9.853   -0.039  -9.682  1.00 53.75 ? 66   VAL A C     1 
ATOM   542  O  O     . VAL A 1 68  ? 9.562   0.395   -8.572  1.00 53.72 ? 66   VAL A O     1 
ATOM   543  C  CB    . VAL A 1 68  ? 10.437  2.174   -10.821 1.00 53.41 ? 66   VAL A CB    1 
ATOM   544  C  CG1   . VAL A 1 68  ? 11.922  1.932   -10.650 1.00 52.99 ? 66   VAL A CG1   1 
ATOM   545  C  CG2   . VAL A 1 68  ? 10.177  3.032   -12.051 1.00 52.18 ? 66   VAL A CG2   1 
ATOM   546  N  N     . PRO A 1 69  ? 10.278  -1.297  -9.879  1.00 54.07 ? 67   PRO A N     1 
ATOM   547  C  CA    . PRO A 1 69  ? 10.541  -2.187  -8.744  1.00 54.23 ? 67   PRO A CA    1 
ATOM   548  C  C     . PRO A 1 69  ? 11.867  -1.830  -8.066  1.00 54.26 ? 67   PRO A C     1 
ATOM   549  O  O     . PRO A 1 69  ? 12.873  -1.612  -8.743  1.00 54.18 ? 67   PRO A O     1 
ATOM   550  C  CB    . PRO A 1 69  ? 10.612  -3.584  -9.385  1.00 54.19 ? 67   PRO A CB    1 
ATOM   551  C  CG    . PRO A 1 69  ? 10.218  -3.395  -10.845 1.00 54.11 ? 67   PRO A CG    1 
ATOM   552  C  CD    . PRO A 1 69  ? 10.526  -1.971  -11.165 1.00 54.01 ? 67   PRO A CD    1 
ATOM   553  N  N     . VAL A 1 70  ? 11.849  -1.789  -6.737  1.00 54.29 ? 68   VAL A N     1 
ATOM   554  C  CA    . VAL A 1 70  ? 12.945  -1.255  -5.932  1.00 54.19 ? 68   VAL A CA    1 
ATOM   555  C  C     . VAL A 1 70  ? 13.206  -2.166  -4.713  1.00 54.57 ? 68   VAL A C     1 
ATOM   556  O  O     . VAL A 1 70  ? 12.265  -2.720  -4.125  1.00 54.79 ? 68   VAL A O     1 
ATOM   557  C  CB    . VAL A 1 70  ? 12.614  0.227   -5.563  1.00 54.08 ? 68   VAL A CB    1 
ATOM   558  C  CG1   . VAL A 1 70  ? 12.581  0.481   -4.058  1.00 53.99 ? 68   VAL A CG1   1 
ATOM   559  C  CG2   . VAL A 1 70  ? 13.525  1.191   -6.315  1.00 53.24 ? 68   VAL A CG2   1 
ATOM   560  N  N     . SER A 1 71  ? 14.475  -2.350  -4.350  1.00 54.91 ? 69   SER A N     1 
ATOM   561  C  CA    . SER A 1 71  ? 14.830  -3.298  -3.271  1.00 55.22 ? 69   SER A CA    1 
ATOM   562  C  C     . SER A 1 71  ? 15.177  -2.650  -1.925  1.00 55.48 ? 69   SER A C     1 
ATOM   563  O  O     . SER A 1 71  ? 14.928  -3.243  -0.877  1.00 55.61 ? 69   SER A O     1 
ATOM   564  C  CB    . SER A 1 71  ? 15.946  -4.241  -3.710  1.00 54.93 ? 69   SER A CB    1 
ATOM   565  O  OG    . SER A 1 71  ? 17.108  -3.510  -4.026  1.00 55.05 ? 69   SER A OG    1 
ATOM   566  N  N     . ALA A 1 72  ? 15.767  -1.456  -1.957  1.00 55.77 ? 70   ALA A N     1 
ATOM   567  C  CA    . ALA A 1 72  ? 15.889  -0.617  -0.763  1.00 56.02 ? 70   ALA A CA    1 
ATOM   568  C  C     . ALA A 1 72  ? 15.113  0.692   -0.971  1.00 56.26 ? 70   ALA A C     1 
ATOM   569  O  O     . ALA A 1 72  ? 15.065  1.213   -2.095  1.00 56.28 ? 70   ALA A O     1 
ATOM   570  C  CB    . ALA A 1 72  ? 17.352  -0.336  -0.437  1.00 55.69 ? 70   ALA A CB    1 
ATOM   571  N  N     . SER A 1 73  ? 14.507  1.204   0.107   1.00 56.21 ? 71   SER A N     1 
ATOM   572  C  CA    . SER A 1 73  ? 13.815  2.500   0.094   1.00 56.32 ? 71   SER A CA    1 
ATOM   573  C  C     . SER A 1 73  ? 14.637  3.649   -0.496  1.00 56.56 ? 71   SER A C     1 
ATOM   574  O  O     . SER A 1 73  ? 14.109  4.461   -1.258  1.00 56.70 ? 71   SER A O     1 
ATOM   575  C  CB    . SER A 1 73  ? 13.390  2.906   1.501   1.00 56.15 ? 71   SER A CB    1 
ATOM   576  O  OG    . SER A 1 73  ? 12.626  1.901   2.125   1.00 57.11 ? 71   SER A OG    1 
ATOM   577  N  N     . LYS A 1 74  ? 15.920  3.729   -0.142  1.00 56.59 ? 72   LYS A N     1 
ATOM   578  C  CA    . LYS A 1 74  ? 16.731  4.856   -0.579  1.00 56.76 ? 72   LYS A CA    1 
ATOM   579  C  C     . LYS A 1 74  ? 17.017  4.855   -2.081  1.00 56.92 ? 72   LYS A C     1 
ATOM   580  O  O     . LYS A 1 74  ? 17.427  5.876   -2.635  1.00 57.08 ? 72   LYS A O     1 
ATOM   581  C  CB    . LYS A 1 74  ? 18.013  4.970   0.245   1.00 56.92 ? 72   LYS A CB    1 
ATOM   582  C  CG    . LYS A 1 74  ? 17.810  5.720   1.549   1.00 57.17 ? 72   LYS A CG    1 
ATOM   583  C  CD    . LYS A 1 74  ? 19.125  5.979   2.253   1.00 58.39 ? 72   LYS A CD    1 
ATOM   584  C  CE    . LYS A 1 74  ? 18.914  6.730   3.563   1.00 59.00 ? 72   LYS A CE    1 
ATOM   585  N  NZ    . LYS A 1 74  ? 20.218  7.037   4.222   1.00 59.30 ? 72   LYS A NZ    1 
ATOM   586  N  N     . ASP A 1 75  ? 16.773  3.723   -2.742  1.00 57.05 ? 73   ASP A N     1 
ATOM   587  C  CA    . ASP A 1 75  ? 16.910  3.638   -4.202  1.00 57.16 ? 73   ASP A CA    1 
ATOM   588  C  C     . ASP A 1 75  ? 15.888  4.502   -4.955  1.00 57.07 ? 73   ASP A C     1 
ATOM   589  O  O     . ASP A 1 75  ? 16.074  4.787   -6.138  1.00 57.20 ? 73   ASP A O     1 
ATOM   590  C  CB    . ASP A 1 75  ? 16.820  2.186   -4.682  1.00 57.27 ? 73   ASP A CB    1 
ATOM   591  C  CG    . ASP A 1 75  ? 17.975  1.322   -4.188  1.00 57.92 ? 73   ASP A CG    1 
ATOM   592  O  OD1   . ASP A 1 75  ? 19.150  1.761   -4.247  1.00 57.64 ? 73   ASP A OD1   1 
ATOM   593  O  OD2   . ASP A 1 75  ? 17.701  0.185   -3.747  1.00 58.97 ? 73   ASP A OD2   1 
ATOM   594  N  N     . ILE A 1 76  ? 14.819  4.917   -4.274  1.00 56.83 ? 74   ILE A N     1 
ATOM   595  C  CA    . ILE A 1 76  ? 13.820  5.811   -4.867  1.00 56.71 ? 74   ILE A CA    1 
ATOM   596  C  C     . ILE A 1 76  ? 14.464  7.096   -5.381  1.00 57.21 ? 74   ILE A C     1 
ATOM   597  O  O     . ILE A 1 76  ? 14.095  7.606   -6.443  1.00 57.56 ? 74   ILE A O     1 
ATOM   598  C  CB    . ILE A 1 76  ? 12.669  6.141   -3.873  1.00 56.66 ? 74   ILE A CB    1 
ATOM   599  C  CG1   . ILE A 1 76  ? 11.708  4.948   -3.739  1.00 55.69 ? 74   ILE A CG1   1 
ATOM   600  C  CG2   . ILE A 1 76  ? 11.885  7.376   -4.317  1.00 56.07 ? 74   ILE A CG2   1 
ATOM   601  C  CD1   . ILE A 1 76  ? 10.954  4.912   -2.447  1.00 53.06 ? 74   ILE A CD1   1 
ATOM   602  N  N     . PHE A 1 77  ? 15.454  7.592   -4.643  1.00 57.57 ? 75   PHE A N     1 
ATOM   603  C  CA    . PHE A 1 77  ? 16.085  8.876   -4.945  1.00 57.68 ? 75   PHE A CA    1 
ATOM   604  C  C     . PHE A 1 77  ? 16.711  8.943   -6.317  1.00 57.77 ? 75   PHE A C     1 
ATOM   605  O  O     . PHE A 1 77  ? 16.708  9.998   -6.944  1.00 57.80 ? 75   PHE A O     1 
ATOM   606  C  CB    . PHE A 1 77  ? 17.108  9.243   -3.875  1.00 57.51 ? 75   PHE A CB    1 
ATOM   607  C  CG    . PHE A 1 77  ? 16.484  9.629   -2.569  1.00 57.89 ? 75   PHE A CG    1 
ATOM   608  C  CD1   . PHE A 1 77  ? 16.924  9.062   -1.379  1.00 58.06 ? 75   PHE A CD1   1 
ATOM   609  C  CD2   . PHE A 1 77  ? 15.427  10.544  -2.533  1.00 57.24 ? 75   PHE A CD2   1 
ATOM   610  C  CE1   . PHE A 1 77  ? 16.327  9.416   -0.164  1.00 58.24 ? 75   PHE A CE1   1 
ATOM   611  C  CE2   . PHE A 1 77  ? 14.831  10.900  -1.334  1.00 57.00 ? 75   PHE A CE2   1 
ATOM   612  C  CZ    . PHE A 1 77  ? 15.275  10.338  -0.146  1.00 57.19 ? 75   PHE A CZ    1 
ATOM   613  N  N     . GLU A 1 78  ? 17.221  7.812   -6.788  1.00 58.07 ? 76   GLU A N     1 
ATOM   614  C  CA    . GLU A 1 78  ? 17.912  7.756   -8.070  1.00 58.39 ? 76   GLU A CA    1 
ATOM   615  C  C     . GLU A 1 78  ? 16.978  7.852   -9.265  1.00 58.26 ? 76   GLU A C     1 
ATOM   616  O  O     . GLU A 1 78  ? 17.436  8.089   -10.384 1.00 58.10 ? 76   GLU A O     1 
ATOM   617  C  CB    . GLU A 1 78  ? 18.719  6.476   -8.164  1.00 58.56 ? 76   GLU A CB    1 
ATOM   618  C  CG    . GLU A 1 78  ? 19.922  6.457   -7.260  1.00 60.17 ? 76   GLU A CG    1 
ATOM   619  C  CD    . GLU A 1 78  ? 20.556  5.088   -7.226  1.00 62.43 ? 76   GLU A CD    1 
ATOM   620  O  OE1   . GLU A 1 78  ? 19.870  4.146   -6.763  1.00 62.96 ? 76   GLU A OE1   1 
ATOM   621  O  OE2   . GLU A 1 78  ? 21.725  4.953   -7.671  1.00 63.16 ? 76   GLU A OE2   1 
ATOM   622  N  N     . HIS A 1 79  ? 15.679  7.671   -9.025  1.00 58.34 ? 77   HIS A N     1 
ATOM   623  C  CA    . HIS A 1 79  ? 14.681  7.674   -10.090 1.00 58.43 ? 77   HIS A CA    1 
ATOM   624  C  C     . HIS A 1 79  ? 13.921  9.003   -10.166 1.00 58.85 ? 77   HIS A C     1 
ATOM   625  O  O     . HIS A 1 79  ? 13.151  9.233   -11.092 1.00 58.94 ? 77   HIS A O     1 
ATOM   626  C  CB    . HIS A 1 79  ? 13.708  6.499   -9.915  1.00 58.33 ? 77   HIS A CB    1 
ATOM   627  C  CG    . HIS A 1 79  ? 14.355  5.147   -9.999  1.00 57.61 ? 77   HIS A CG    1 
ATOM   628  N  ND1   . HIS A 1 79  ? 14.710  4.563   -11.198 1.00 56.91 ? 77   HIS A ND1   1 
ATOM   629  C  CD2   . HIS A 1 79  ? 14.696  4.259   -9.034  1.00 56.73 ? 77   HIS A CD2   1 
ATOM   630  C  CE1   . HIS A 1 79  ? 15.251  3.378   -10.968 1.00 56.11 ? 77   HIS A CE1   1 
ATOM   631  N  NE2   . HIS A 1 79  ? 15.255  3.170   -9.664  1.00 56.53 ? 77   HIS A NE2   1 
ATOM   632  N  N     . ILE A 1 80  ? 14.170  9.884   -9.205  1.00 59.40 ? 78   ILE A N     1 
ATOM   633  C  CA    . ILE A 1 80  ? 13.440  11.138  -9.070  1.00 60.47 ? 78   ILE A CA    1 
ATOM   634  C  C     . ILE A 1 80  ? 14.026  12.304  -9.876  1.00 61.14 ? 78   ILE A C     1 
ATOM   635  O  O     . ILE A 1 80  ? 15.202  12.611  -9.748  1.00 61.37 ? 78   ILE A O     1 
ATOM   636  C  CB    . ILE A 1 80  ? 13.348  11.497  -7.571  1.00 60.58 ? 78   ILE A CB    1 
ATOM   637  C  CG1   . ILE A 1 80  ? 12.241  10.665  -6.927  1.00 61.71 ? 78   ILE A CG1   1 
ATOM   638  C  CG2   . ILE A 1 80  ? 13.092  12.987  -7.341  1.00 60.37 ? 78   ILE A CG2   1 
ATOM   639  C  CD1   . ILE A 1 80  ? 12.442  10.470  -5.468  1.00 64.49 ? 78   ILE A CD1   1 
ATOM   640  N  N     . THR A 1 81  ? 13.207  12.948  -10.707 1.00 62.13 ? 79   THR A N     1 
ATOM   641  C  CA    . THR A 1 81  ? 13.600  14.194  -11.379 1.00 63.00 ? 79   THR A CA    1 
ATOM   642  C  C     . THR A 1 81  ? 12.943  15.389  -10.699 1.00 63.77 ? 79   THR A C     1 
ATOM   643  O  O     . THR A 1 81  ? 12.132  15.233  -9.788  1.00 63.99 ? 79   THR A O     1 
ATOM   644  C  CB    . THR A 1 81  ? 13.188  14.216  -12.859 1.00 62.92 ? 79   THR A CB    1 
ATOM   645  O  OG1   . THR A 1 81  ? 13.282  12.898  -13.403 1.00 63.49 ? 79   THR A OG1   1 
ATOM   646  C  CG2   . THR A 1 81  ? 14.084  15.184  -13.677 1.00 63.48 ? 79   THR A CG2   1 
ATOM   647  N  N     . GLU A 1 82  ? 13.295  16.589  -11.145 1.00 65.00 ? 80   GLU A N     1 
ATOM   648  C  CA    . GLU A 1 82  ? 12.623  17.801  -10.696 1.00 65.89 ? 80   GLU A CA    1 
ATOM   649  C  C     . GLU A 1 82  ? 11.287  17.960  -11.416 1.00 66.00 ? 80   GLU A C     1 
ATOM   650  O  O     . GLU A 1 82  ? 10.333  18.499  -10.843 1.00 66.20 ? 80   GLU A O     1 
ATOM   651  C  CB    . GLU A 1 82  ? 13.501  19.010  -10.964 1.00 66.29 ? 80   GLU A CB    1 
ATOM   652  C  CG    . GLU A 1 82  ? 13.356  20.087  -9.918  1.00 67.88 ? 80   GLU A CG    1 
ATOM   653  C  CD    . GLU A 1 82  ? 14.701  20.680  -9.538  1.00 70.18 ? 80   GLU A CD    1 
ATOM   654  O  OE1   . GLU A 1 82  ? 15.518  20.989  -10.446 1.00 69.86 ? 80   GLU A OE1   1 
ATOM   655  O  OE2   . GLU A 1 82  ? 14.941  20.824  -8.317  1.00 71.46 ? 80   GLU A OE2   1 
ATOM   656  N  N     . GLU A 1 83  ? 11.240  17.474  -12.664 1.00 65.93 ? 81   GLU A N     1 
ATOM   657  C  CA    . GLU A 1 83  ? 10.030  17.467  -13.503 1.00 65.81 ? 81   GLU A CA    1 
ATOM   658  C  C     . GLU A 1 83  ? 8.810   16.775  -12.869 1.00 64.84 ? 81   GLU A C     1 
ATOM   659  O  O     . GLU A 1 83  ? 7.662   17.137  -13.166 1.00 64.91 ? 81   GLU A O     1 
ATOM   660  C  CB    . GLU A 1 83  ? 10.329  16.853  -14.882 1.00 65.77 ? 81   GLU A CB    1 
ATOM   661  C  CG    . GLU A 1 83  ? 9.143   16.902  -15.861 1.00 66.65 ? 81   GLU A CG    1 
ATOM   662  C  CD    . GLU A 1 83  ? 9.526   16.665  -17.332 1.00 67.40 ? 81   GLU A CD    1 
ATOM   663  O  OE1   . GLU A 1 83  ? 10.445  17.357  -17.864 1.00 68.21 ? 81   GLU A OE1   1 
ATOM   664  O  OE2   . GLU A 1 83  ? 8.876   15.792  -17.965 1.00 69.43 ? 81   GLU A OE2   1 
ATOM   665  N  N     . LEU A 1 84  ? 9.038   15.793  -12.004 1.00 63.70 ? 82   LEU A N     1 
ATOM   666  C  CA    . LEU A 1 84  ? 7.903   15.039  -11.490 1.00 62.94 ? 82   LEU A CA    1 
ATOM   667  C  C     . LEU A 1 84  ? 7.239   15.672  -10.263 1.00 62.05 ? 82   LEU A C     1 
ATOM   668  O  O     . LEU A 1 84  ? 7.884   16.371  -9.484  1.00 62.01 ? 82   LEU A O     1 
ATOM   669  C  CB    . LEU A 1 84  ? 8.213   13.536  -11.323 1.00 63.26 ? 82   LEU A CB    1 
ATOM   670  C  CG    . LEU A 1 84  ? 9.282   13.010  -10.370 1.00 63.72 ? 82   LEU A CG    1 
ATOM   671  C  CD1   . LEU A 1 84  ? 8.663   12.770  -9.024  1.00 64.75 ? 82   LEU A CD1   1 
ATOM   672  C  CD2   . LEU A 1 84  ? 9.849   11.712  -10.910 1.00 64.58 ? 82   LEU A CD2   1 
ATOM   673  N  N     . ASP A 1 85  ? 5.938   15.419  -10.131 1.00 60.75 ? 83   ASP A N     1 
ATOM   674  C  CA    . ASP A 1 85  ? 5.095   16.059  -9.148  1.00 59.68 ? 83   ASP A CA    1 
ATOM   675  C  C     . ASP A 1 85  ? 4.599   15.091  -8.100  1.00 58.91 ? 83   ASP A C     1 
ATOM   676  O  O     . ASP A 1 85  ? 4.316   15.485  -6.962  1.00 59.10 ? 83   ASP A O     1 
ATOM   677  C  CB    . ASP A 1 85  ? 3.882   16.651  -9.844  1.00 59.88 ? 83   ASP A CB    1 
ATOM   678  C  CG    . ASP A 1 85  ? 4.261   17.563  -10.958 1.00 60.87 ? 83   ASP A CG    1 
ATOM   679  O  OD1   . ASP A 1 85  ? 4.833   18.636  -10.667 1.00 63.03 ? 83   ASP A OD1   1 
ATOM   680  O  OD2   . ASP A 1 85  ? 3.998   17.206  -12.126 1.00 62.27 ? 83   ASP A OD2   1 
ATOM   681  N  N     . VAL A 1 86  ? 4.473   13.828  -8.489  1.00 57.77 ? 84   VAL A N     1 
ATOM   682  C  CA    . VAL A 1 86  ? 3.789   12.838  -7.666  1.00 56.57 ? 84   VAL A CA    1 
ATOM   683  C  C     . VAL A 1 86  ? 4.611   11.555  -7.569  1.00 55.95 ? 84   VAL A C     1 
ATOM   684  O  O     . VAL A 1 86  ? 5.100   11.038  -8.577  1.00 55.62 ? 84   VAL A O     1 
ATOM   685  C  CB    . VAL A 1 86  ? 2.383   12.547  -8.234  1.00 56.37 ? 84   VAL A CB    1 
ATOM   686  C  CG1   . VAL A 1 86  ? 1.634   11.576  -7.351  1.00 56.03 ? 84   VAL A CG1   1 
ATOM   687  C  CG2   . VAL A 1 86  ? 1.603   13.847  -8.390  1.00 56.20 ? 84   VAL A CG2   1 
ATOM   688  N  N     . ILE A 1 87  ? 4.775   11.061  -6.347  1.00 55.15 ? 85   ILE A N     1 
ATOM   689  C  CA    . ILE A 1 87  ? 5.440   9.793   -6.125  1.00 54.58 ? 85   ILE A CA    1 
ATOM   690  C  C     . ILE A 1 87  ? 4.473   8.851   -5.435  1.00 54.86 ? 85   ILE A C     1 
ATOM   691  O  O     . ILE A 1 87  ? 3.973   9.151   -4.356  1.00 55.14 ? 85   ILE A O     1 
ATOM   692  C  CB    . ILE A 1 87  ? 6.683   9.965   -5.277  1.00 54.27 ? 85   ILE A CB    1 
ATOM   693  C  CG1   . ILE A 1 87  ? 7.719   10.774  -6.050  1.00 53.14 ? 85   ILE A CG1   1 
ATOM   694  C  CG2   . ILE A 1 87  ? 7.237   8.601   -4.882  1.00 54.09 ? 85   ILE A CG2   1 
ATOM   695  C  CD1   . ILE A 1 87  ? 8.797   11.360  -5.187  1.00 52.61 ? 85   ILE A CD1   1 
ATOM   696  N  N     . ALA A 1 88  ? 4.189   7.722   -6.074  1.00 54.98 ? 86   ALA A N     1 
ATOM   697  C  CA    . ALA A 1 88  ? 3.273   6.732   -5.513  1.00 54.97 ? 86   ALA A CA    1 
ATOM   698  C  C     . ALA A 1 88  ? 4.070   5.484   -5.185  1.00 55.30 ? 86   ALA A C     1 
ATOM   699  O  O     . ALA A 1 88  ? 4.955   5.094   -5.947  1.00 55.65 ? 86   ALA A O     1 
ATOM   700  C  CB    . ALA A 1 88  ? 2.166   6.415   -6.492  1.00 54.51 ? 86   ALA A CB    1 
ATOM   701  N  N     . ILE A 1 89  ? 3.781   4.876   -4.043  1.00 55.65 ? 87   ILE A N     1 
ATOM   702  C  CA    . ILE A 1 89  ? 4.460   3.657   -3.633  1.00 56.04 ? 87   ILE A CA    1 
ATOM   703  C  C     . ILE A 1 89  ? 3.426   2.625   -3.199  1.00 56.84 ? 87   ILE A C     1 
ATOM   704  O  O     . ILE A 1 89  ? 2.697   2.861   -2.228  1.00 57.40 ? 87   ILE A O     1 
ATOM   705  C  CB    . ILE A 1 89  ? 5.398   3.916   -2.458  1.00 55.67 ? 87   ILE A CB    1 
ATOM   706  C  CG1   . ILE A 1 89  ? 6.357   5.063   -2.779  1.00 55.92 ? 87   ILE A CG1   1 
ATOM   707  C  CG2   . ILE A 1 89  ? 6.160   2.667   -2.139  1.00 55.25 ? 87   ILE A CG2   1 
ATOM   708  C  CD1   . ILE A 1 89  ? 7.325   5.438   -1.638  1.00 55.98 ? 87   ILE A CD1   1 
ATOM   709  N  N     . ASP A 1 90  ? 3.355   1.493   -3.905  1.00 57.38 ? 88   ASP A N     1 
ATOM   710  C  CA    . ASP A 1 90  ? 2.447   0.407   -3.515  1.00 57.88 ? 88   ASP A CA    1 
ATOM   711  C  C     . ASP A 1 90  ? 3.147   -0.612  -2.620  1.00 57.93 ? 88   ASP A C     1 
ATOM   712  O  O     . ASP A 1 90  ? 4.365   -0.736  -2.648  1.00 58.17 ? 88   ASP A O     1 
ATOM   713  C  CB    . ASP A 1 90  ? 1.866   -0.285  -4.746  1.00 58.15 ? 88   ASP A CB    1 
ATOM   714  C  CG    . ASP A 1 90  ? 0.538   -1.011  -4.461  1.00 59.19 ? 88   ASP A CG    1 
ATOM   715  O  OD1   . ASP A 1 90  ? 0.049   -1.036  -3.308  1.00 60.20 ? 88   ASP A OD1   1 
ATOM   716  O  OD2   . ASP A 1 90  ? -0.027  -1.578  -5.417  1.00 61.47 ? 88   ASP A OD2   1 
ATOM   717  N  N     . GLU A 1 91  ? 2.366   -1.331  -1.822  1.00 58.38 ? 89   GLU A N     1 
ATOM   718  C  CA    . GLU A 1 91  ? 2.880   -2.333  -0.891  1.00 59.00 ? 89   GLU A CA    1 
ATOM   719  C  C     . GLU A 1 91  ? 4.008   -1.801  0.034   1.00 59.05 ? 89   GLU A C     1 
ATOM   720  O  O     . GLU A 1 91  ? 5.021   -2.485  0.249   1.00 58.96 ? 89   GLU A O     1 
ATOM   721  C  CB    . GLU A 1 91  ? 3.295   -3.623  -1.656  1.00 59.31 ? 89   GLU A CB    1 
ATOM   722  C  CG    . GLU A 1 91  ? 2.120   -4.516  -2.167  1.00 60.69 ? 89   GLU A CG    1 
ATOM   723  C  CD    . GLU A 1 91  ? 1.091   -4.903  -1.052  1.00 63.73 ? 89   GLU A CD    1 
ATOM   724  O  OE1   . GLU A 1 91  ? 1.241   -6.005  -0.458  1.00 62.14 ? 89   GLU A OE1   1 
ATOM   725  O  OE2   . GLU A 1 91  ? 0.137   -4.103  -0.772  1.00 65.73 ? 89   GLU A OE2   1 
ATOM   726  N  N     . VAL A 1 92  ? 3.827   -0.595  0.588   1.00 59.08 ? 90   VAL A N     1 
ATOM   727  C  CA    . VAL A 1 92  ? 4.865   0.014   1.443   1.00 59.21 ? 90   VAL A CA    1 
ATOM   728  C  C     . VAL A 1 92  ? 5.257   -0.786  2.671   1.00 59.18 ? 90   VAL A C     1 
ATOM   729  O  O     . VAL A 1 92  ? 6.330   -0.533  3.225   1.00 59.95 ? 90   VAL A O     1 
ATOM   730  C  CB    . VAL A 1 92  ? 4.541   1.443   1.950   1.00 59.07 ? 90   VAL A CB    1 
ATOM   731  C  CG1   . VAL A 1 92  ? 4.651   2.411   0.842   1.00 60.44 ? 90   VAL A CG1   1 
ATOM   732  C  CG2   . VAL A 1 92  ? 3.184   1.501   2.615   1.00 58.87 ? 90   VAL A CG2   1 
ATOM   733  N  N     . GLN A 1 93  ? 4.413   -1.716  3.117   1.00 58.53 ? 91   GLN A N     1 
ATOM   734  C  CA    . GLN A 1 93  ? 4.744   -2.479  4.311   1.00 58.19 ? 91   GLN A CA    1 
ATOM   735  C  C     . GLN A 1 93  ? 5.972   -3.365  4.090   1.00 58.07 ? 91   GLN A C     1 
ATOM   736  O  O     . GLN A 1 93  ? 6.612   -3.766  5.052   1.00 58.21 ? 91   GLN A O     1 
ATOM   737  C  CB    . GLN A 1 93  ? 3.549   -3.285  4.823   1.00 58.14 ? 91   GLN A CB    1 
ATOM   738  C  CG    . GLN A 1 93  ? 3.265   -4.600  4.098   1.00 58.69 ? 91   GLN A CG    1 
ATOM   739  C  CD    . GLN A 1 93  ? 2.622   -4.429  2.731   1.00 60.09 ? 91   GLN A CD    1 
ATOM   740  O  OE1   . GLN A 1 93  ? 2.188   -3.331  2.352   1.00 60.51 ? 91   GLN A OE1   1 
ATOM   741  N  NE2   . GLN A 1 93  ? 2.556   -5.526  1.976   1.00 60.45 ? 91   GLN A NE2   1 
ATOM   742  N  N     . PHE A 1 94  ? 6.304   -3.647  2.829   1.00 57.90 ? 92   PHE A N     1 
ATOM   743  C  CA    . PHE A 1 94  ? 7.469   -4.468  2.485   1.00 57.76 ? 92   PHE A CA    1 
ATOM   744  C  C     . PHE A 1 94  ? 8.768   -3.680  2.375   1.00 57.87 ? 92   PHE A C     1 
ATOM   745  O  O     . PHE A 1 94  ? 9.791   -4.246  2.005   1.00 58.16 ? 92   PHE A O     1 
ATOM   746  C  CB    . PHE A 1 94  ? 7.262   -5.202  1.159   1.00 57.48 ? 92   PHE A CB    1 
ATOM   747  C  CG    . PHE A 1 94  ? 6.274   -6.331  1.218   1.00 57.50 ? 92   PHE A CG    1 
ATOM   748  C  CD1   . PHE A 1 94  ? 6.140   -7.113  2.363   1.00 56.87 ? 92   PHE A CD1   1 
ATOM   749  C  CD2   . PHE A 1 94  ? 5.502   -6.643  0.095   1.00 57.39 ? 92   PHE A CD2   1 
ATOM   750  C  CE1   . PHE A 1 94  ? 5.227   -8.174  2.400   1.00 57.06 ? 92   PHE A CE1   1 
ATOM   751  C  CE2   . PHE A 1 94  ? 4.589   -7.698  0.116   1.00 57.42 ? 92   PHE A CE2   1 
ATOM   752  C  CZ    . PHE A 1 94  ? 4.449   -8.466  1.273   1.00 57.63 ? 92   PHE A CZ    1 
ATOM   753  N  N     . PHE A 1 95  ? 8.739   -2.386  2.674   1.00 57.79 ? 93   PHE A N     1 
ATOM   754  C  CA    . PHE A 1 95  ? 9.933   -1.552  2.540   1.00 57.93 ? 93   PHE A CA    1 
ATOM   755  C  C     . PHE A 1 95  ? 10.751  -1.523  3.822   1.00 58.14 ? 93   PHE A C     1 
ATOM   756  O  O     . PHE A 1 95  ? 10.196  -1.640  4.916   1.00 58.26 ? 93   PHE A O     1 
ATOM   757  C  CB    . PHE A 1 95  ? 9.544   -0.125  2.140   1.00 57.88 ? 93   PHE A CB    1 
ATOM   758  C  CG    . PHE A 1 95  ? 9.339   0.058   0.660   1.00 57.44 ? 93   PHE A CG    1 
ATOM   759  C  CD1   . PHE A 1 95  ? 8.184   -0.419  0.032   1.00 56.85 ? 93   PHE A CD1   1 
ATOM   760  C  CD2   . PHE A 1 95  ? 10.292  0.717   -0.106  1.00 55.93 ? 93   PHE A CD2   1 
ATOM   761  C  CE1   . PHE A 1 95  ? 7.990   -0.247  -1.344  1.00 56.01 ? 93   PHE A CE1   1 
ATOM   762  C  CE2   . PHE A 1 95  ? 10.104  0.897   -1.472  1.00 56.21 ? 93   PHE A CE2   1 
ATOM   763  C  CZ    . PHE A 1 95  ? 8.950   0.416   -2.092  1.00 56.56 ? 93   PHE A CZ    1 
ATOM   764  N  N     . ASP A 1 96  ? 12.066  -1.338  3.690   1.00 58.27 ? 94   ASP A N     1 
ATOM   765  C  CA    . ASP A 1 96  ? 12.964  -1.294  4.856   1.00 58.33 ? 94   ASP A CA    1 
ATOM   766  C  C     . ASP A 1 96  ? 12.694  -0.141  5.845   1.00 58.31 ? 94   ASP A C     1 
ATOM   767  O  O     . ASP A 1 96  ? 11.714  0.603   5.715   1.00 58.33 ? 94   ASP A O     1 
ATOM   768  C  CB    . ASP A 1 96  ? 14.437  -1.326  4.418   1.00 58.35 ? 94   ASP A CB    1 
ATOM   769  C  CG    . ASP A 1 96  ? 14.805  -0.173  3.497   1.00 58.88 ? 94   ASP A CG    1 
ATOM   770  O  OD1   . ASP A 1 96  ? 14.324  0.956   3.733   1.00 58.69 ? 94   ASP A OD1   1 
ATOM   771  O  OD2   . ASP A 1 96  ? 15.594  -0.399  2.548   1.00 59.14 ? 94   ASP A OD2   1 
ATOM   772  N  N     . GLY A 1 97  ? 13.567  -0.014  6.840   1.00 58.41 ? 95   GLY A N     1 
ATOM   773  C  CA    . GLY A 1 97  ? 13.415  0.985   7.904   1.00 58.39 ? 95   GLY A CA    1 
ATOM   774  C  C     . GLY A 1 97  ? 13.550  2.436   7.469   1.00 58.41 ? 95   GLY A C     1 
ATOM   775  O  O     . GLY A 1 97  ? 13.084  3.338   8.166   1.00 58.45 ? 95   GLY A O     1 
ATOM   776  N  N     . ASP A 1 98  ? 14.187  2.661   6.322   1.00 58.29 ? 96   ASP A N     1 
ATOM   777  C  CA    . ASP A 1 98  ? 14.369  4.004   5.785   1.00 58.26 ? 96   ASP A CA    1 
ATOM   778  C  C     . ASP A 1 98  ? 13.066  4.674   5.337   1.00 58.06 ? 96   ASP A C     1 
ATOM   779  O  O     . ASP A 1 98  ? 12.995  5.909   5.279   1.00 58.13 ? 96   ASP A O     1 
ATOM   780  C  CB    . ASP A 1 98  ? 15.324  3.974   4.592   1.00 58.54 ? 96   ASP A CB    1 
ATOM   781  C  CG    . ASP A 1 98  ? 16.771  3.735   4.990   1.00 59.62 ? 96   ASP A CG    1 
ATOM   782  O  OD1   . ASP A 1 98  ? 17.109  3.899   6.183   1.00 60.47 ? 96   ASP A OD1   1 
ATOM   783  O  OD2   . ASP A 1 98  ? 17.577  3.396   4.090   1.00 60.45 ? 96   ASP A OD2   1 
ATOM   784  N  N     . ILE A 1 99  ? 12.043  3.876   5.027   1.00 57.56 ? 97   ILE A N     1 
ATOM   785  C  CA    . ILE A 1 99  ? 10.901  4.389   4.275   1.00 57.29 ? 97   ILE A CA    1 
ATOM   786  C  C     . ILE A 1 99  ? 10.295  5.684   4.830   1.00 57.32 ? 97   ILE A C     1 
ATOM   787  O  O     . ILE A 1 99  ? 9.967   6.580   4.050   1.00 57.47 ? 97   ILE A O     1 
ATOM   788  C  CB    . ILE A 1 99  ? 9.817   3.302   3.942   1.00 57.23 ? 97   ILE A CB    1 
ATOM   789  C  CG1   . ILE A 1 99  ? 8.870   3.803   2.851   1.00 56.65 ? 97   ILE A CG1   1 
ATOM   790  C  CG2   . ILE A 1 99  ? 9.014   2.903   5.164   1.00 57.22 ? 97   ILE A CG2   1 
ATOM   791  C  CD1   . ILE A 1 99  ? 9.531   4.017   1.506   1.00 56.59 ? 97   ILE A CD1   1 
ATOM   792  N  N     . VAL A 1 100 ? 10.179  5.800   6.154   1.00 57.22 ? 98   VAL A N     1 
ATOM   793  C  CA    . VAL A 1 100 ? 9.618   7.015   6.772   1.00 57.09 ? 98   VAL A CA    1 
ATOM   794  C  C     . VAL A 1 100 ? 10.465  8.243   6.419   1.00 57.26 ? 98   VAL A C     1 
ATOM   795  O  O     . VAL A 1 100 ? 9.943   9.238   5.909   1.00 57.14 ? 98   VAL A O     1 
ATOM   796  C  CB    . VAL A 1 100 ? 9.455   6.878   8.311   1.00 57.09 ? 98   VAL A CB    1 
ATOM   797  C  CG1   . VAL A 1 100 ? 9.109   8.223   8.948   1.00 56.53 ? 98   VAL A CG1   1 
ATOM   798  C  CG2   . VAL A 1 100 ? 8.392   5.849   8.644   1.00 56.72 ? 98   VAL A CG2   1 
ATOM   799  N  N     . GLU A 1 101 ? 11.773  8.155   6.672   1.00 57.37 ? 99   GLU A N     1 
ATOM   800  C  CA    . GLU A 1 101 ? 12.706  9.210   6.289   1.00 57.59 ? 99   GLU A CA    1 
ATOM   801  C  C     . GLU A 1 101 ? 12.659  9.557   4.802   1.00 56.89 ? 99   GLU A C     1 
ATOM   802  O  O     . GLU A 1 101 ? 12.735  10.732  4.437   1.00 57.14 ? 99   GLU A O     1 
ATOM   803  C  CB    . GLU A 1 101 ? 14.125  8.806   6.627   1.00 58.08 ? 99   GLU A CB    1 
ATOM   804  C  CG    . GLU A 1 101 ? 14.529  9.039   8.054   1.00 61.01 ? 99   GLU A CG    1 
ATOM   805  C  CD    . GLU A 1 101 ? 16.022  8.801   8.255   1.00 64.32 ? 99   GLU A CD    1 
ATOM   806  O  OE1   . GLU A 1 101 ? 16.674  8.270   7.315   1.00 64.86 ? 99   GLU A OE1   1 
ATOM   807  O  OE2   . GLU A 1 101 ? 16.537  9.151   9.347   1.00 65.53 ? 99   GLU A OE2   1 
ATOM   808  N  N     . VAL A 1 102 ? 12.562  8.537   3.952   1.00 55.71 ? 100  VAL A N     1 
ATOM   809  C  CA    . VAL A 1 102 ? 12.525  8.739   2.511   1.00 54.65 ? 100  VAL A CA    1 
ATOM   810  C  C     . VAL A 1 102 ? 11.303  9.576   2.135   1.00 54.37 ? 100  VAL A C     1 
ATOM   811  O  O     . VAL A 1 102 ? 11.430  10.596  1.452   1.00 54.42 ? 100  VAL A O     1 
ATOM   812  C  CB    . VAL A 1 102 ? 12.507  7.395   1.766   1.00 54.57 ? 100  VAL A CB    1 
ATOM   813  C  CG1   . VAL A 1 102 ? 12.291  7.599   0.267   1.00 54.32 ? 100  VAL A CG1   1 
ATOM   814  C  CG2   . VAL A 1 102 ? 13.788  6.644   2.025   1.00 54.20 ? 100  VAL A CG2   1 
ATOM   815  N  N     . VAL A 1 103 ? 10.141  9.136   2.616   1.00 53.54 ? 101  VAL A N     1 
ATOM   816  C  CA    . VAL A 1 103 ? 8.859   9.784   2.411   1.00 52.90 ? 101  VAL A CA    1 
ATOM   817  C  C     . VAL A 1 103 ? 8.795   11.211  2.994   1.00 52.88 ? 101  VAL A C     1 
ATOM   818  O  O     . VAL A 1 103 ? 8.326   12.125  2.310   1.00 52.99 ? 101  VAL A O     1 
ATOM   819  C  CB    . VAL A 1 103 ? 7.734   8.895   2.995   1.00 53.03 ? 101  VAL A CB    1 
ATOM   820  C  CG1   . VAL A 1 103 ? 6.471   9.671   3.230   1.00 53.18 ? 101  VAL A CG1   1 
ATOM   821  C  CG2   . VAL A 1 103 ? 7.456   7.693   2.080   1.00 53.24 ? 101  VAL A CG2   1 
ATOM   822  N  N     . GLN A 1 104 ? 9.258   11.413  4.232   1.00 52.56 ? 102  GLN A N     1 
ATOM   823  C  CA    . GLN A 1 104 ? 9.268   12.765  4.826   1.00 52.71 ? 102  GLN A CA    1 
ATOM   824  C  C     . GLN A 1 104 ? 10.164  13.731  4.043   1.00 52.43 ? 102  GLN A C     1 
ATOM   825  O  O     . GLN A 1 104 ? 9.782   14.881  3.814   1.00 52.77 ? 102  GLN A O     1 
ATOM   826  C  CB    . GLN A 1 104 ? 9.682   12.765  6.303   1.00 52.74 ? 102  GLN A CB    1 
ATOM   827  C  CG    . GLN A 1 104 ? 8.664   12.156  7.256   1.00 54.44 ? 102  GLN A CG    1 
ATOM   828  C  CD    . GLN A 1 104 ? 7.746   13.173  7.946   1.00 56.28 ? 102  GLN A CD    1 
ATOM   829  O  OE1   . GLN A 1 104 ? 6.725   13.595  7.393   1.00 57.35 ? 102  GLN A OE1   1 
ATOM   830  N  NE2   . GLN A 1 104 ? 8.077   13.516  9.188   1.00 55.83 ? 102  GLN A NE2   1 
ATOM   831  N  N     . VAL A 1 105 ? 11.348  13.267  3.637   1.00 51.60 ? 103  VAL A N     1 
ATOM   832  C  CA    . VAL A 1 105 ? 12.234  14.074  2.806   1.00 50.97 ? 103  VAL A CA    1 
ATOM   833  C  C     . VAL A 1 105 ? 11.506  14.497  1.526   1.00 51.01 ? 103  VAL A C     1 
ATOM   834  O  O     . VAL A 1 105 ? 11.507  15.683  1.171   1.00 50.88 ? 103  VAL A O     1 
ATOM   835  C  CB    . VAL A 1 105 ? 13.577  13.345  2.486   1.00 51.02 ? 103  VAL A CB    1 
ATOM   836  C  CG1   . VAL A 1 105 ? 14.379  14.097  1.421   1.00 50.31 ? 103  VAL A CG1   1 
ATOM   837  C  CG2   . VAL A 1 105 ? 14.414  13.176  3.749   1.00 50.20 ? 103  VAL A CG2   1 
ATOM   838  N  N     . LEU A 1 106 ? 10.863  13.536  0.860   1.00 50.76 ? 104  LEU A N     1 
ATOM   839  C  CA    . LEU A 1 106 ? 10.154  13.806  -0.393  1.00 50.67 ? 104  LEU A CA    1 
ATOM   840  C  C     . LEU A 1 106 ? 9.009   14.800  -0.243  1.00 50.61 ? 104  LEU A C     1 
ATOM   841  O  O     . LEU A 1 106 ? 8.855   15.686  -1.092  1.00 50.32 ? 104  LEU A O     1 
ATOM   842  C  CB    . LEU A 1 106 ? 9.667   12.515  -1.053  1.00 50.66 ? 104  LEU A CB    1 
ATOM   843  C  CG    . LEU A 1 106 ? 10.786  11.583  -1.545  1.00 51.69 ? 104  LEU A CG    1 
ATOM   844  C  CD1   . LEU A 1 106 ? 10.226  10.221  -1.960  1.00 53.18 ? 104  LEU A CD1   1 
ATOM   845  C  CD2   . LEU A 1 106 ? 11.616  12.200  -2.673  1.00 50.40 ? 104  LEU A CD2   1 
ATOM   846  N  N     . ALA A 1 107 ? 8.218   14.670  0.828   1.00 50.52 ? 105  ALA A N     1 
ATOM   847  C  CA    . ALA A 1 107 ? 7.124   15.611  1.067   1.00 50.46 ? 105  ALA A CA    1 
ATOM   848  C  C     . ALA A 1 107 ? 7.661   17.004  1.420   1.00 50.74 ? 105  ALA A C     1 
ATOM   849  O  O     . ALA A 1 107 ? 7.149   18.020  0.936   1.00 50.91 ? 105  ALA A O     1 
ATOM   850  C  CB    . ALA A 1 107 ? 6.191   15.102  2.124   1.00 50.37 ? 105  ALA A CB    1 
ATOM   851  N  N     . ASN A 1 108 ? 8.715   17.054  2.234   1.00 50.93 ? 106  ASN A N     1 
ATOM   852  C  CA    . ASN A 1 108 ? 9.375   18.331  2.550   1.00 50.76 ? 106  ASN A CA    1 
ATOM   853  C  C     . ASN A 1 108 ? 9.945   19.021  1.328   1.00 50.91 ? 106  ASN A C     1 
ATOM   854  O  O     . ASN A 1 108 ? 10.049  20.247  1.295   1.00 51.06 ? 106  ASN A O     1 
ATOM   855  C  CB    . ASN A 1 108 ? 10.443  18.156  3.629   1.00 50.22 ? 106  ASN A CB    1 
ATOM   856  C  CG    . ASN A 1 108 ? 9.851   17.752  4.964   1.00 50.01 ? 106  ASN A CG    1 
ATOM   857  O  OD1   . ASN A 1 108 ? 8.630   17.883  5.195   1.00 49.97 ? 106  ASN A OD1   1 
ATOM   858  N  ND2   . ASN A 1 108 ? 10.696  17.236  5.847   1.00 47.33 ? 106  ASN A ND2   1 
ATOM   859  N  N     . ARG A 1 109 ? 10.280  18.230  0.315   1.00 51.23 ? 107  ARG A N     1 
ATOM   860  C  CA    . ARG A 1 109 ? 10.816  18.770  -0.925  1.00 51.72 ? 107  ARG A CA    1 
ATOM   861  C  C     . ARG A 1 109 ? 9.766   19.252  -1.918  1.00 51.35 ? 107  ARG A C     1 
ATOM   862  O  O     . ARG A 1 109 ? 10.125  19.812  -2.940  1.00 51.67 ? 107  ARG A O     1 
ATOM   863  C  CB    . ARG A 1 109 ? 11.750  17.767  -1.605  1.00 52.19 ? 107  ARG A CB    1 
ATOM   864  C  CG    . ARG A 1 109 ? 13.136  17.735  -1.004  1.00 54.18 ? 107  ARG A CG    1 
ATOM   865  C  CD    . ARG A 1 109 ? 14.119  17.137  -1.992  1.00 58.86 ? 107  ARG A CD    1 
ATOM   866  N  NE    . ARG A 1 109 ? 15.219  16.456  -1.312  1.00 62.20 ? 107  ARG A NE    1 
ATOM   867  C  CZ    . ARG A 1 109 ? 16.144  17.064  -0.569  1.00 63.18 ? 107  ARG A CZ    1 
ATOM   868  N  NH1   . ARG A 1 109 ? 16.119  18.380  -0.394  1.00 63.70 ? 107  ARG A NH1   1 
ATOM   869  N  NH2   . ARG A 1 109 ? 17.099  16.348  0.008   1.00 63.95 ? 107  ARG A NH2   1 
ATOM   870  N  N     . GLY A 1 110 ? 8.483   19.036  -1.639  1.00 51.02 ? 108  GLY A N     1 
ATOM   871  C  CA    . GLY A 1 110 ? 7.436   19.540  -2.519  1.00 50.52 ? 108  GLY A CA    1 
ATOM   872  C  C     . GLY A 1 110 ? 6.697   18.467  -3.286  1.00 50.75 ? 108  GLY A C     1 
ATOM   873  O  O     . GLY A 1 110 ? 5.727   18.765  -3.978  1.00 51.17 ? 108  GLY A O     1 
ATOM   874  N  N     . TYR A 1 111 ? 7.127   17.212  -3.160  1.00 50.74 ? 109  TYR A N     1 
ATOM   875  C  CA    . TYR A 1 111 ? 6.444   16.102  -3.833  1.00 50.72 ? 109  TYR A CA    1 
ATOM   876  C  C     . TYR A 1 111 ? 5.179   15.693  -3.107  1.00 50.93 ? 109  TYR A C     1 
ATOM   877  O  O     . TYR A 1 111 ? 5.137   15.672  -1.866  1.00 50.93 ? 109  TYR A O     1 
ATOM   878  C  CB    . TYR A 1 111 ? 7.366   14.889  -3.995  1.00 50.60 ? 109  TYR A CB    1 
ATOM   879  C  CG    . TYR A 1 111 ? 8.569   15.200  -4.844  1.00 51.24 ? 109  TYR A CG    1 
ATOM   880  C  CD1   . TYR A 1 111 ? 9.811   15.458  -4.258  1.00 52.04 ? 109  TYR A CD1   1 
ATOM   881  C  CD2   . TYR A 1 111 ? 8.464   15.287  -6.228  1.00 50.62 ? 109  TYR A CD2   1 
ATOM   882  C  CE1   . TYR A 1 111 ? 10.919  15.780  -5.029  1.00 51.63 ? 109  TYR A CE1   1 
ATOM   883  C  CE2   . TYR A 1 111 ? 9.559   15.607  -7.000  1.00 51.52 ? 109  TYR A CE2   1 
ATOM   884  C  CZ    . TYR A 1 111 ? 10.787  15.850  -6.401  1.00 51.45 ? 109  TYR A CZ    1 
ATOM   885  O  OH    . TYR A 1 111 ? 11.874  16.162  -7.184  1.00 50.64 ? 109  TYR A OH    1 
ATOM   886  N  N     . ARG A 1 112 ? 4.151   15.376  -3.891  1.00 51.01 ? 110  ARG A N     1 
ATOM   887  C  CA    . ARG A 1 112 ? 2.960   14.716  -3.389  1.00 51.10 ? 110  ARG A CA    1 
ATOM   888  C  C     . ARG A 1 112 ? 3.259   13.221  -3.327  1.00 51.73 ? 110  ARG A C     1 
ATOM   889  O  O     . ARG A 1 112 ? 3.453   12.586  -4.368  1.00 51.92 ? 110  ARG A O     1 
ATOM   890  C  CB    . ARG A 1 112 ? 1.782   14.977  -4.314  1.00 50.71 ? 110  ARG A CB    1 
ATOM   891  C  CG    . ARG A 1 112 ? 0.560   14.213  -3.916  1.00 49.74 ? 110  ARG A CG    1 
ATOM   892  C  CD    . ARG A 1 112 ? -0.622  14.540  -4.776  1.00 48.29 ? 110  ARG A CD    1 
ATOM   893  N  NE    . ARG A 1 112 ? -1.741  13.738  -4.308  1.00 48.75 ? 110  ARG A NE    1 
ATOM   894  C  CZ    . ARG A 1 112 ? -2.680  13.206  -5.075  1.00 46.63 ? 110  ARG A CZ    1 
ATOM   895  N  NH1   . ARG A 1 112 ? -2.656  13.377  -6.375  1.00 49.75 ? 110  ARG A NH1   1 
ATOM   896  N  NH2   . ARG A 1 112 ? -3.625  12.477  -4.535  1.00 46.75 ? 110  ARG A NH2   1 
ATOM   897  N  N     . VAL A 1 113 ? 3.312   12.670  -2.116  1.00 52.30 ? 111  VAL A N     1 
ATOM   898  C  CA    . VAL A 1 113 ? 3.686   11.260  -1.932  1.00 52.79 ? 111  VAL A CA    1 
ATOM   899  C  C     . VAL A 1 113 ? 2.456   10.451  -1.538  1.00 53.19 ? 111  VAL A C     1 
ATOM   900  O  O     . VAL A 1 113 ? 1.870   10.724  -0.497  1.00 53.44 ? 111  VAL A O     1 
ATOM   901  C  CB    . VAL A 1 113 ? 4.764   11.078  -0.846  1.00 52.67 ? 111  VAL A CB    1 
ATOM   902  C  CG1   . VAL A 1 113 ? 5.266   9.638   -0.826  1.00 52.12 ? 111  VAL A CG1   1 
ATOM   903  C  CG2   . VAL A 1 113 ? 5.914   12.056  -1.051  1.00 52.34 ? 111  VAL A CG2   1 
ATOM   904  N  N     . ILE A 1 114 ? 2.067   9.482   -2.374  1.00 53.52 ? 112  ILE A N     1 
ATOM   905  C  CA    . ILE A 1 114 ? 0.892   8.635   -2.127  1.00 53.95 ? 112  ILE A CA    1 
ATOM   906  C  C     . ILE A 1 114 ? 1.387   7.238   -1.803  1.00 54.73 ? 112  ILE A C     1 
ATOM   907  O  O     . ILE A 1 114 ? 2.086   6.624   -2.605  1.00 55.67 ? 112  ILE A O     1 
ATOM   908  C  CB    . ILE A 1 114 ? -0.030  8.518   -3.354  1.00 53.35 ? 112  ILE A CB    1 
ATOM   909  C  CG1   . ILE A 1 114 ? -0.501  9.884   -3.835  1.00 52.85 ? 112  ILE A CG1   1 
ATOM   910  C  CG2   . ILE A 1 114 ? -1.214  7.657   -3.018  1.00 53.51 ? 112  ILE A CG2   1 
ATOM   911  C  CD1   . ILE A 1 114 ? -1.150  9.855   -5.199  1.00 51.23 ? 112  ILE A CD1   1 
ATOM   912  N  N     . VAL A 1 115 ? 1.005   6.720   -0.646  1.00 55.16 ? 113  VAL A N     1 
ATOM   913  C  CA    . VAL A 1 115 ? 1.599   5.497   -0.122  1.00 55.45 ? 113  VAL A CA    1 
ATOM   914  C  C     . VAL A 1 115 ? 0.507   4.475   0.213   1.00 55.86 ? 113  VAL A C     1 
ATOM   915  O  O     . VAL A 1 115 ? -0.418  4.769   0.990   1.00 56.86 ? 113  VAL A O     1 
ATOM   916  C  CB    . VAL A 1 115 ? 2.539   5.866   1.065   1.00 55.08 ? 113  VAL A CB    1 
ATOM   917  C  CG1   . VAL A 1 115 ? 2.337   5.006   2.283   1.00 55.06 ? 113  VAL A CG1   1 
ATOM   918  C  CG2   . VAL A 1 115 ? 3.977   5.857   0.594   1.00 55.50 ? 113  VAL A CG2   1 
ATOM   919  N  N     . ALA A 1 116 ? 0.583   3.300   -0.402  1.00 55.75 ? 114  ALA A N     1 
ATOM   920  C  CA    . ALA A 1 116 ? -0.396  2.238   -0.143  1.00 55.68 ? 114  ALA A CA    1 
ATOM   921  C  C     . ALA A 1 116 ? 0.241   0.976   0.467   1.00 55.61 ? 114  ALA A C     1 
ATOM   922  O  O     . ALA A 1 116 ? 1.259   0.486   -0.014  1.00 55.78 ? 114  ALA A O     1 
ATOM   923  C  CB    . ALA A 1 116 ? -1.150  1.901   -1.409  1.00 55.43 ? 114  ALA A CB    1 
ATOM   924  N  N     . GLY A 1 117 ? -0.360  0.451   1.526   1.00 55.48 ? 115  GLY A N     1 
ATOM   925  C  CA    . GLY A 1 117 ? 0.187   -0.723  2.206   1.00 55.45 ? 115  GLY A CA    1 
ATOM   926  C  C     . GLY A 1 117 ? -0.760  -1.313  3.234   1.00 55.42 ? 115  GLY A C     1 
ATOM   927  O  O     . GLY A 1 117 ? -1.691  -0.650  3.675   1.00 55.57 ? 115  GLY A O     1 
ATOM   928  N  N     . LEU A 1 118 ? -0.523  -2.568  3.607   1.00 55.45 ? 116  LEU A N     1 
ATOM   929  C  CA    . LEU A 1 118 ? -1.299  -3.249  4.640   1.00 55.23 ? 116  LEU A CA    1 
ATOM   930  C  C     . LEU A 1 118 ? -1.157  -2.545  5.986   1.00 55.51 ? 116  LEU A C     1 
ATOM   931  O  O     . LEU A 1 118 ? -0.042  -2.222  6.405   1.00 55.50 ? 116  LEU A O     1 
ATOM   932  C  CB    . LEU A 1 118 ? -0.818  -4.699  4.769   1.00 55.13 ? 116  LEU A CB    1 
ATOM   933  C  CG    . LEU A 1 118 ? -1.128  -5.692  3.637   1.00 54.73 ? 116  LEU A CG    1 
ATOM   934  C  CD1   . LEU A 1 118 ? -0.239  -6.887  3.771   1.00 54.78 ? 116  LEU A CD1   1 
ATOM   935  C  CD2   . LEU A 1 118 ? -2.582  -6.143  3.619   1.00 53.81 ? 116  LEU A CD2   1 
ATOM   936  N  N     . ASP A 1 119 ? -2.271  -2.284  6.660   1.00 55.69 ? 117  ASP A N     1 
ATOM   937  C  CA    . ASP A 1 119 ? -2.197  -1.808  8.043   1.00 56.48 ? 117  ASP A CA    1 
ATOM   938  C  C     . ASP A 1 119 ? -1.746  -2.945  8.973   1.00 56.88 ? 117  ASP A C     1 
ATOM   939  O  O     . ASP A 1 119 ? -0.976  -2.716  9.911   1.00 56.71 ? 117  ASP A O     1 
ATOM   940  C  CB    . ASP A 1 119 ? -3.530  -1.199  8.515   1.00 56.62 ? 117  ASP A CB    1 
ATOM   941  C  CG    . ASP A 1 119 ? -4.756  -2.112  8.245   1.00 58.84 ? 117  ASP A CG    1 
ATOM   942  O  OD1   . ASP A 1 119 ? -4.652  -3.120  7.480   1.00 60.32 ? 117  ASP A OD1   1 
ATOM   943  O  OD2   . ASP A 1 119 ? -5.841  -1.811  8.805   1.00 58.33 ? 117  ASP A OD2   1 
ATOM   944  N  N     . GLN A 1 120 ? -2.212  -4.172  8.695   1.00 57.34 ? 118  GLN A N     1 
ATOM   945  C  CA    . GLN A 1 120 ? -1.944  -5.330  9.566   1.00 57.66 ? 118  GLN A CA    1 
ATOM   946  C  C     . GLN A 1 120 ? -1.514  -6.566  8.777   1.00 57.41 ? 118  GLN A C     1 
ATOM   947  O  O     . GLN A 1 120 ? -1.967  -6.766  7.634   1.00 57.22 ? 118  GLN A O     1 
ATOM   948  C  CB    . GLN A 1 120 ? -3.191  -5.703  10.387  1.00 57.54 ? 118  GLN A CB    1 
ATOM   949  C  CG    . GLN A 1 120 ? -4.148  -4.565  10.687  1.00 58.18 ? 118  GLN A CG    1 
ATOM   950  C  CD    . GLN A 1 120 ? -5.420  -5.023  11.365  1.00 58.56 ? 118  GLN A CD    1 
ATOM   951  O  OE1   . GLN A 1 120 ? -5.544  -6.185  11.773  1.00 59.18 ? 118  GLN A OE1   1 
ATOM   952  N  NE2   . GLN A 1 120 ? -6.377  -4.103  11.505  1.00 58.82 ? 118  GLN A NE2   1 
ATOM   953  N  N     . ASP A 1 121 ? -0.668  -7.403  9.393   1.00 56.87 ? 119  ASP A N     1 
ATOM   954  C  CA    . ASP A 1 121 ? -0.380  -8.731  8.835   1.00 56.54 ? 119  ASP A CA    1 
ATOM   955  C  C     . ASP A 1 121 ? -1.539  -9.700  9.098   1.00 56.57 ? 119  ASP A C     1 
ATOM   956  O  O     . ASP A 1 121 ? -2.558  -9.310  9.693   1.00 56.60 ? 119  ASP A O     1 
ATOM   957  C  CB    . ASP A 1 121 ? 0.976   -9.289  9.304   1.00 56.24 ? 119  ASP A CB    1 
ATOM   958  C  CG    . ASP A 1 121 ? 0.999   -9.656  10.773  1.00 56.62 ? 119  ASP A CG    1 
ATOM   959  O  OD1   . ASP A 1 121 ? -0.063  -9.666  11.428  1.00 57.77 ? 119  ASP A OD1   1 
ATOM   960  O  OD2   . ASP A 1 121 ? 2.105   -9.940  11.284  1.00 56.87 ? 119  ASP A OD2   1 
ATOM   961  N  N     . PHE A 1 122 ? -1.396  -10.948 8.648   1.00 56.41 ? 120  PHE A N     1 
ATOM   962  C  CA    . PHE A 1 122 ? -2.467  -11.937 8.770   1.00 56.21 ? 120  PHE A CA    1 
ATOM   963  C  C     . PHE A 1 122 ? -2.808  -12.288 10.217  1.00 56.41 ? 120  PHE A C     1 
ATOM   964  O  O     . PHE A 1 122 ? -3.807  -12.960 10.472  1.00 56.73 ? 120  PHE A O     1 
ATOM   965  C  CB    . PHE A 1 122 ? -2.144  -13.215 7.967   1.00 56.27 ? 120  PHE A CB    1 
ATOM   966  C  CG    . PHE A 1 122 ? -1.087  -14.106 8.591   1.00 55.39 ? 120  PHE A CG    1 
ATOM   967  C  CD1   . PHE A 1 122 ? -1.450  -15.130 9.475   1.00 54.76 ? 120  PHE A CD1   1 
ATOM   968  C  CD2   . PHE A 1 122 ? 0.261   -13.945 8.272   1.00 54.41 ? 120  PHE A CD2   1 
ATOM   969  C  CE1   . PHE A 1 122 ? -0.483  -15.963 10.048  1.00 53.77 ? 120  PHE A CE1   1 
ATOM   970  C  CE2   . PHE A 1 122 ? 1.240   -14.775 8.847   1.00 54.57 ? 120  PHE A CE2   1 
ATOM   971  C  CZ    . PHE A 1 122 ? 0.864   -15.785 9.734   1.00 54.49 ? 120  PHE A CZ    1 
ATOM   972  N  N     . ARG A 1 123 ? -1.967  -11.846 11.147  1.00 56.44 ? 121  ARG A N     1 
ATOM   973  C  CA    . ARG A 1 123 ? -2.123  -12.152 12.565  1.00 56.72 ? 121  ARG A CA    1 
ATOM   974  C  C     . ARG A 1 123 ? -2.879  -11.045 13.292  1.00 57.09 ? 121  ARG A C     1 
ATOM   975  O  O     . ARG A 1 123 ? -3.228  -11.190 14.468  1.00 57.42 ? 121  ARG A O     1 
ATOM   976  C  CB    . ARG A 1 123 ? -0.748  -12.369 13.194  1.00 56.61 ? 121  ARG A CB    1 
ATOM   977  C  CG    . ARG A 1 123 ? 0.069   -13.421 12.431  1.00 57.60 ? 121  ARG A CG    1 
ATOM   978  C  CD    . ARG A 1 123 ? 1.470   -13.605 12.939  1.00 56.98 ? 121  ARG A CD    1 
ATOM   979  N  NE    . ARG A 1 123 ? 2.280   -12.423 12.718  1.00 58.32 ? 121  ARG A NE    1 
ATOM   980  C  CZ    . ARG A 1 123 ? 3.500   -12.261 13.215  1.00 59.53 ? 121  ARG A CZ    1 
ATOM   981  N  NH1   . ARG A 1 123 ? 4.050   -13.220 13.954  1.00 60.02 ? 121  ARG A NH1   1 
ATOM   982  N  NH2   . ARG A 1 123 ? 4.169   -11.135 12.982  1.00 60.30 ? 121  ARG A NH2   1 
ATOM   983  N  N     . GLY A 1 124 ? -3.143  -9.945  12.590  1.00 57.04 ? 122  GLY A N     1 
ATOM   984  C  CA    . GLY A 1 124 ? -3.759  -8.789  13.198  1.00 57.05 ? 122  GLY A CA    1 
ATOM   985  C  C     . GLY A 1 124 ? -2.750  -7.796  13.762  1.00 57.37 ? 122  GLY A C     1 
ATOM   986  O  O     . GLY A 1 124 ? -3.145  -6.722  14.257  1.00 57.71 ? 122  GLY A O     1 
ATOM   987  N  N     . LEU A 1 125 ? -1.457  -8.133  13.691  1.00 56.99 ? 123  LEU A N     1 
ATOM   988  C  CA    . LEU A 1 125 ? -0.403  -7.231  14.163  1.00 56.82 ? 123  LEU A CA    1 
ATOM   989  C  C     . LEU A 1 125 ? -0.169  -6.061  13.193  1.00 57.00 ? 123  LEU A C     1 
ATOM   990  O  O     . LEU A 1 125 ? -0.197  -6.264  11.966  1.00 56.94 ? 123  LEU A O     1 
ATOM   991  C  CB    . LEU A 1 125 ? 0.886   -7.999  14.395  1.00 56.63 ? 123  LEU A CB    1 
ATOM   992  C  CG    . LEU A 1 125 ? 0.839   -9.063  15.500  1.00 57.02 ? 123  LEU A CG    1 
ATOM   993  C  CD1   . LEU A 1 125 ? 2.168   -9.825  15.586  1.00 56.83 ? 123  LEU A CD1   1 
ATOM   994  C  CD2   . LEU A 1 125 ? 0.481   -8.466  16.860  1.00 56.29 ? 123  LEU A CD2   1 
ATOM   995  N  N     . PRO A 1 126 ? 0.022   -4.825  13.734  1.00 56.91 ? 124  PRO A N     1 
ATOM   996  C  CA    . PRO A 1 126 ? 0.365   -3.640  12.919  1.00 56.74 ? 124  PRO A CA    1 
ATOM   997  C  C     . PRO A 1 126 ? 1.563   -3.980  12.053  1.00 56.70 ? 124  PRO A C     1 
ATOM   998  O  O     . PRO A 1 126 ? 2.504   -4.582  12.560  1.00 56.60 ? 124  PRO A O     1 
ATOM   999  C  CB    . PRO A 1 126 ? 0.746   -2.594  13.974  1.00 56.43 ? 124  PRO A CB    1 
ATOM   1000 C  CG    . PRO A 1 126 ? -0.073  -2.955  15.132  1.00 56.47 ? 124  PRO A CG    1 
ATOM   1001 C  CD    . PRO A 1 126 ? -0.083  -4.469  15.162  1.00 56.71 ? 124  PRO A CD    1 
ATOM   1002 N  N     . PHE A 1 127 ? 1.537   -3.625  10.771  1.00 57.11 ? 125  PHE A N     1 
ATOM   1003 C  CA    . PHE A 1 127 ? 2.471   -4.259  9.843   1.00 57.66 ? 125  PHE A CA    1 
ATOM   1004 C  C     . PHE A 1 127 ? 3.887   -3.749  9.867   1.00 58.43 ? 125  PHE A C     1 
ATOM   1005 O  O     . PHE A 1 127 ? 4.732   -4.262  10.610  1.00 59.69 ? 125  PHE A O     1 
ATOM   1006 C  CB    . PHE A 1 127 ? 1.956   -4.355  8.405   1.00 57.45 ? 125  PHE A CB    1 
ATOM   1007 C  CG    . PHE A 1 127 ? 2.569   -5.498  7.618   1.00 57.22 ? 125  PHE A CG    1 
ATOM   1008 C  CD1   . PHE A 1 127 ? 1.760   -6.453  7.009   1.00 57.03 ? 125  PHE A CD1   1 
ATOM   1009 C  CD2   . PHE A 1 127 ? 3.964   -5.623  7.490   1.00 57.12 ? 125  PHE A CD2   1 
ATOM   1010 C  CE1   . PHE A 1 127 ? 2.325   -7.516  6.285   1.00 56.54 ? 125  PHE A CE1   1 
ATOM   1011 C  CE2   . PHE A 1 127 ? 4.542   -6.683  6.768   1.00 56.25 ? 125  PHE A CE2   1 
ATOM   1012 C  CZ    . PHE A 1 127 ? 3.720   -7.632  6.170   1.00 56.58 ? 125  PHE A CZ    1 
ATOM   1013 N  N     . GLY A 1 128 ? 4.219   -2.805  9.022   1.00 58.89 ? 126  GLY A N     1 
ATOM   1014 C  CA    . GLY A 1 128 ? 5.654   -2.585  8.881   1.00 59.13 ? 126  GLY A CA    1 
ATOM   1015 C  C     . GLY A 1 128 ? 5.940   -1.336  9.641   1.00 59.31 ? 126  GLY A C     1 
ATOM   1016 O  O     . GLY A 1 128 ? 5.974   -1.318  10.871  1.00 59.07 ? 126  GLY A O     1 
ATOM   1017 N  N     . GLN A 1 129 ? 6.093   -0.283  8.861   1.00 59.47 ? 127  GLN A N     1 
ATOM   1018 C  CA    . GLN A 1 129 ? 6.203   1.045   9.360   1.00 59.73 ? 127  GLN A CA    1 
ATOM   1019 C  C     . GLN A 1 129 ? 4.976   1.806   8.906   1.00 59.28 ? 127  GLN A C     1 
ATOM   1020 O  O     . GLN A 1 129 ? 4.892   3.022   9.077   1.00 59.48 ? 127  GLN A O     1 
ATOM   1021 C  CB    . GLN A 1 129 ? 7.469   1.654   8.809   1.00 60.00 ? 127  GLN A CB    1 
ATOM   1022 C  CG    . GLN A 1 129 ? 8.667   0.790   9.117   1.00 62.21 ? 127  GLN A CG    1 
ATOM   1023 C  CD    . GLN A 1 129 ? 9.910   1.601   9.193   1.00 66.28 ? 127  GLN A CD    1 
ATOM   1024 O  OE1   . GLN A 1 129 ? 10.037  2.634   8.522   1.00 68.80 ? 127  GLN A OE1   1 
ATOM   1025 N  NE2   . GLN A 1 129 ? 10.847  1.166   10.024  1.00 67.88 ? 127  GLN A NE2   1 
ATOM   1026 N  N     . VAL A 1 130 ? 4.012   1.074   8.345   1.00 58.68 ? 128  VAL A N     1 
ATOM   1027 C  CA    . VAL A 1 130 ? 2.703   1.643   8.028   1.00 58.04 ? 128  VAL A CA    1 
ATOM   1028 C  C     . VAL A 1 130 ? 2.104   2.415   9.221   1.00 57.74 ? 128  VAL A C     1 
ATOM   1029 O  O     . VAL A 1 130 ? 1.671   3.546   9.043   1.00 57.76 ? 128  VAL A O     1 
ATOM   1030 C  CB    . VAL A 1 130 ? 1.730   0.594   7.440   1.00 58.01 ? 128  VAL A CB    1 
ATOM   1031 C  CG1   . VAL A 1 130 ? 0.354   1.183   7.257   1.00 57.61 ? 128  VAL A CG1   1 
ATOM   1032 C  CG2   . VAL A 1 130 ? 2.252   0.098   6.108   1.00 57.62 ? 128  VAL A CG2   1 
ATOM   1033 N  N     . PRO A 1 131 ? 2.117   1.835   10.442  1.00 57.78 ? 129  PRO A N     1 
ATOM   1034 C  CA    . PRO A 1 131 ? 1.739   2.625   11.625  1.00 57.83 ? 129  PRO A CA    1 
ATOM   1035 C  C     . PRO A 1 131 ? 2.402   4.008   11.704  1.00 57.91 ? 129  PRO A C     1 
ATOM   1036 O  O     . PRO A 1 131 ? 1.708   5.007   11.890  1.00 58.11 ? 129  PRO A O     1 
ATOM   1037 C  CB    . PRO A 1 131 ? 2.207   1.750   12.786  1.00 57.53 ? 129  PRO A CB    1 
ATOM   1038 C  CG    . PRO A 1 131 ? 2.081   0.382   12.274  1.00 57.30 ? 129  PRO A CG    1 
ATOM   1039 C  CD    . PRO A 1 131 ? 2.445   0.445   10.820  1.00 57.94 ? 129  PRO A CD    1 
ATOM   1040 N  N     . GLN A 1 132 ? 3.723   4.068   11.553  1.00 57.80 ? 130  GLN A N     1 
ATOM   1041 C  CA    . GLN A 1 132 ? 4.428   5.349   11.585  1.00 57.76 ? 130  GLN A CA    1 
ATOM   1042 C  C     . GLN A 1 132 ? 4.060   6.272   10.421  1.00 57.34 ? 130  GLN A C     1 
ATOM   1043 O  O     . GLN A 1 132 ? 3.981   7.490   10.598  1.00 57.29 ? 130  GLN A O     1 
ATOM   1044 C  CB    . GLN A 1 132 ? 5.941   5.142   11.634  1.00 58.02 ? 130  GLN A CB    1 
ATOM   1045 C  CG    . GLN A 1 132 ? 6.450   4.825   13.016  1.00 59.55 ? 130  GLN A CG    1 
ATOM   1046 C  CD    . GLN A 1 132 ? 6.381   3.349   13.352  1.00 62.18 ? 130  GLN A CD    1 
ATOM   1047 O  OE1   . GLN A 1 132 ? 5.561   2.589   12.821  1.00 63.01 ? 130  GLN A OE1   1 
ATOM   1048 N  NE2   . GLN A 1 132 ? 7.266   2.930   14.241  1.00 64.53 ? 130  GLN A NE2   1 
ATOM   1049 N  N     . LEU A 1 133 ? 3.845   5.694   9.237   1.00 56.72 ? 131  LEU A N     1 
ATOM   1050 C  CA    . LEU A 1 133 ? 3.469   6.469   8.067   1.00 55.88 ? 131  LEU A CA    1 
ATOM   1051 C  C     . LEU A 1 133 ? 2.102   7.073   8.320   1.00 56.02 ? 131  LEU A C     1 
ATOM   1052 O  O     . LEU A 1 133 ? 1.863   8.244   7.985   1.00 56.16 ? 131  LEU A O     1 
ATOM   1053 C  CB    . LEU A 1 133 ? 3.457   5.597   6.816   1.00 55.61 ? 131  LEU A CB    1 
ATOM   1054 C  CG    . LEU A 1 133 ? 4.830   5.130   6.332   1.00 54.87 ? 131  LEU A CG    1 
ATOM   1055 C  CD1   . LEU A 1 133 ? 4.725   3.906   5.443   1.00 53.17 ? 131  LEU A CD1   1 
ATOM   1056 C  CD2   . LEU A 1 133 ? 5.560   6.260   5.620   1.00 55.06 ? 131  LEU A CD2   1 
ATOM   1057 N  N     . MET A 1 134 ? 1.222   6.287   8.943   1.00 55.56 ? 132  MET A N     1 
ATOM   1058 C  CA    . MET A 1 134 ? -0.111  6.763   9.280   1.00 55.51 ? 132  MET A CA    1 
ATOM   1059 C  C     . MET A 1 134 ? -0.051  7.958   10.220  1.00 55.25 ? 132  MET A C     1 
ATOM   1060 O  O     . MET A 1 134 ? -0.714  8.972   9.979   1.00 55.70 ? 132  MET A O     1 
ATOM   1061 C  CB    . MET A 1 134 ? -0.952  5.651   9.869   1.00 55.33 ? 132  MET A CB    1 
ATOM   1062 C  CG    . MET A 1 134 ? -1.425  4.688   8.815   1.00 56.20 ? 132  MET A CG    1 
ATOM   1063 S  SD    . MET A 1 134 ? -2.202  3.232   9.515   1.00 56.41 ? 132  MET A SD    1 
ATOM   1064 C  CE    . MET A 1 134 ? -3.873  3.857   9.767   1.00 56.65 ? 132  MET A CE    1 
ATOM   1065 N  N     . ALA A 1 135 ? 0.776   7.857   11.259  1.00 54.42 ? 133  ALA A N     1 
ATOM   1066 C  CA    . ALA A 1 135 ? 0.890   8.918   12.240  1.00 53.66 ? 133  ALA A CA    1 
ATOM   1067 C  C     . ALA A 1 135 ? 1.335   10.216  11.589  1.00 53.65 ? 133  ALA A C     1 
ATOM   1068 O  O     . ALA A 1 135 ? 0.793   11.273  11.889  1.00 54.28 ? 133  ALA A O     1 
ATOM   1069 C  CB    . ALA A 1 135 ? 1.839   8.530   13.342  1.00 53.24 ? 133  ALA A CB    1 
ATOM   1070 N  N     . ILE A 1 136 ? 2.308   10.140  10.691  1.00 53.39 ? 134  ILE A N     1 
ATOM   1071 C  CA    . ILE A 1 136 ? 2.990   11.352  10.205  1.00 52.96 ? 134  ILE A CA    1 
ATOM   1072 C  C     . ILE A 1 136 ? 2.324   11.964  8.966   1.00 53.03 ? 134  ILE A C     1 
ATOM   1073 O  O     . ILE A 1 136 ? 2.597   13.119  8.622   1.00 52.90 ? 134  ILE A O     1 
ATOM   1074 C  CB    . ILE A 1 136 ? 4.488   11.088  9.890   1.00 52.76 ? 134  ILE A CB    1 
ATOM   1075 C  CG1   . ILE A 1 136 ? 4.609   10.045  8.777   1.00 52.91 ? 134  ILE A CG1   1 
ATOM   1076 C  CG2   . ILE A 1 136 ? 5.246   10.666  11.152  1.00 51.63 ? 134  ILE A CG2   1 
ATOM   1077 C  CD1   . ILE A 1 136 ? 5.664   10.334  7.787   1.00 53.44 ? 134  ILE A CD1   1 
ATOM   1078 N  N     . ALA A 1 137 ? 1.454   11.187  8.314   1.00 52.85 ? 135  ALA A N     1 
ATOM   1079 C  CA    . ALA A 1 137 ? 0.812   11.601  7.063   1.00 52.48 ? 135  ALA A CA    1 
ATOM   1080 C  C     . ALA A 1 137 ? -0.292  12.658  7.236   1.00 52.24 ? 135  ALA A C     1 
ATOM   1081 O  O     . ALA A 1 137 ? -1.055  12.635  8.209   1.00 52.62 ? 135  ALA A O     1 
ATOM   1082 C  CB    . ALA A 1 137 ? 0.260   10.391  6.360   1.00 52.44 ? 135  ALA A CB    1 
ATOM   1083 N  N     . GLU A 1 138 ? -0.382  13.560  6.271   1.00 51.28 ? 136  GLU A N     1 
ATOM   1084 C  CA    . GLU A 1 138 ? -1.447  14.539  6.228   1.00 51.03 ? 136  GLU A CA    1 
ATOM   1085 C  C     . GLU A 1 138 ? -2.851  13.919  6.006   1.00 51.14 ? 136  GLU A C     1 
ATOM   1086 O  O     . GLU A 1 138 ? -3.859  14.430  6.512   1.00 50.43 ? 136  GLU A O     1 
ATOM   1087 C  CB    . GLU A 1 138 ? -1.127  15.586  5.156   1.00 51.01 ? 136  GLU A CB    1 
ATOM   1088 C  CG    . GLU A 1 138 ? -0.273  16.736  5.651   1.00 51.52 ? 136  GLU A CG    1 
ATOM   1089 C  CD    . GLU A 1 138 ? 1.232   16.637  5.317   1.00 53.62 ? 136  GLU A CD    1 
ATOM   1090 O  OE1   . GLU A 1 138 ? 1.704   15.552  4.924   1.00 53.34 ? 136  GLU A OE1   1 
ATOM   1091 O  OE2   . GLU A 1 138 ? 1.953   17.675  5.448   1.00 55.90 ? 136  GLU A OE2   1 
ATOM   1092 N  N     . HIS A 1 139 ? -2.904  12.828  5.246   1.00 51.86 ? 137  HIS A N     1 
ATOM   1093 C  CA    . HIS A 1 139 ? -4.149  12.118  4.939   1.00 52.53 ? 137  HIS A CA    1 
ATOM   1094 C  C     . HIS A 1 139 ? -3.971  10.620  5.111   1.00 53.23 ? 137  HIS A C     1 
ATOM   1095 O  O     . HIS A 1 139 ? -2.957  10.042  4.693   1.00 53.94 ? 137  HIS A O     1 
ATOM   1096 C  CB    . HIS A 1 139 ? -4.594  12.382  3.511   1.00 52.18 ? 137  HIS A CB    1 
ATOM   1097 C  CG    . HIS A 1 139 ? -4.744  13.831  3.198   1.00 53.75 ? 137  HIS A CG    1 
ATOM   1098 N  ND1   . HIS A 1 139 ? -5.848  14.563  3.577   1.00 55.33 ? 137  HIS A ND1   1 
ATOM   1099 C  CD2   . HIS A 1 139 ? -3.918  14.698  2.564   1.00 54.96 ? 137  HIS A CD2   1 
ATOM   1100 C  CE1   . HIS A 1 139 ? -5.695  15.819  3.190   1.00 55.44 ? 137  HIS A CE1   1 
ATOM   1101 N  NE2   . HIS A 1 139 ? -4.535  15.926  2.567   1.00 55.37 ? 137  HIS A NE2   1 
ATOM   1102 N  N     . VAL A 1 140 ? -4.972  10.002  5.727   1.00 53.65 ? 138  VAL A N     1 
ATOM   1103 C  CA    . VAL A 1 140 ? -5.031  8.566   5.927   1.00 53.86 ? 138  VAL A CA    1 
ATOM   1104 C  C     . VAL A 1 140 ? -6.404  8.095   5.425   1.00 54.20 ? 138  VAL A C     1 
ATOM   1105 O  O     . VAL A 1 140 ? -7.438  8.549   5.929   1.00 53.97 ? 138  VAL A O     1 
ATOM   1106 C  CB    . VAL A 1 140 ? -4.895  8.198   7.443   1.00 53.93 ? 138  VAL A CB    1 
ATOM   1107 C  CG1   . VAL A 1 140 ? -5.127  6.682   7.671   1.00 53.78 ? 138  VAL A CG1   1 
ATOM   1108 C  CG2   . VAL A 1 140 ? -3.548  8.616   7.988   1.00 53.61 ? 138  VAL A CG2   1 
ATOM   1109 N  N     . THR A 1 141 ? -6.408  7.192   4.443   1.00 54.60 ? 139  THR A N     1 
ATOM   1110 C  CA    . THR A 1 141 ? -7.634  6.533   3.974   1.00 54.58 ? 139  THR A CA    1 
ATOM   1111 C  C     . THR A 1 141 ? -7.536  5.069   4.336   1.00 54.84 ? 139  THR A C     1 
ATOM   1112 O  O     . THR A 1 141 ? -6.726  4.337   3.747   1.00 55.58 ? 139  THR A O     1 
ATOM   1113 C  CB    . THR A 1 141 ? -7.788  6.688   2.459   1.00 54.37 ? 139  THR A CB    1 
ATOM   1114 O  OG1   . THR A 1 141 ? -7.766  8.084   2.160   1.00 56.09 ? 139  THR A OG1   1 
ATOM   1115 C  CG2   . THR A 1 141 ? -9.104  6.086   1.945   1.00 52.69 ? 139  THR A CG2   1 
ATOM   1116 N  N     . LYS A 1 142 ? -8.327  4.641   5.316   1.00 54.51 ? 140  LYS A N     1 
ATOM   1117 C  CA    . LYS A 1 142 ? -8.351  3.231   5.695   1.00 54.81 ? 140  LYS A CA    1 
ATOM   1118 C  C     . LYS A 1 142 ? -9.529  2.510   5.016   1.00 54.93 ? 140  LYS A C     1 
ATOM   1119 O  O     . LYS A 1 142 ? -10.677 2.655   5.424   1.00 55.09 ? 140  LYS A O     1 
ATOM   1120 C  CB    . LYS A 1 142 ? -8.395  3.095   7.221   1.00 54.84 ? 140  LYS A CB    1 
ATOM   1121 C  CG    . LYS A 1 142 ? -8.815  1.723   7.728   1.00 54.59 ? 140  LYS A CG    1 
ATOM   1122 C  CD    . LYS A 1 142 ? -7.657  0.847   8.131   1.00 54.03 ? 140  LYS A CD    1 
ATOM   1123 C  CE    . LYS A 1 142 ? -7.053  1.325   9.426   1.00 54.30 ? 140  LYS A CE    1 
ATOM   1124 N  NZ    . LYS A 1 142 ? -6.648  0.206   10.331  1.00 53.28 ? 140  LYS A NZ    1 
ATOM   1125 N  N     . LEU A 1 143 ? -9.229  1.743   3.970   1.00 55.28 ? 141  LEU A N     1 
ATOM   1126 C  CA    . LEU A 1 143 ? -10.242 1.003   3.199   1.00 55.21 ? 141  LEU A CA    1 
ATOM   1127 C  C     . LEU A 1 143 ? -10.749 -0.303  3.879   1.00 55.72 ? 141  LEU A C     1 
ATOM   1128 O  O     . LEU A 1 143 ? -10.025 -0.948  4.653   1.00 55.79 ? 141  LEU A O     1 
ATOM   1129 C  CB    . LEU A 1 143 ? -9.688  0.694   1.807   1.00 54.49 ? 141  LEU A CB    1 
ATOM   1130 C  CG    . LEU A 1 143 ? -9.235  1.890   0.967   1.00 53.65 ? 141  LEU A CG    1 
ATOM   1131 C  CD1   . LEU A 1 143 ? -8.616  1.363   -0.318  1.00 52.75 ? 141  LEU A CD1   1 
ATOM   1132 C  CD2   . LEU A 1 143 ? -10.357 2.862   0.657   1.00 50.31 ? 141  LEU A CD2   1 
ATOM   1133 N  N     . GLN A 1 144 ? -11.993 -0.689  3.590   1.00 56.23 ? 142  GLN A N     1 
ATOM   1134 C  CA    . GLN A 1 144 ? -12.536 -1.971  4.082   1.00 56.21 ? 142  GLN A CA    1 
ATOM   1135 C  C     . GLN A 1 144 ? -13.049 -2.822  2.947   1.00 55.60 ? 142  GLN A C     1 
ATOM   1136 O  O     . GLN A 1 144 ? -13.786 -2.346  2.072   1.00 54.87 ? 142  GLN A O     1 
ATOM   1137 C  CB    . GLN A 1 144 ? -13.663 -1.770  5.091   1.00 56.25 ? 142  GLN A CB    1 
ATOM   1138 C  CG    . GLN A 1 144 ? -13.287 -0.960  6.292   1.00 57.87 ? 142  GLN A CG    1 
ATOM   1139 C  CD    . GLN A 1 144 ? -14.293 -1.103  7.413   1.00 60.81 ? 142  GLN A CD    1 
ATOM   1140 O  OE1   . GLN A 1 144 ? -15.349 -0.466  7.408   1.00 61.29 ? 142  GLN A OE1   1 
ATOM   1141 N  NE2   . GLN A 1 144 ? -13.965 -1.945  8.395   1.00 62.58 ? 142  GLN A NE2   1 
ATOM   1142 N  N     . ALA A 1 145 ? -12.647 -4.092  2.986   1.00 55.54 ? 143  ALA A N     1 
ATOM   1143 C  CA    . ALA A 1 145 ? -13.124 -5.107  2.057   1.00 55.09 ? 143  ALA A CA    1 
ATOM   1144 C  C     . ALA A 1 145 ? -14.384 -5.691  2.660   1.00 55.14 ? 143  ALA A C     1 
ATOM   1145 O  O     . ALA A 1 145 ? -14.917 -5.140  3.629   1.00 55.80 ? 143  ALA A O     1 
ATOM   1146 C  CB    . ALA A 1 145 ? -12.086 -6.159  1.862   1.00 54.60 ? 143  ALA A CB    1 
ATOM   1147 N  N     . VAL A 1 146 ? -14.885 -6.776  2.087   1.00 55.02 ? 144  VAL A N     1 
ATOM   1148 C  CA    . VAL A 1 146 ? -16.067 -7.443  2.635   1.00 55.28 ? 144  VAL A CA    1 
ATOM   1149 C  C     . VAL A 1 146 ? -15.667 -8.772  3.327   1.00 55.47 ? 144  VAL A C     1 
ATOM   1150 O  O     . VAL A 1 146 ? -14.871 -9.542  2.765   1.00 55.93 ? 144  VAL A O     1 
ATOM   1151 C  CB    . VAL A 1 146 ? -17.111 -7.649  1.517   1.00 55.41 ? 144  VAL A CB    1 
ATOM   1152 C  CG1   . VAL A 1 146 ? -18.177 -8.646  1.916   1.00 54.87 ? 144  VAL A CG1   1 
ATOM   1153 C  CG2   . VAL A 1 146 ? -17.731 -6.314  1.143   1.00 55.17 ? 144  VAL A CG2   1 
ATOM   1154 N  N     . CYS A 1 147 ? -16.177 -9.036  4.539   1.00 54.85 ? 145  CYS A N     1 
ATOM   1155 C  CA    . CYS A 1 147 ? -15.801 -10.269 5.242   1.00 54.43 ? 145  CYS A CA    1 
ATOM   1156 C  C     . CYS A 1 147 ? -16.322 -11.415 4.414   1.00 54.53 ? 145  CYS A C     1 
ATOM   1157 O  O     . CYS A 1 147 ? -17.511 -11.466 4.091   1.00 54.33 ? 145  CYS A O     1 
ATOM   1158 C  CB    . CYS A 1 147 ? -16.370 -10.331 6.660   1.00 54.43 ? 145  CYS A CB    1 
ATOM   1159 S  SG    . CYS A 1 147 ? -16.198 -11.962 7.518   1.00 54.12 ? 145  CYS A SG    1 
ATOM   1160 N  N     . SER A 1 148 ? -15.433 -12.325 4.043   1.00 54.64 ? 146  SER A N     1 
ATOM   1161 C  CA    . SER A 1 148 ? -15.841 -13.409 3.156   1.00 55.39 ? 146  SER A CA    1 
ATOM   1162 C  C     . SER A 1 148 ? -16.688 -14.500 3.844   1.00 55.11 ? 146  SER A C     1 
ATOM   1163 O  O     . SER A 1 148 ? -17.347 -15.284 3.156   1.00 55.36 ? 146  SER A O     1 
ATOM   1164 C  CB    . SER A 1 148 ? -14.643 -13.998 2.405   1.00 55.41 ? 146  SER A CB    1 
ATOM   1165 O  OG    . SER A 1 148 ? -13.734 -14.560 3.318   1.00 57.58 ? 146  SER A OG    1 
ATOM   1166 N  N     . VAL A 1 149 ? -16.674 -14.533 5.180   1.00 54.66 ? 147  VAL A N     1 
ATOM   1167 C  CA    . VAL A 1 149 ? -17.550 -15.422 5.957   1.00 54.29 ? 147  VAL A CA    1 
ATOM   1168 C  C     . VAL A 1 149 ? -18.975 -14.854 6.108   1.00 54.44 ? 147  VAL A C     1 
ATOM   1169 O  O     . VAL A 1 149 ? -19.935 -15.491 5.683   1.00 54.40 ? 147  VAL A O     1 
ATOM   1170 C  CB    . VAL A 1 149 ? -16.974 -15.733 7.377   1.00 54.23 ? 147  VAL A CB    1 
ATOM   1171 C  CG1   . VAL A 1 149 ? -17.997 -16.448 8.227   1.00 52.49 ? 147  VAL A CG1   1 
ATOM   1172 C  CG2   . VAL A 1 149 ? -15.698 -16.535 7.283   1.00 53.72 ? 147  VAL A CG2   1 
ATOM   1173 N  N     . CYS A 1 150 ? -19.101 -13.660 6.696   1.00 54.33 ? 148  CYS A N     1 
ATOM   1174 C  CA    . CYS A 1 150 ? -20.407 -13.130 7.121   1.00 54.18 ? 148  CYS A CA    1 
ATOM   1175 C  C     . CYS A 1 150 ? -20.989 -11.979 6.275   1.00 54.90 ? 148  CYS A C     1 
ATOM   1176 O  O     . CYS A 1 150 ? -22.164 -11.638 6.438   1.00 55.36 ? 148  CYS A O     1 
ATOM   1177 C  CB    . CYS A 1 150 ? -20.348 -12.693 8.587   1.00 53.91 ? 148  CYS A CB    1 
ATOM   1178 S  SG    . CYS A 1 150 ? -19.324 -11.234 8.861   1.00 51.88 ? 148  CYS A SG    1 
ATOM   1179 N  N     . GLY A 1 151 ? -20.189 -11.361 5.406   1.00 55.03 ? 149  GLY A N     1 
ATOM   1180 C  CA    . GLY A 1 151 ? -20.720 -10.362 4.490   1.00 55.41 ? 149  GLY A CA    1 
ATOM   1181 C  C     . GLY A 1 151 ? -20.593 -8.919  4.944   1.00 56.12 ? 149  GLY A C     1 
ATOM   1182 O  O     . GLY A 1 151 ? -20.645 -8.001  4.125   1.00 56.51 ? 149  GLY A O     1 
ATOM   1183 N  N     . SER A 1 152 ? -20.417 -8.695  6.241   1.00 56.48 ? 150  SER A N     1 
ATOM   1184 C  CA    . SER A 1 152 ? -20.303 -7.329  6.748   1.00 56.72 ? 150  SER A CA    1 
ATOM   1185 C  C     . SER A 1 152 ? -18.896 -6.779  6.487   1.00 56.58 ? 150  SER A C     1 
ATOM   1186 O  O     . SER A 1 152 ? -18.030 -7.515  6.024   1.00 56.28 ? 150  SER A O     1 
ATOM   1187 C  CB    . SER A 1 152 ? -20.643 -7.308  8.232   1.00 57.03 ? 150  SER A CB    1 
ATOM   1188 O  OG    . SER A 1 152 ? -19.647 -7.992  8.951   1.00 58.37 ? 150  SER A OG    1 
ATOM   1189 N  N     . PRO A 1 153 ? -18.662 -5.474  6.758   1.00 57.01 ? 151  PRO A N     1 
ATOM   1190 C  CA    . PRO A 1 153 ? -17.361 -4.917  6.316   1.00 56.78 ? 151  PRO A CA    1 
ATOM   1191 C  C     . PRO A 1 153 ? -16.216 -5.568  7.069   1.00 56.46 ? 151  PRO A C     1 
ATOM   1192 O  O     . PRO A 1 153 ? -16.366 -5.884  8.247   1.00 56.65 ? 151  PRO A O     1 
ATOM   1193 C  CB    . PRO A 1 153 ? -17.477 -3.421  6.661   1.00 56.78 ? 151  PRO A CB    1 
ATOM   1194 C  CG    . PRO A 1 153 ? -18.970 -3.175  6.808   1.00 56.60 ? 151  PRO A CG    1 
ATOM   1195 C  CD    . PRO A 1 153 ? -19.492 -4.441  7.417   1.00 56.84 ? 151  PRO A CD    1 
ATOM   1196 N  N     . ALA A 1 154 ? -15.103 -5.790  6.378   1.00 56.06 ? 152  ALA A N     1 
ATOM   1197 C  CA    . ALA A 1 154 ? -13.932 -6.459  6.949   1.00 55.71 ? 152  ALA A CA    1 
ATOM   1198 C  C     . ALA A 1 154 ? -12.879 -5.451  7.440   1.00 55.73 ? 152  ALA A C     1 
ATOM   1199 O  O     . ALA A 1 154 ? -12.933 -4.269  7.081   1.00 55.93 ? 152  ALA A O     1 
ATOM   1200 C  CB    . ALA A 1 154 ? -13.336 -7.383  5.915   1.00 55.32 ? 152  ALA A CB    1 
ATOM   1201 N  N     . SER A 1 155 ? -11.924 -5.914  8.248   1.00 55.70 ? 153  SER A N     1 
ATOM   1202 C  CA    . SER A 1 155 ? -10.733 -5.116  8.569   1.00 55.96 ? 153  SER A CA    1 
ATOM   1203 C  C     . SER A 1 155 ? -9.480  -5.956  8.750   1.00 55.89 ? 153  SER A C     1 
ATOM   1204 O  O     . SER A 1 155 ? -8.462  -5.459  9.230   1.00 56.38 ? 153  SER A O     1 
ATOM   1205 C  CB    . SER A 1 155 ? -10.954 -4.275  9.825   1.00 56.21 ? 153  SER A CB    1 
ATOM   1206 O  OG    . SER A 1 155 ? -11.174 -5.100  10.961  1.00 57.01 ? 153  SER A OG    1 
ATOM   1207 N  N     . ARG A 1 156 ? -9.563  -7.231  8.387   1.00 55.92 ? 154  ARG A N     1 
ATOM   1208 C  CA    . ARG A 1 156 ? -8.469  -8.174  8.607   1.00 55.54 ? 154  ARG A CA    1 
ATOM   1209 C  C     . ARG A 1 156 ? -8.198  -8.984  7.343   1.00 55.54 ? 154  ARG A C     1 
ATOM   1210 O  O     . ARG A 1 156 ? -9.105  -9.194  6.525   1.00 55.73 ? 154  ARG A O     1 
ATOM   1211 C  CB    . ARG A 1 156 ? -8.820  -9.135  9.740   1.00 55.24 ? 154  ARG A CB    1 
ATOM   1212 C  CG    . ARG A 1 156 ? -9.267  -8.479  11.019  1.00 54.82 ? 154  ARG A CG    1 
ATOM   1213 C  CD    . ARG A 1 156 ? -8.098  -8.006  11.820  1.00 55.27 ? 154  ARG A CD    1 
ATOM   1214 N  NE    . ARG A 1 156 ? -8.526  -7.339  13.048  1.00 56.24 ? 154  ARG A NE    1 
ATOM   1215 C  CZ    . ARG A 1 156 ? -8.746  -7.957  14.207  1.00 56.51 ? 154  ARG A CZ    1 
ATOM   1216 N  NH1   . ARG A 1 156 ? -8.596  -9.267  14.313  1.00 54.28 ? 154  ARG A NH1   1 
ATOM   1217 N  NH2   . ARG A 1 156 ? -9.126  -7.254  15.264  1.00 57.20 ? 154  ARG A NH2   1 
ATOM   1218 N  N     . THR A 1 157 ? -6.949  -9.425  7.187   1.00 55.13 ? 155  THR A N     1 
ATOM   1219 C  CA    . THR A 1 157 ? -6.601  -10.458 6.206   1.00 54.76 ? 155  THR A CA    1 
ATOM   1220 C  C     . THR A 1 157 ? -6.480  -11.799 6.920   1.00 54.09 ? 155  THR A C     1 
ATOM   1221 O  O     . THR A 1 157 ? -5.714  -11.941 7.881   1.00 53.85 ? 155  THR A O     1 
ATOM   1222 C  CB    . THR A 1 157 ? -5.281  -10.151 5.493   1.00 54.71 ? 155  THR A CB    1 
ATOM   1223 O  OG1   . THR A 1 157 ? -5.341  -8.820  4.963   1.00 57.07 ? 155  THR A OG1   1 
ATOM   1224 C  CG2   . THR A 1 157 ? -5.030  -11.139 4.360   1.00 54.45 ? 155  THR A CG2   1 
ATOM   1225 N  N     . GLN A 1 158 ? -7.262  -12.760 6.440   1.00 53.60 ? 156  GLN A N     1 
ATOM   1226 C  CA    . GLN A 1 158 ? -7.241  -14.136 6.911   1.00 52.95 ? 156  GLN A CA    1 
ATOM   1227 C  C     . GLN A 1 158 ? -6.316  -14.950 6.025   1.00 52.73 ? 156  GLN A C     1 
ATOM   1228 O  O     . GLN A 1 158 ? -6.533  -15.040 4.811   1.00 52.57 ? 156  GLN A O     1 
ATOM   1229 C  CB    . GLN A 1 158 ? -8.647  -14.733 6.835   1.00 52.87 ? 156  GLN A CB    1 
ATOM   1230 C  CG    . GLN A 1 158 ? -8.715  -16.200 7.221   1.00 52.36 ? 156  GLN A CG    1 
ATOM   1231 C  CD    . GLN A 1 158 ? -8.574  -16.395 8.699   1.00 51.70 ? 156  GLN A CD    1 
ATOM   1232 O  OE1   . GLN A 1 158 ? -9.360  -15.852 9.472   1.00 52.47 ? 156  GLN A OE1   1 
ATOM   1233 N  NE2   . GLN A 1 158 ? -7.577  -17.177 9.111   1.00 51.44 ? 156  GLN A NE2   1 
ATOM   1234 N  N     . ARG A 1 159 ? -5.291  -15.543 6.626   1.00 52.48 ? 157  ARG A N     1 
ATOM   1235 C  CA    . ARG A 1 159 ? -4.453  -16.479 5.895   1.00 52.29 ? 157  ARG A CA    1 
ATOM   1236 C  C     . ARG A 1 159 ? -4.994  -17.863 6.168   1.00 52.44 ? 157  ARG A C     1 
ATOM   1237 O  O     . ARG A 1 159 ? -5.242  -18.219 7.317   1.00 52.83 ? 157  ARG A O     1 
ATOM   1238 C  CB    . ARG A 1 159 ? -3.001  -16.379 6.344   1.00 52.27 ? 157  ARG A CB    1 
ATOM   1239 C  CG    . ARG A 1 159 ? -2.016  -17.054 5.422   1.00 51.33 ? 157  ARG A CG    1 
ATOM   1240 C  CD    . ARG A 1 159 ? -0.617  -16.912 5.977   1.00 51.46 ? 157  ARG A CD    1 
ATOM   1241 N  NE    . ARG A 1 159 ? 0.376   -17.560 5.128   1.00 52.45 ? 157  ARG A NE    1 
ATOM   1242 C  CZ    . ARG A 1 159 ? 1.610   -17.894 5.505   1.00 52.85 ? 157  ARG A CZ    1 
ATOM   1243 N  NH1   . ARG A 1 159 ? 2.054   -17.648 6.732   1.00 52.16 ? 157  ARG A NH1   1 
ATOM   1244 N  NH2   . ARG A 1 159 ? 2.407   -18.489 4.632   1.00 54.41 ? 157  ARG A NH2   1 
ATOM   1245 N  N     . LEU A 1 160 ? -5.214  -18.628 5.109   1.00 52.49 ? 158  LEU A N     1 
ATOM   1246 C  CA    . LEU A 1 160 ? -5.637  -20.009 5.245   1.00 52.31 ? 158  LEU A CA    1 
ATOM   1247 C  C     . LEU A 1 160 ? -4.571  -20.901 4.627   1.00 52.59 ? 158  LEU A C     1 
ATOM   1248 O  O     . LEU A 1 160 ? -4.013  -20.572 3.579   1.00 52.18 ? 158  LEU A O     1 
ATOM   1249 C  CB    . LEU A 1 160 ? -6.993  -20.243 4.571   1.00 52.18 ? 158  LEU A CB    1 
ATOM   1250 C  CG    . LEU A 1 160 ? -8.268  -19.568 5.102   1.00 52.37 ? 158  LEU A CG    1 
ATOM   1251 C  CD1   . LEU A 1 160 ? -9.466  -19.836 4.178   1.00 51.06 ? 158  LEU A CD1   1 
ATOM   1252 C  CD2   . LEU A 1 160 ? -8.603  -19.974 6.538   1.00 52.09 ? 158  LEU A CD2   1 
ATOM   1253 N  N     . ILE A 1 161 ? -4.272  -22.018 5.289   1.00 53.00 ? 159  ILE A N     1 
ATOM   1254 C  CA    . ILE A 1 161 ? -3.357  -23.011 4.737   1.00 53.44 ? 159  ILE A CA    1 
ATOM   1255 C  C     . ILE A 1 161 ? -4.061  -24.352 4.769   1.00 54.18 ? 159  ILE A C     1 
ATOM   1256 O  O     . ILE A 1 161 ? -4.551  -24.774 5.811   1.00 54.52 ? 159  ILE A O     1 
ATOM   1257 C  CB    . ILE A 1 161 ? -1.998  -23.042 5.479   1.00 53.07 ? 159  ILE A CB    1 
ATOM   1258 C  CG1   . ILE A 1 161 ? -1.384  -21.638 5.502   1.00 53.22 ? 159  ILE A CG1   1 
ATOM   1259 C  CG2   . ILE A 1 161 ? -1.047  -23.988 4.791   1.00 52.11 ? 159  ILE A CG2   1 
ATOM   1260 C  CD1   . ILE A 1 161 ? -0.215  -21.477 6.420   1.00 53.28 ? 159  ILE A CD1   1 
ATOM   1261 N  N     . ASP A 1 162 ? -4.132  -25.007 3.614   1.00 55.17 ? 160  ASP A N     1 
ATOM   1262 C  CA    . ASP A 1 162 ? -4.921  -26.238 3.452   1.00 56.02 ? 160  ASP A CA    1 
ATOM   1263 C  C     . ASP A 1 162 ? -6.395  -26.032 3.821   1.00 56.53 ? 160  ASP A C     1 
ATOM   1264 O  O     . ASP A 1 162 ? -7.076  -26.996 4.153   1.00 56.92 ? 160  ASP A O     1 
ATOM   1265 C  CB    . ASP A 1 162 ? -4.353  -27.398 4.291   1.00 56.02 ? 160  ASP A CB    1 
ATOM   1266 C  CG    . ASP A 1 162 ? -2.999  -27.894 3.799   1.00 56.42 ? 160  ASP A CG    1 
ATOM   1267 O  OD1   . ASP A 1 162 ? -2.386  -27.244 2.916   1.00 56.68 ? 160  ASP A OD1   1 
ATOM   1268 O  OD2   . ASP A 1 162 ? -2.540  -28.942 4.320   1.00 56.17 ? 160  ASP A OD2   1 
ATOM   1269 N  N     . GLY A 1 163 ? -6.883  -24.793 3.778   1.00 56.93 ? 161  GLY A N     1 
ATOM   1270 C  CA    . GLY A 1 163 ? -8.274  -24.516 4.144   1.00 57.45 ? 161  GLY A CA    1 
ATOM   1271 C  C     . GLY A 1 163 ? -8.512  -24.161 5.608   1.00 57.85 ? 161  GLY A C     1 
ATOM   1272 O  O     . GLY A 1 163 ? -9.556  -23.587 5.945   1.00 58.19 ? 161  GLY A O     1 
ATOM   1273 N  N     . GLU A 1 164 ? -7.553  -24.501 6.474   1.00 57.83 ? 162  GLU A N     1 
ATOM   1274 C  CA    . GLU A 1 164 ? -7.584  -24.131 7.898   1.00 57.77 ? 162  GLU A CA    1 
ATOM   1275 C  C     . GLU A 1 164 ? -6.884  -22.797 8.145   1.00 57.11 ? 162  GLU A C     1 
ATOM   1276 O  O     . GLU A 1 164 ? -5.896  -22.494 7.470   1.00 57.06 ? 162  GLU A O     1 
ATOM   1277 C  CB    . GLU A 1 164 ? -6.868  -25.184 8.753   1.00 58.18 ? 162  GLU A CB    1 
ATOM   1278 C  CG    . GLU A 1 164 ? -7.139  -26.643 8.394   1.00 60.04 ? 162  GLU A CG    1 
ATOM   1279 C  CD    . GLU A 1 164 ? -8.451  -27.182 8.964   1.00 62.23 ? 162  GLU A CD    1 
ATOM   1280 O  OE1   . GLU A 1 164 ? -9.387  -26.376 9.207   1.00 61.72 ? 162  GLU A OE1   1 
ATOM   1281 O  OE2   . GLU A 1 164 ? -8.539  -28.426 9.155   1.00 63.15 ? 162  GLU A OE2   1 
ATOM   1282 N  N     . PRO A 1 165 ? -7.384  -21.998 9.114   1.00 56.55 ? 163  PRO A N     1 
ATOM   1283 C  CA    . PRO A 1 165 ? -6.653  -20.811 9.579   1.00 56.13 ? 163  PRO A CA    1 
ATOM   1284 C  C     . PRO A 1 165 ? -5.179  -21.102 9.862   1.00 55.77 ? 163  PRO A C     1 
ATOM   1285 O  O     . PRO A 1 165 ? -4.865  -22.077 10.550  1.00 56.01 ? 163  PRO A O     1 
ATOM   1286 C  CB    . PRO A 1 165 ? -7.393  -20.438 10.869  1.00 55.78 ? 163  PRO A CB    1 
ATOM   1287 C  CG    . PRO A 1 165 ? -8.796  -20.819 10.583  1.00 55.83 ? 163  PRO A CG    1 
ATOM   1288 C  CD    . PRO A 1 165 ? -8.683  -22.124 9.804   1.00 56.57 ? 163  PRO A CD    1 
ATOM   1289 N  N     . ALA A 1 166 ? -4.294  -20.271 9.312   1.00 55.41 ? 164  ALA A N     1 
ATOM   1290 C  CA    . ALA A 1 166 ? -2.853  -20.382 9.536   1.00 55.35 ? 164  ALA A CA    1 
ATOM   1291 C  C     . ALA A 1 166 ? -2.539  -20.247 11.016  1.00 55.45 ? 164  ALA A C     1 
ATOM   1292 O  O     . ALA A 1 166 ? -3.330  -19.686 11.756  1.00 56.11 ? 164  ALA A O     1 
ATOM   1293 C  CB    . ALA A 1 166 ? -2.126  -19.312 8.762   1.00 55.38 ? 164  ALA A CB    1 
ATOM   1294 N  N     . ALA A 1 167 ? -1.395  -20.764 11.451  1.00 55.35 ? 165  ALA A N     1 
ATOM   1295 C  CA    . ALA A 1 167 ? -0.935  -20.539 12.821  1.00 55.21 ? 165  ALA A CA    1 
ATOM   1296 C  C     . ALA A 1 167 ? -0.302  -19.149 12.940  1.00 55.26 ? 165  ALA A C     1 
ATOM   1297 O  O     . ALA A 1 167 ? 0.078   -18.540 11.942  1.00 55.18 ? 165  ALA A O     1 
ATOM   1298 C  CB    . ALA A 1 167 ? 0.055   -21.623 13.242  1.00 55.20 ? 165  ALA A CB    1 
ATOM   1299 N  N     . PHE A 1 168 ? -0.202  -18.649 14.166  1.00 55.38 ? 166  PHE A N     1 
ATOM   1300 C  CA    . PHE A 1 168 ? 0.453   -17.376 14.452  1.00 55.49 ? 166  PHE A CA    1 
ATOM   1301 C  C     . PHE A 1 168 ? 1.865   -17.323 13.862  1.00 55.99 ? 166  PHE A C     1 
ATOM   1302 O  O     . PHE A 1 168 ? 2.247   -16.347 13.243  1.00 56.17 ? 166  PHE A O     1 
ATOM   1303 C  CB    . PHE A 1 168 ? 0.497   -17.164 15.974  1.00 55.15 ? 166  PHE A CB    1 
ATOM   1304 C  CG    . PHE A 1 168 ? 1.005   -15.811 16.399  1.00 54.72 ? 166  PHE A CG    1 
ATOM   1305 C  CD1   . PHE A 1 168 ? 0.134   -14.711 16.460  1.00 54.52 ? 166  PHE A CD1   1 
ATOM   1306 C  CD2   . PHE A 1 168 ? 2.343   -15.637 16.755  1.00 53.54 ? 166  PHE A CD2   1 
ATOM   1307 C  CE1   . PHE A 1 168 ? 0.589   -13.455 16.857  1.00 53.27 ? 166  PHE A CE1   1 
ATOM   1308 C  CE2   . PHE A 1 168 ? 2.815   -14.392 17.151  1.00 53.45 ? 166  PHE A CE2   1 
ATOM   1309 C  CZ    . PHE A 1 168 ? 1.935   -13.296 17.205  1.00 54.00 ? 166  PHE A CZ    1 
ATOM   1310 N  N     . ASP A 1 169 ? 2.624   -18.393 14.040  1.00 56.91 ? 167  ASP A N     1 
ATOM   1311 C  CA    . ASP A 1 169 ? 4.046   -18.409 13.708  1.00 57.69 ? 167  ASP A CA    1 
ATOM   1312 C  C     . ASP A 1 169 ? 4.373   -19.095 12.368  1.00 57.91 ? 167  ASP A C     1 
ATOM   1313 O  O     . ASP A 1 169 ? 5.499   -19.550 12.166  1.00 58.01 ? 167  ASP A O     1 
ATOM   1314 C  CB    . ASP A 1 169 ? 4.802   -19.108 14.838  1.00 57.86 ? 167  ASP A CB    1 
ATOM   1315 C  CG    . ASP A 1 169 ? 4.196   -20.453 15.182  1.00 58.94 ? 167  ASP A CG    1 
ATOM   1316 O  OD1   . ASP A 1 169 ? 4.723   -21.481 14.704  1.00 59.64 ? 167  ASP A OD1   1 
ATOM   1317 O  OD2   . ASP A 1 169 ? 3.167   -20.477 15.899  1.00 60.51 ? 167  ASP A OD2   1 
ATOM   1318 N  N     . ASP A 1 170 ? 3.399   -19.180 11.463  1.00 58.16 ? 168  ASP A N     1 
ATOM   1319 C  CA    . ASP A 1 170 ? 3.635   -19.770 10.143  1.00 58.29 ? 168  ASP A CA    1 
ATOM   1320 C  C     . ASP A 1 170 ? 4.434   -18.804 9.272   1.00 58.44 ? 168  ASP A C     1 
ATOM   1321 O  O     . ASP A 1 170 ? 4.020   -17.656 9.105   1.00 58.54 ? 168  ASP A O     1 
ATOM   1322 C  CB    . ASP A 1 170 ? 2.309   -20.124 9.459   1.00 58.27 ? 168  ASP A CB    1 
ATOM   1323 C  CG    . ASP A 1 170 ? 1.763   -21.480 9.887   1.00 58.35 ? 168  ASP A CG    1 
ATOM   1324 O  OD1   . ASP A 1 170 ? 2.495   -22.267 10.519  1.00 58.67 ? 168  ASP A OD1   1 
ATOM   1325 O  OD2   . ASP A 1 170 ? 0.589   -21.768 9.581   1.00 58.83 ? 168  ASP A OD2   1 
ATOM   1326 N  N     . PRO A 1 171 ? 5.570   -19.267 8.707   1.00 58.58 ? 169  PRO A N     1 
ATOM   1327 C  CA    . PRO A 1 171 ? 6.471   -18.452 7.884   1.00 59.00 ? 169  PRO A CA    1 
ATOM   1328 C  C     . PRO A 1 171 ? 5.752   -17.788 6.721   1.00 59.67 ? 169  PRO A C     1 
ATOM   1329 O  O     . PRO A 1 171 ? 4.729   -18.291 6.255   1.00 59.88 ? 169  PRO A O     1 
ATOM   1330 C  CB    . PRO A 1 171 ? 7.465   -19.467 7.339   1.00 58.68 ? 169  PRO A CB    1 
ATOM   1331 C  CG    . PRO A 1 171 ? 7.454   -20.552 8.317   1.00 58.75 ? 169  PRO A CG    1 
ATOM   1332 C  CD    . PRO A 1 171 ? 6.055   -20.648 8.824   1.00 58.51 ? 169  PRO A CD    1 
ATOM   1333 N  N     . ILE A 1 172 ? 6.278   -16.665 6.252   1.00 60.25 ? 170  ILE A N     1 
ATOM   1334 C  CA    . ILE A 1 172 ? 5.605   -15.940 5.187   1.00 61.00 ? 170  ILE A CA    1 
ATOM   1335 C  C     . ILE A 1 172 ? 5.720   -16.693 3.855   1.00 60.22 ? 170  ILE A C     1 
ATOM   1336 O  O     . ILE A 1 172 ? 4.819   -16.650 3.025   1.00 60.48 ? 170  ILE A O     1 
ATOM   1337 C  CB    . ILE A 1 172 ? 6.088   -14.473 5.092   1.00 61.24 ? 170  ILE A CB    1 
ATOM   1338 C  CG1   . ILE A 1 172 ? 6.082   -13.832 6.498   1.00 62.89 ? 170  ILE A CG1   1 
ATOM   1339 C  CG2   . ILE A 1 172 ? 5.193   -13.676 4.119   1.00 61.43 ? 170  ILE A CG2   1 
ATOM   1340 C  CD1   . ILE A 1 172 ? 6.770   -12.434 6.609   1.00 62.50 ? 170  ILE A CD1   1 
ATOM   1341 N  N     . ILE A 1 173 ? 6.819   -17.402 3.666   1.00 59.46 ? 171  ILE A N     1 
ATOM   1342 C  CA    . ILE A 1 173 ? 6.968   -18.224 2.487   1.00 58.83 ? 171  ILE A CA    1 
ATOM   1343 C  C     . ILE A 1 173 ? 6.952   -19.693 2.900   1.00 58.26 ? 171  ILE A C     1 
ATOM   1344 O  O     . ILE A 1 173 ? 7.872   -20.175 3.559   1.00 57.93 ? 171  ILE A O     1 
ATOM   1345 C  CB    . ILE A 1 173 ? 8.256   -17.874 1.716   1.00 59.04 ? 171  ILE A CB    1 
ATOM   1346 C  CG1   . ILE A 1 173 ? 8.207   -16.410 1.250   1.00 59.88 ? 171  ILE A CG1   1 
ATOM   1347 C  CG2   . ILE A 1 173 ? 8.457   -18.828 0.539   1.00 58.50 ? 171  ILE A CG2   1 
ATOM   1348 C  CD1   . ILE A 1 173 ? 9.583   -15.713 1.200   1.00 61.42 ? 171  ILE A CD1   1 
ATOM   1349 N  N     . LEU A 1 174 ? 5.872   -20.377 2.536   1.00 57.56 ? 172  LEU A N     1 
ATOM   1350 C  CA    . LEU A 1 174 ? 5.746   -21.820 2.690   1.00 56.96 ? 172  LEU A CA    1 
ATOM   1351 C  C     . LEU A 1 174 ? 5.900   -22.443 1.306   1.00 56.54 ? 172  LEU A C     1 
ATOM   1352 O  O     . LEU A 1 174 ? 5.056   -22.215 0.450   1.00 56.69 ? 172  LEU A O     1 
ATOM   1353 C  CB    . LEU A 1 174 ? 4.371   -22.148 3.278   1.00 56.95 ? 172  LEU A CB    1 
ATOM   1354 C  CG    . LEU A 1 174 ? 4.191   -22.766 4.671   1.00 56.76 ? 172  LEU A CG    1 
ATOM   1355 C  CD1   . LEU A 1 174 ? 5.388   -22.574 5.595   1.00 57.18 ? 172  LEU A CD1   1 
ATOM   1356 C  CD2   . LEU A 1 174 ? 2.937   -22.214 5.306   1.00 56.04 ? 172  LEU A CD2   1 
ATOM   1357 N  N     . VAL A 1 175 ? 6.955   -23.227 1.080   1.00 56.03 ? 173  VAL A N     1 
ATOM   1358 C  CA    . VAL A 1 175 ? 7.347   -23.582 -0.300  1.00 55.61 ? 173  VAL A CA    1 
ATOM   1359 C  C     . VAL A 1 175 ? 6.266   -24.192 -1.215  1.00 55.40 ? 173  VAL A C     1 
ATOM   1360 O  O     . VAL A 1 175 ? 5.828   -23.529 -2.146  1.00 55.84 ? 173  VAL A O     1 
ATOM   1361 C  CB    . VAL A 1 175 ? 8.690   -24.326 -0.382  1.00 55.59 ? 173  VAL A CB    1 
ATOM   1362 C  CG1   . VAL A 1 175 ? 8.861   -25.008 -1.739  1.00 55.42 ? 173  VAL A CG1   1 
ATOM   1363 C  CG2   . VAL A 1 175 ? 9.807   -23.334 -0.165  1.00 55.59 ? 173  VAL A CG2   1 
ATOM   1364 N  N     . GLY A 1 176 ? 5.820   -25.419 -0.976  1.00 54.76 ? 174  GLY A N     1 
ATOM   1365 C  CA    . GLY A 1 176 ? 4.799   -25.978 -1.863  1.00 54.08 ? 174  GLY A CA    1 
ATOM   1366 C  C     . GLY A 1 176 ? 3.359   -25.808 -1.403  1.00 53.52 ? 174  GLY A C     1 
ATOM   1367 O  O     . GLY A 1 176 ? 2.453   -26.406 -1.967  1.00 53.91 ? 174  GLY A O     1 
ATOM   1368 N  N     . ALA A 1 177 ? 3.143   -24.991 -0.382  1.00 52.97 ? 175  ALA A N     1 
ATOM   1369 C  CA    . ALA A 1 177 ? 1.860   -24.937 0.312   1.00 52.55 ? 175  ALA A CA    1 
ATOM   1370 C  C     . ALA A 1 177 ? 0.711   -24.467 -0.554  1.00 52.47 ? 175  ALA A C     1 
ATOM   1371 O  O     . ALA A 1 177 ? 0.891   -23.667 -1.479  1.00 52.74 ? 175  ALA A O     1 
ATOM   1372 C  CB    . ALA A 1 177 ? 1.970   -24.049 1.527   1.00 52.49 ? 175  ALA A CB    1 
ATOM   1373 N  N     . SER A 1 178 ? -0.482  -24.957 -0.239  1.00 52.25 ? 176  SER A N     1 
ATOM   1374 C  CA    . SER A 1 178 ? -1.696  -24.377 -0.794  1.00 52.01 ? 176  SER A CA    1 
ATOM   1375 C  C     . SER A 1 178 ? -2.277  -23.381 0.196   1.00 51.46 ? 176  SER A C     1 
ATOM   1376 O  O     . SER A 1 178 ? -2.965  -23.735 1.151   1.00 51.19 ? 176  SER A O     1 
ATOM   1377 C  CB    . SER A 1 178 ? -2.715  -25.446 -1.175  1.00 51.97 ? 176  SER A CB    1 
ATOM   1378 O  OG    . SER A 1 178 ? -3.135  -26.175 -0.044  1.00 53.21 ? 176  SER A OG    1 
ATOM   1379 N  N     . GLU A 1 179 ? -1.962  -22.122 -0.033  1.00 51.28 ? 177  GLU A N     1 
ATOM   1380 C  CA    . GLU A 1 179 ? -2.435  -21.073 0.843   1.00 51.67 ? 177  GLU A CA    1 
ATOM   1381 C  C     . GLU A 1 179 ? -3.348  -20.119 0.091   1.00 51.29 ? 177  GLU A C     1 
ATOM   1382 O  O     . GLU A 1 179 ? -3.335  -20.071 -1.138  1.00 51.43 ? 177  GLU A O     1 
ATOM   1383 C  CB    . GLU A 1 179 ? -1.261  -20.328 1.508   1.00 51.72 ? 177  GLU A CB    1 
ATOM   1384 C  CG    . GLU A 1 179 ? -0.095  -19.977 0.585   1.00 52.22 ? 177  GLU A CG    1 
ATOM   1385 C  CD    . GLU A 1 179 ? 1.048   -19.289 1.317   1.00 52.75 ? 177  GLU A CD    1 
ATOM   1386 O  OE1   . GLU A 1 179 ? 0.814   -18.231 1.969   1.00 53.04 ? 177  GLU A OE1   1 
ATOM   1387 O  OE2   . GLU A 1 179 ? 2.192   -19.807 1.215   1.00 54.52 ? 177  GLU A OE2   1 
ATOM   1388 N  N     . SER A 1 180 ? -4.159  -19.380 0.839   1.00 50.83 ? 178  SER A N     1 
ATOM   1389 C  CA    . SER A 1 180 ? -5.039  -18.389 0.262   1.00 50.36 ? 178  SER A CA    1 
ATOM   1390 C  C     . SER A 1 180 ? -5.292  -17.285 1.284   1.00 50.79 ? 178  SER A C     1 
ATOM   1391 O  O     . SER A 1 180 ? -5.132  -17.495 2.493   1.00 50.75 ? 178  SER A O     1 
ATOM   1392 C  CB    . SER A 1 180 ? -6.340  -19.026 -0.230  1.00 49.69 ? 178  SER A CB    1 
ATOM   1393 O  OG    . SER A 1 180 ? -7.178  -19.328 0.852   1.00 48.83 ? 178  SER A OG    1 
ATOM   1394 N  N     . TYR A 1 181 ? -5.665  -16.108 0.783   1.00 51.01 ? 179  TYR A N     1 
ATOM   1395 C  CA    . TYR A 1 181 ? -5.879  -14.926 1.602   1.00 51.11 ? 179  TYR A CA    1 
ATOM   1396 C  C     . TYR A 1 181 ? -7.238  -14.343 1.296   1.00 51.52 ? 179  TYR A C     1 
ATOM   1397 O  O     . TYR A 1 181 ? -7.585  -14.142 0.133   1.00 51.93 ? 179  TYR A O     1 
ATOM   1398 C  CB    . TYR A 1 181 ? -4.807  -13.896 1.287   1.00 51.12 ? 179  TYR A CB    1 
ATOM   1399 C  CG    . TYR A 1 181 ? -3.433  -14.348 1.683   1.00 51.03 ? 179  TYR A CG    1 
ATOM   1400 C  CD1   . TYR A 1 181 ? -2.854  -13.907 2.864   1.00 50.56 ? 179  TYR A CD1   1 
ATOM   1401 C  CD2   . TYR A 1 181 ? -2.714  -15.239 0.886   1.00 50.91 ? 179  TYR A CD2   1 
ATOM   1402 C  CE1   . TYR A 1 181 ? -1.590  -14.326 3.234   1.00 50.92 ? 179  TYR A CE1   1 
ATOM   1403 C  CE2   . TYR A 1 181 ? -1.452  -15.671 1.253   1.00 51.08 ? 179  TYR A CE2   1 
ATOM   1404 C  CZ    . TYR A 1 181 ? -0.895  -15.205 2.427   1.00 51.56 ? 179  TYR A CZ    1 
ATOM   1405 O  OH    . TYR A 1 181 ? 0.356   -15.636 2.810   1.00 53.00 ? 179  TYR A OH    1 
ATOM   1406 N  N     . GLU A 1 182 ? -8.010  -14.067 2.334   1.00 51.87 ? 180  GLU A N     1 
ATOM   1407 C  CA    . GLU A 1 182 ? -9.328  -13.475 2.155   1.00 52.59 ? 180  GLU A CA    1 
ATOM   1408 C  C     . GLU A 1 182 ? -9.597  -12.443 3.250   1.00 53.16 ? 180  GLU A C     1 
ATOM   1409 O  O     . GLU A 1 182 ? -9.079  -12.575 4.365   1.00 53.61 ? 180  GLU A O     1 
ATOM   1410 C  CB    . GLU A 1 182 ? -10.404 -14.553 2.170   1.00 52.45 ? 180  GLU A CB    1 
ATOM   1411 C  CG    . GLU A 1 182 ? -10.479 -15.328 3.491   1.00 52.99 ? 180  GLU A CG    1 
ATOM   1412 C  CD    . GLU A 1 182 ? -11.386 -16.535 3.401   1.00 53.16 ? 180  GLU A CD    1 
ATOM   1413 O  OE1   . GLU A 1 182 ? -11.298 -17.268 2.386   1.00 53.30 ? 180  GLU A OE1   1 
ATOM   1414 O  OE2   . GLU A 1 182 ? -12.189 -16.736 4.345   1.00 52.97 ? 180  GLU A OE2   1 
ATOM   1415 N  N     . PRO A 1 183 ? -10.376 -11.392 2.935   1.00 53.28 ? 181  PRO A N     1 
ATOM   1416 C  CA    . PRO A 1 183 ? -10.726 -10.469 4.008   1.00 53.30 ? 181  PRO A CA    1 
ATOM   1417 C  C     . PRO A 1 183 ? -11.759 -11.033 4.991   1.00 53.47 ? 181  PRO A C     1 
ATOM   1418 O  O     . PRO A 1 183 ? -12.649 -11.810 4.605   1.00 53.19 ? 181  PRO A O     1 
ATOM   1419 C  CB    . PRO A 1 183 ? -11.278 -9.250  3.269   1.00 52.85 ? 181  PRO A CB    1 
ATOM   1420 C  CG    . PRO A 1 183 ? -11.717 -9.745  1.986   1.00 53.16 ? 181  PRO A CG    1 
ATOM   1421 C  CD    . PRO A 1 183 ? -10.913 -10.960 1.633   1.00 53.11 ? 181  PRO A CD    1 
ATOM   1422 N  N     . ARG A 1 184 ? -11.606 -10.635 6.252   1.00 53.78 ? 182  ARG A N     1 
ATOM   1423 C  CA    . ARG A 1 184 ? -12.577 -10.903 7.305   1.00 54.26 ? 182  ARG A CA    1 
ATOM   1424 C  C     . ARG A 1 184 ? -12.736 -9.716  8.279   1.00 55.13 ? 182  ARG A C     1 
ATOM   1425 O  O     . ARG A 1 184 ? -11.851 -8.832  8.382   1.00 55.03 ? 182  ARG A O     1 
ATOM   1426 C  CB    . ARG A 1 184 ? -12.152 -12.121 8.079   1.00 54.04 ? 182  ARG A CB    1 
ATOM   1427 C  CG    . ARG A 1 184 ? -12.094 -13.354 7.223   1.00 54.35 ? 182  ARG A CG    1 
ATOM   1428 C  CD    . ARG A 1 184 ? -12.308 -14.577 8.041   1.00 52.62 ? 182  ARG A CD    1 
ATOM   1429 N  NE    . ARG A 1 184 ? -12.374 -15.754 7.201   1.00 52.11 ? 182  ARG A NE    1 
ATOM   1430 C  CZ    . ARG A 1 184 ? -12.220 -16.982 7.677   1.00 50.60 ? 182  ARG A CZ    1 
ATOM   1431 N  NH1   . ARG A 1 184 ? -11.999 -17.151 8.972   1.00 49.55 ? 182  ARG A NH1   1 
ATOM   1432 N  NH2   . ARG A 1 184 ? -12.283 -18.026 6.868   1.00 49.16 ? 182  ARG A NH2   1 
ATOM   1433 N  N     . CYS A 1 185 ? -13.882 -9.691  8.966   1.00 55.28 ? 183  CYS A N     1 
ATOM   1434 C  CA    . CYS A 1 185 ? -14.116 -8.785  10.083  1.00 55.31 ? 183  CYS A CA    1 
ATOM   1435 C  C     . CYS A 1 185 ? -13.361 -9.329  11.292  1.00 55.39 ? 183  CYS A C     1 
ATOM   1436 O  O     . CYS A 1 185 ? -12.765 -10.405 11.235  1.00 55.65 ? 183  CYS A O     1 
ATOM   1437 C  CB    . CYS A 1 185 ? -15.603 -8.723  10.401  1.00 54.96 ? 183  CYS A CB    1 
ATOM   1438 S  SG    . CYS A 1 185 ? -16.202 -10.264 11.143  1.00 57.51 ? 183  CYS A SG    1 
ATOM   1439 N  N     . ARG A 1 186 ? -13.403 -8.605  12.400  1.00 55.94 ? 184  ARG A N     1 
ATOM   1440 C  CA    . ARG A 1 186 ? -12.617 -8.985  13.565  1.00 56.44 ? 184  ARG A CA    1 
ATOM   1441 C  C     . ARG A 1 186 ? -13.176 -10.211 14.265  1.00 56.53 ? 184  ARG A C     1 
ATOM   1442 O  O     . ARG A 1 186 ? -12.464 -10.887 14.998  1.00 56.95 ? 184  ARG A O     1 
ATOM   1443 C  CB    . ARG A 1 186 ? -12.484 -7.812  14.536  1.00 56.58 ? 184  ARG A CB    1 
ATOM   1444 C  CG    . ARG A 1 186 ? -13.721 -7.505  15.344  1.00 56.84 ? 184  ARG A CG    1 
ATOM   1445 C  CD    . ARG A 1 186 ? -13.551 -6.199  16.120  1.00 57.19 ? 184  ARG A CD    1 
ATOM   1446 N  NE    . ARG A 1 186 ? -12.426 -6.239  17.049  1.00 56.31 ? 184  ARG A NE    1 
ATOM   1447 C  CZ    . ARG A 1 186 ? -11.412 -5.379  17.040  1.00 54.74 ? 184  ARG A CZ    1 
ATOM   1448 N  NH1   . ARG A 1 186 ? -11.377 -4.386  16.165  1.00 52.31 ? 184  ARG A NH1   1 
ATOM   1449 N  NH2   . ARG A 1 186 ? -10.445 -5.504  17.937  1.00 54.85 ? 184  ARG A NH2   1 
ATOM   1450 N  N     . HIS A 1 187 ? -14.447 -10.499 14.021  1.00 56.57 ? 185  HIS A N     1 
ATOM   1451 C  CA    . HIS A 1 187 ? -15.130 -11.591 14.686  1.00 56.38 ? 185  HIS A CA    1 
ATOM   1452 C  C     . HIS A 1 187 ? -14.867 -12.921 13.975  1.00 56.32 ? 185  HIS A C     1 
ATOM   1453 O  O     . HIS A 1 187 ? -14.743 -13.961 14.632  1.00 56.46 ? 185  HIS A O     1 
ATOM   1454 C  CB    . HIS A 1 187 ? -16.621 -11.260 14.854  1.00 56.40 ? 185  HIS A CB    1 
ATOM   1455 C  CG    . HIS A 1 187 ? -16.865 -9.969  15.595  1.00 58.61 ? 185  HIS A CG    1 
ATOM   1456 N  ND1   . HIS A 1 187 ? -16.875 -9.887  16.978  1.00 59.65 ? 185  HIS A ND1   1 
ATOM   1457 C  CD2   . HIS A 1 187 ? -17.063 -8.702  15.145  1.00 59.06 ? 185  HIS A CD2   1 
ATOM   1458 C  CE1   . HIS A 1 187 ? -17.086 -8.632  17.344  1.00 58.41 ? 185  HIS A CE1   1 
ATOM   1459 N  NE2   . HIS A 1 187 ? -17.201 -7.894  16.251  1.00 59.28 ? 185  HIS A NE2   1 
ATOM   1460 N  N     . CYS A 1 188 ? -14.732 -12.887 12.649  1.00 56.18 ? 186  CYS A N     1 
ATOM   1461 C  CA    . CYS A 1 188 ? -14.388 -14.094 11.863  1.00 55.99 ? 186  CYS A CA    1 
ATOM   1462 C  C     . CYS A 1 188 ? -12.902 -14.319 11.664  1.00 55.77 ? 186  CYS A C     1 
ATOM   1463 O  O     . CYS A 1 188 ? -12.475 -15.408 11.302  1.00 55.80 ? 186  CYS A O     1 
ATOM   1464 C  CB    . CYS A 1 188 ? -15.027 -14.041 10.493  1.00 55.78 ? 186  CYS A CB    1 
ATOM   1465 S  SG    . CYS A 1 188 ? -16.747 -13.840 10.609  1.00 57.08 ? 186  CYS A SG    1 
ATOM   1466 N  N     . HIS A 1 189 ? -12.120 -13.271 11.848  1.00 55.81 ? 187  HIS A N     1 
ATOM   1467 C  CA    . HIS A 1 189 ? -10.695 -13.410 11.789  1.00 56.01 ? 187  HIS A CA    1 
ATOM   1468 C  C     . HIS A 1 189 ? -10.303 -14.453 12.843  1.00 56.30 ? 187  HIS A C     1 
ATOM   1469 O  O     . HIS A 1 189 ? -10.766 -14.389 13.986  1.00 56.48 ? 187  HIS A O     1 
ATOM   1470 C  CB    . HIS A 1 189 ? -10.039 -12.059 12.051  1.00 55.97 ? 187  HIS A CB    1 
ATOM   1471 C  CG    . HIS A 1 189 ? -8.575  -12.047 11.778  1.00 56.05 ? 187  HIS A CG    1 
ATOM   1472 N  ND1   . HIS A 1 189 ? -8.019  -12.694 10.695  1.00 55.82 ? 187  HIS A ND1   1 
ATOM   1473 C  CD2   . HIS A 1 189 ? -7.548  -11.467 12.441  1.00 56.57 ? 187  HIS A CD2   1 
ATOM   1474 C  CE1   . HIS A 1 189 ? -6.712  -12.517 10.705  1.00 56.50 ? 187  HIS A CE1   1 
ATOM   1475 N  NE2   . HIS A 1 189 ? -6.399  -11.780 11.757  1.00 57.34 ? 187  HIS A NE2   1 
ATOM   1476 N  N     . ALA A 1 190 ? -9.491  -15.433 12.438  1.00 56.54 ? 188  ALA A N     1 
ATOM   1477 C  CA    . ALA A 1 190 ? -9.101  -16.558 13.295  1.00 56.17 ? 188  ALA A CA    1 
ATOM   1478 C  C     . ALA A 1 190 ? -7.586  -16.767 13.236  1.00 56.32 ? 188  ALA A C     1 
ATOM   1479 O  O     . ALA A 1 190 ? -7.022  -17.079 12.177  1.00 56.34 ? 188  ALA A O     1 
ATOM   1480 C  CB    . ALA A 1 190 ? -9.837  -17.813 12.881  1.00 55.64 ? 188  ALA A CB    1 
ATOM   1481 N  N     . VAL A 1 191 ? -6.932  -16.554 14.377  1.00 56.43 ? 189  VAL A N     1 
ATOM   1482 C  CA    . VAL A 1 191 ? -5.490  -16.733 14.507  1.00 56.33 ? 189  VAL A CA    1 
ATOM   1483 C  C     . VAL A 1 191 ? -5.224  -17.658 15.699  1.00 56.88 ? 189  VAL A C     1 
ATOM   1484 O  O     . VAL A 1 191 ? -5.131  -17.192 16.833  1.00 56.91 ? 189  VAL A O     1 
ATOM   1485 C  CB    . VAL A 1 191 ? -4.767  -15.378 14.729  1.00 56.04 ? 189  VAL A CB    1 
ATOM   1486 C  CG1   . VAL A 1 191 ? -3.263  -15.552 14.614  1.00 55.78 ? 189  VAL A CG1   1 
ATOM   1487 C  CG2   . VAL A 1 191 ? -5.253  -14.327 13.747  1.00 54.82 ? 189  VAL A CG2   1 
ATOM   1488 N  N     . PRO A 1 192 ? -5.145  -18.981 15.459  1.00 57.52 ? 190  PRO A N     1 
ATOM   1489 C  CA    . PRO A 1 192 ? -4.851  -19.936 16.543  1.00 57.81 ? 190  PRO A CA    1 
ATOM   1490 C  C     . PRO A 1 192 ? -3.348  -20.211 16.761  1.00 58.24 ? 190  PRO A C     1 
ATOM   1491 O  O     . PRO A 1 192 ? -2.515  -19.368 16.453  1.00 57.98 ? 190  PRO A O     1 
ATOM   1492 C  CB    . PRO A 1 192 ? -5.568  -21.202 16.058  1.00 57.60 ? 190  PRO A CB    1 
ATOM   1493 C  CG    . PRO A 1 192 ? -5.431  -21.151 14.572  1.00 57.21 ? 190  PRO A CG    1 
ATOM   1494 C  CD    . PRO A 1 192 ? -5.395  -19.677 14.179  1.00 57.55 ? 190  PRO A CD    1 
ATOM   1495 N  N     . ALA A 1 193 ? -2.771  -21.134 17.379  1.00 59.39 ? 191  ALA A N     1 
ATOM   1496 C  CA    . ALA A 1 193 ? -1.330  -21.416 17.422  1.00 59.67 ? 191  ALA A CA    1 
ATOM   1497 C  C     . ALA A 1 193 ? -1.073  -22.900 17.148  1.00 59.81 ? 191  ALA A C     1 
ATOM   1498 O  O     . ALA A 1 193 ? 0.075   -23.306 16.977  1.00 60.44 ? 191  ALA A O     1 
ATOM   1499 C  CB    . ALA A 1 193 ? -0.739  -21.020 18.763  1.00 59.62 ? 191  ALA A CB    1 
HETATM 1500 ZN ZN    . ZN  B 2 .   ? -17.173 -11.641 9.499   1.00 56.10 ? 1192 ZN  A ZN    1 
HETATM 1501 P  PA    . TTP C 3 .   ? -7.057  -4.569  -4.942  1.00 46.66 ? 1193 TTP A PA    1 
HETATM 1502 O  O1A   . TTP C 3 .   ? -7.257  -3.169  -5.426  1.00 46.83 ? 1193 TTP A O1A   1 
HETATM 1503 O  O2A   . TTP C 3 .   ? -5.882  -5.245  -5.662  1.00 46.62 ? 1193 TTP A O2A   1 
HETATM 1504 O  O3A   . TTP C 3 .   ? -6.868  -4.818  -3.343  1.00 50.27 ? 1193 TTP A O3A   1 
HETATM 1505 P  PB    . TTP C 3 .   ? -5.549  -4.347  -2.585  1.00 52.46 ? 1193 TTP A PB    1 
HETATM 1506 O  O1B   . TTP C 3 .   ? -5.141  -3.365  -3.643  1.00 56.09 ? 1193 TTP A O1B   1 
HETATM 1507 O  O2B   . TTP C 3 .   ? -5.873  -3.715  -1.260  1.00 54.40 ? 1193 TTP A O2B   1 
HETATM 1508 O  O3B   . TTP C 3 .   ? -4.189  -5.282  -2.529  1.00 59.97 ? 1193 TTP A O3B   1 
HETATM 1509 P  PG    . TTP C 3 .   ? -2.780  -4.866  -3.380  1.00 66.18 ? 1193 TTP A PG    1 
HETATM 1510 O  O1G   . TTP C 3 .   ? -1.662  -5.875  -3.170  1.00 66.34 ? 1193 TTP A O1G   1 
HETATM 1511 O  O2G   . TTP C 3 .   ? -2.114  -3.576  -2.885  1.00 63.38 ? 1193 TTP A O2G   1 
HETATM 1512 O  O3G   . TTP C 3 .   ? -3.034  -4.899  -4.880  1.00 60.74 ? 1193 TTP A O3G   1 
HETATM 1513 O  "O5'" . TTP C 3 .   ? -8.472  -5.292  -5.162  1.00 48.41 ? 1193 TTP A "O5'" 1 
HETATM 1514 C  "C5'" . TTP C 3 .   ? -9.671  -4.536  -5.191  1.00 50.99 ? 1193 TTP A "C5'" 1 
HETATM 1515 C  "C4'" . TTP C 3 .   ? -10.640 -5.392  -5.986  1.00 53.78 ? 1193 TTP A "C4'" 1 
HETATM 1516 O  "O4'" . TTP C 3 .   ? -10.775 -6.600  -5.275  1.00 53.43 ? 1193 TTP A "O4'" 1 
HETATM 1517 C  "C3'" . TTP C 3 .   ? -12.043 -4.835  -6.073  1.00 55.48 ? 1193 TTP A "C3'" 1 
HETATM 1518 O  "O3'" . TTP C 3 .   ? -12.235 -3.930  -7.162  1.00 57.84 ? 1193 TTP A "O3'" 1 
HETATM 1519 C  "C2'" . TTP C 3 .   ? -12.883 -6.068  -6.233  1.00 55.12 ? 1193 TTP A "C2'" 1 
HETATM 1520 C  "C1'" . TTP C 3 .   ? -12.058 -7.152  -5.550  1.00 56.29 ? 1193 TTP A "C1'" 1 
HETATM 1521 N  N1    . TTP C 3 .   ? -12.611 -7.510  -4.242  1.00 57.33 ? 1193 TTP A N1    1 
HETATM 1522 C  C2    . TTP C 3 .   ? -12.249 -8.744  -3.616  1.00 57.87 ? 1193 TTP A C2    1 
HETATM 1523 O  O2    . TTP C 3 .   ? -11.487 -9.537  -4.241  1.00 58.19 ? 1193 TTP A O2    1 
HETATM 1524 N  N3    . TTP C 3 .   ? -12.740 -9.058  -2.386  1.00 57.42 ? 1193 TTP A N3    1 
HETATM 1525 C  C4    . TTP C 3 .   ? -13.568 -8.189  -1.744  1.00 58.03 ? 1193 TTP A C4    1 
HETATM 1526 O  O4    . TTP C 3 .   ? -14.043 -8.451  -0.607  1.00 58.13 ? 1193 TTP A O4    1 
HETATM 1527 C  C5    . TTP C 3 .   ? -13.928 -6.878  -2.389  1.00 58.20 ? 1193 TTP A C5    1 
HETATM 1528 C  C5M   . TTP C 3 .   ? -14.833 -5.841  -1.762  1.00 57.67 ? 1193 TTP A C5M   1 
HETATM 1529 C  C6    . TTP C 3 .   ? -13.407 -6.615  -3.636  1.00 57.70 ? 1193 TTP A C6    1 
HETATM 1530 C  C1    . MPD D 4 .   ? -0.492  -12.426 5.141   1.00 72.91 ? 1194 MPD A C1    1 
HETATM 1531 C  C2    . MPD D 4 .   ? -0.075  -10.977 5.056   1.00 71.32 ? 1194 MPD A C2    1 
HETATM 1532 O  O2    . MPD D 4 .   ? 0.812   -10.724 6.173   1.00 71.02 ? 1194 MPD A O2    1 
HETATM 1533 C  CM    . MPD D 4 .   ? -1.339  -10.136 5.147   1.00 71.15 ? 1194 MPD A CM    1 
HETATM 1534 C  C3    . MPD D 4 .   ? 0.654   -10.720 3.746   1.00 71.56 ? 1194 MPD A C3    1 
HETATM 1535 C  C4    . MPD D 4 .   ? 2.040   -11.351 3.687   1.00 71.59 ? 1194 MPD A C4    1 
HETATM 1536 O  O4    . MPD D 4 .   ? 1.965   -12.686 4.131   1.00 71.44 ? 1194 MPD A O4    1 
HETATM 1537 C  C5    . MPD D 4 .   ? 2.529   -11.337 2.247   1.00 72.34 ? 1194 MPD A C5    1 
HETATM 1538 O  O     . HOH E 5 .   ? -7.599  12.592  -0.782  1.00 43.96 ? 2001 HOH A O     1 
HETATM 1539 O  O     . HOH E 5 .   ? -6.070  14.660  -1.161  1.00 54.95 ? 2002 HOH A O     1 
HETATM 1540 O  O     . HOH E 5 .   ? -5.159  9.002   2.088   1.00 37.41 ? 2003 HOH A O     1 
HETATM 1541 O  O     . HOH E 5 .   ? -9.098  -3.391  5.909   1.00 43.76 ? 2004 HOH A O     1 
HETATM 1542 O  O     . HOH E 5 .   ? -8.619  8.326   -12.009 1.00 42.28 ? 2005 HOH A O     1 
HETATM 1543 O  O     . HOH E 5 .   ? 3.795   6.446   -14.576 1.00 55.92 ? 2006 HOH A O     1 
HETATM 1544 O  O     . HOH E 5 .   ? 11.656  -5.974  -1.912  1.00 68.97 ? 2007 HOH A O     1 
HETATM 1545 O  O     . HOH E 5 .   ? 1.025   2.841   -17.174 1.00 49.57 ? 2008 HOH A O     1 
HETATM 1546 O  O     . HOH E 5 .   ? -1.943  -5.703  -0.445  1.00 48.38 ? 2009 HOH A O     1 
HETATM 1547 O  O     . HOH E 5 .   ? -8.188  -2.560  8.448   1.00 46.68 ? 2010 HOH A O     1 
HETATM 1548 O  O     . HOH E 5 .   ? -6.065  -5.302  7.747   1.00 45.57 ? 2011 HOH A O     1 
HETATM 1549 O  O     . HOH E 5 .   ? -4.313  -7.358  6.945   1.00 50.57 ? 2012 HOH A O     1 
HETATM 1550 O  O     . HOH E 5 .   ? -5.320  -8.741  9.632   1.00 52.84 ? 2013 HOH A O     1 
HETATM 1551 O  O     . HOH E 5 .   ? -2.889  18.775  2.381   1.00 49.04 ? 2014 HOH A O     1 
HETATM 1552 O  O     . HOH E 5 .   ? -9.064  10.107  7.719   1.00 46.07 ? 2015 HOH A O     1 
HETATM 1553 O  O     . HOH E 5 .   ? -12.451 2.267   7.445   1.00 45.11 ? 2016 HOH A O     1 
HETATM 1554 O  O     . HOH E 5 .   ? -11.079 -5.021  5.162   1.00 45.01 ? 2017 HOH A O     1 
HETATM 1555 O  O     . HOH E 5 .   ? -9.071  -4.685  12.539  1.00 40.52 ? 2018 HOH A O     1 
HETATM 1556 O  O     . HOH E 5 .   ? -2.310  -27.545 -2.187  1.00 81.08 ? 2019 HOH A O     1 
HETATM 1557 O  O     . HOH E 5 .   ? -12.548 -11.194 -1.316  1.00 51.58 ? 2020 HOH A O     1 
# 
loop_
_pdbx_poly_seq_scheme.asym_id 
_pdbx_poly_seq_scheme.entity_id 
_pdbx_poly_seq_scheme.seq_id 
_pdbx_poly_seq_scheme.mon_id 
_pdbx_poly_seq_scheme.ndb_seq_num 
_pdbx_poly_seq_scheme.pdb_seq_num 
_pdbx_poly_seq_scheme.auth_seq_num 
_pdbx_poly_seq_scheme.pdb_mon_id 
_pdbx_poly_seq_scheme.auth_mon_id 
_pdbx_poly_seq_scheme.pdb_strand_id 
_pdbx_poly_seq_scheme.pdb_ins_code 
_pdbx_poly_seq_scheme.hetero 
A 1 1   GLY 1   -1  -1  GLY GLY A . n 
A 1 2   SER 2   0   0   SER SER A . n 
A 1 3   MET 3   1   1   MET MET A . n 
A 1 4   TYR 4   2   2   TYR TYR A . n 
A 1 5   LEU 5   3   3   LEU LEU A . n 
A 1 6   ILE 6   4   4   ILE ILE A . n 
A 1 7   ASN 7   5   5   ASN ASN A . n 
A 1 8   GLN 8   6   6   GLN GLN A . n 
A 1 9   ASN 9   7   7   ASN ASN A . n 
A 1 10  GLY 10  8   8   GLY GLY A . n 
A 1 11  TRP 11  9   9   TRP TRP A . n 
A 1 12  ILE 12  10  10  ILE ILE A . n 
A 1 13  GLU 13  11  11  GLU GLU A . n 
A 1 14  VAL 14  12  12  VAL VAL A . n 
A 1 15  ILE 15  13  13  ILE ILE A . n 
A 1 16  CYS 16  14  14  CYS CYS A . n 
A 1 17  GLY 17  15  15  GLY GLY A . n 
A 1 18  SER 18  16  16  SER SER A . n 
A 1 19  MET 19  17  17  MET MET A . n 
A 1 20  PHE 20  18  18  PHE PHE A . n 
A 1 21  SER 21  19  19  SER SER A . n 
A 1 22  GLY 22  20  20  GLY GLY A . n 
A 1 23  LYS 23  21  21  LYS LYS A . n 
A 1 24  SER 24  22  22  SER SER A . n 
A 1 25  GLU 25  23  23  GLU GLU A . n 
A 1 26  GLU 26  24  24  GLU GLU A . n 
A 1 27  LEU 27  25  25  LEU LEU A . n 
A 1 28  ILE 28  26  26  ILE ILE A . n 
A 1 29  ARG 29  27  27  ARG ARG A . n 
A 1 30  ARG 30  28  28  ARG ARG A . n 
A 1 31  VAL 31  29  29  VAL VAL A . n 
A 1 32  ARG 32  30  30  ARG ARG A . n 
A 1 33  ARG 33  31  31  ARG ARG A . n 
A 1 34  THR 34  32  32  THR THR A . n 
A 1 35  GLN 35  33  33  GLN GLN A . n 
A 1 36  PHE 36  34  34  PHE PHE A . n 
A 1 37  ALA 37  35  35  ALA ALA A . n 
A 1 38  LYS 38  36  36  LYS LYS A . n 
A 1 39  GLN 39  37  37  GLN GLN A . n 
A 1 40  HIS 40  38  38  HIS HIS A . n 
A 1 41  ALA 41  39  39  ALA ALA A . n 
A 1 42  ILE 42  40  40  ILE ILE A . n 
A 1 43  VAL 43  41  41  VAL VAL A . n 
A 1 44  PHE 44  42  42  PHE PHE A . n 
A 1 45  LYS 45  43  43  LYS LYS A . n 
A 1 46  PRO 46  44  44  PRO PRO A . n 
A 1 47  CYS 47  45  45  CYS CYS A . n 
A 1 48  ILE 48  46  46  ILE ILE A . n 
A 1 49  ASP 49  47  47  ASP ASP A . n 
A 1 50  ASN 50  48  48  ASN ASN A . n 
A 1 51  ARG 51  49  49  ARG ARG A . n 
A 1 52  TYR 52  50  50  TYR TYR A . n 
A 1 53  SER 53  51  51  SER SER A . n 
A 1 54  GLU 54  52  52  GLU GLU A . n 
A 1 55  GLU 55  53  53  GLU GLU A . n 
A 1 56  ASP 56  54  54  ASP ASP A . n 
A 1 57  VAL 57  55  55  VAL VAL A . n 
A 1 58  VAL 58  56  56  VAL VAL A . n 
A 1 59  SER 59  57  57  SER SER A . n 
A 1 60  HIS 60  58  58  HIS HIS A . n 
A 1 61  ASN 61  59  59  ASN ASN A . n 
A 1 62  GLY 62  60  60  GLY GLY A . n 
A 1 63  LEU 63  61  61  LEU LEU A . n 
A 1 64  LYS 64  62  62  LYS LYS A . n 
A 1 65  VAL 65  63  63  VAL VAL A . n 
A 1 66  LYS 66  64  64  LYS LYS A . n 
A 1 67  ALA 67  65  65  ALA ALA A . n 
A 1 68  VAL 68  66  66  VAL VAL A . n 
A 1 69  PRO 69  67  67  PRO PRO A . n 
A 1 70  VAL 70  68  68  VAL VAL A . n 
A 1 71  SER 71  69  69  SER SER A . n 
A 1 72  ALA 72  70  70  ALA ALA A . n 
A 1 73  SER 73  71  71  SER SER A . n 
A 1 74  LYS 74  72  72  LYS LYS A . n 
A 1 75  ASP 75  73  73  ASP ASP A . n 
A 1 76  ILE 76  74  74  ILE ILE A . n 
A 1 77  PHE 77  75  75  PHE PHE A . n 
A 1 78  GLU 78  76  76  GLU GLU A . n 
A 1 79  HIS 79  77  77  HIS HIS A . n 
A 1 80  ILE 80  78  78  ILE ILE A . n 
A 1 81  THR 81  79  79  THR THR A . n 
A 1 82  GLU 82  80  80  GLU GLU A . n 
A 1 83  GLU 83  81  81  GLU GLU A . n 
A 1 84  LEU 84  82  82  LEU LEU A . n 
A 1 85  ASP 85  83  83  ASP ASP A . n 
A 1 86  VAL 86  84  84  VAL VAL A . n 
A 1 87  ILE 87  85  85  ILE ILE A . n 
A 1 88  ALA 88  86  86  ALA ALA A . n 
A 1 89  ILE 89  87  87  ILE ILE A . n 
A 1 90  ASP 90  88  88  ASP ASP A . n 
A 1 91  GLU 91  89  89  GLU GLU A . n 
A 1 92  VAL 92  90  90  VAL VAL A . n 
A 1 93  GLN 93  91  91  GLN GLN A . n 
A 1 94  PHE 94  92  92  PHE PHE A . n 
A 1 95  PHE 95  93  93  PHE PHE A . n 
A 1 96  ASP 96  94  94  ASP ASP A . n 
A 1 97  GLY 97  95  95  GLY GLY A . n 
A 1 98  ASP 98  96  96  ASP ASP A . n 
A 1 99  ILE 99  97  97  ILE ILE A . n 
A 1 100 VAL 100 98  98  VAL VAL A . n 
A 1 101 GLU 101 99  99  GLU GLU A . n 
A 1 102 VAL 102 100 100 VAL VAL A . n 
A 1 103 VAL 103 101 101 VAL VAL A . n 
A 1 104 GLN 104 102 102 GLN GLN A . n 
A 1 105 VAL 105 103 103 VAL VAL A . n 
A 1 106 LEU 106 104 104 LEU LEU A . n 
A 1 107 ALA 107 105 105 ALA ALA A . n 
A 1 108 ASN 108 106 106 ASN ASN A . n 
A 1 109 ARG 109 107 107 ARG ARG A . n 
A 1 110 GLY 110 108 108 GLY GLY A . n 
A 1 111 TYR 111 109 109 TYR TYR A . n 
A 1 112 ARG 112 110 110 ARG ARG A . n 
A 1 113 VAL 113 111 111 VAL VAL A . n 
A 1 114 ILE 114 112 112 ILE ILE A . n 
A 1 115 VAL 115 113 113 VAL VAL A . n 
A 1 116 ALA 116 114 114 ALA ALA A . n 
A 1 117 GLY 117 115 115 GLY GLY A . n 
A 1 118 LEU 118 116 116 LEU LEU A . n 
A 1 119 ASP 119 117 117 ASP ASP A . n 
A 1 120 GLN 120 118 118 GLN GLN A . n 
A 1 121 ASP 121 119 119 ASP ASP A . n 
A 1 122 PHE 122 120 120 PHE PHE A . n 
A 1 123 ARG 123 121 121 ARG ARG A . n 
A 1 124 GLY 124 122 122 GLY GLY A . n 
A 1 125 LEU 125 123 123 LEU LEU A . n 
A 1 126 PRO 126 124 124 PRO PRO A . n 
A 1 127 PHE 127 125 125 PHE PHE A . n 
A 1 128 GLY 128 126 126 GLY GLY A . n 
A 1 129 GLN 129 127 127 GLN GLN A . n 
A 1 130 VAL 130 128 128 VAL VAL A . n 
A 1 131 PRO 131 129 129 PRO PRO A . n 
A 1 132 GLN 132 130 130 GLN GLN A . n 
A 1 133 LEU 133 131 131 LEU LEU A . n 
A 1 134 MET 134 132 132 MET MET A . n 
A 1 135 ALA 135 133 133 ALA ALA A . n 
A 1 136 ILE 136 134 134 ILE ILE A . n 
A 1 137 ALA 137 135 135 ALA ALA A . n 
A 1 138 GLU 138 136 136 GLU GLU A . n 
A 1 139 HIS 139 137 137 HIS HIS A . n 
A 1 140 VAL 140 138 138 VAL VAL A . n 
A 1 141 THR 141 139 139 THR THR A . n 
A 1 142 LYS 142 140 140 LYS LYS A . n 
A 1 143 LEU 143 141 141 LEU LEU A . n 
A 1 144 GLN 144 142 142 GLN GLN A . n 
A 1 145 ALA 145 143 143 ALA ALA A . n 
A 1 146 VAL 146 144 144 VAL VAL A . n 
A 1 147 CYS 147 145 145 CYS CYS A . n 
A 1 148 SER 148 146 146 SER SER A . n 
A 1 149 VAL 149 147 147 VAL VAL A . n 
A 1 150 CYS 150 148 148 CYS CYS A . n 
A 1 151 GLY 151 149 149 GLY GLY A . n 
A 1 152 SER 152 150 150 SER SER A . n 
A 1 153 PRO 153 151 151 PRO PRO A . n 
A 1 154 ALA 154 152 152 ALA ALA A . n 
A 1 155 SER 155 153 153 SER SER A . n 
A 1 156 ARG 156 154 154 ARG ARG A . n 
A 1 157 THR 157 155 155 THR THR A . n 
A 1 158 GLN 158 156 156 GLN GLN A . n 
A 1 159 ARG 159 157 157 ARG ARG A . n 
A 1 160 LEU 160 158 158 LEU LEU A . n 
A 1 161 ILE 161 159 159 ILE ILE A . n 
A 1 162 ASP 162 160 160 ASP ASP A . n 
A 1 163 GLY 163 161 161 GLY GLY A . n 
A 1 164 GLU 164 162 162 GLU GLU A . n 
A 1 165 PRO 165 163 163 PRO PRO A . n 
A 1 166 ALA 166 164 164 ALA ALA A . n 
A 1 167 ALA 167 165 165 ALA ALA A . n 
A 1 168 PHE 168 166 166 PHE PHE A . n 
A 1 169 ASP 169 167 167 ASP ASP A . n 
A 1 170 ASP 170 168 168 ASP ASP A . n 
A 1 171 PRO 171 169 169 PRO PRO A . n 
A 1 172 ILE 172 170 170 ILE ILE A . n 
A 1 173 ILE 173 171 171 ILE ILE A . n 
A 1 174 LEU 174 172 172 LEU LEU A . n 
A 1 175 VAL 175 173 173 VAL VAL A . n 
A 1 176 GLY 176 174 174 GLY GLY A . n 
A 1 177 ALA 177 175 175 ALA ALA A . n 
A 1 178 SER 178 176 176 SER SER A . n 
A 1 179 GLU 179 177 177 GLU GLU A . n 
A 1 180 SER 180 178 178 SER SER A . n 
A 1 181 TYR 181 179 179 TYR TYR A . n 
A 1 182 GLU 182 180 180 GLU GLU A . n 
A 1 183 PRO 183 181 181 PRO PRO A . n 
A 1 184 ARG 184 182 182 ARG ARG A . n 
A 1 185 CYS 185 183 183 CYS CYS A . n 
A 1 186 ARG 186 184 184 ARG ARG A . n 
A 1 187 HIS 187 185 185 HIS HIS A . n 
A 1 188 CYS 188 186 186 CYS CYS A . n 
A 1 189 HIS 189 187 187 HIS HIS A . n 
A 1 190 ALA 190 188 188 ALA ALA A . n 
A 1 191 VAL 191 189 189 VAL VAL A . n 
A 1 192 PRO 192 190 190 PRO PRO A . n 
A 1 193 ALA 193 191 191 ALA ALA A . n 
A 1 194 ASN 194 192 ?   ?   ?   A . n 
A 1 195 LYS 195 193 ?   ?   ?   A . n 
A 1 196 ASP 196 194 ?   ?   ?   A . n 
A 1 197 LYS 197 195 ?   ?   ?   A . n 
# 
loop_
_pdbx_nonpoly_scheme.asym_id 
_pdbx_nonpoly_scheme.entity_id 
_pdbx_nonpoly_scheme.mon_id 
_pdbx_nonpoly_scheme.ndb_seq_num 
_pdbx_nonpoly_scheme.pdb_seq_num 
_pdbx_nonpoly_scheme.auth_seq_num 
_pdbx_nonpoly_scheme.pdb_mon_id 
_pdbx_nonpoly_scheme.auth_mon_id 
_pdbx_nonpoly_scheme.pdb_strand_id 
_pdbx_nonpoly_scheme.pdb_ins_code 
B 2 ZN  1  1192 1192 ZN  ZN  A . 
C 3 TTP 1  1193 1193 TTP TTP A . 
D 4 MPD 1  1194 1194 MPD MPD A . 
E 5 HOH 1  2001 2001 HOH HOH A . 
E 5 HOH 2  2002 2002 HOH HOH A . 
E 5 HOH 3  2003 2003 HOH HOH A . 
E 5 HOH 4  2004 2004 HOH HOH A . 
E 5 HOH 5  2005 2005 HOH HOH A . 
E 5 HOH 6  2006 2006 HOH HOH A . 
E 5 HOH 7  2007 2007 HOH HOH A . 
E 5 HOH 8  2008 2008 HOH HOH A . 
E 5 HOH 9  2009 2009 HOH HOH A . 
E 5 HOH 10 2010 2010 HOH HOH A . 
E 5 HOH 11 2011 2011 HOH HOH A . 
E 5 HOH 12 2012 2012 HOH HOH A . 
E 5 HOH 13 2013 2013 HOH HOH A . 
E 5 HOH 14 2014 2014 HOH HOH A . 
E 5 HOH 15 2015 2015 HOH HOH A . 
E 5 HOH 16 2016 2016 HOH HOH A . 
E 5 HOH 17 2017 2017 HOH HOH A . 
E 5 HOH 18 2018 2018 HOH HOH A . 
E 5 HOH 19 2019 2019 HOH HOH A . 
E 5 HOH 20 2020 2020 HOH HOH A . 
# 
_pdbx_struct_assembly.id                   1 
_pdbx_struct_assembly.details              author_and_software_defined_assembly 
_pdbx_struct_assembly.method_details       PQS 
_pdbx_struct_assembly.oligomeric_details   tetrameric 
_pdbx_struct_assembly.oligomeric_count     4 
# 
_pdbx_struct_assembly_gen.assembly_id       1 
_pdbx_struct_assembly_gen.oper_expression   1,2,3,4 
_pdbx_struct_assembly_gen.asym_id_list      A,B,C,D,E 
# 
loop_
_pdbx_struct_oper_list.id 
_pdbx_struct_oper_list.type 
_pdbx_struct_oper_list.name 
_pdbx_struct_oper_list.symmetry_operation 
_pdbx_struct_oper_list.matrix[1][1] 
_pdbx_struct_oper_list.matrix[1][2] 
_pdbx_struct_oper_list.matrix[1][3] 
_pdbx_struct_oper_list.vector[1] 
_pdbx_struct_oper_list.matrix[2][1] 
_pdbx_struct_oper_list.matrix[2][2] 
_pdbx_struct_oper_list.matrix[2][3] 
_pdbx_struct_oper_list.vector[2] 
_pdbx_struct_oper_list.matrix[3][1] 
_pdbx_struct_oper_list.matrix[3][2] 
_pdbx_struct_oper_list.matrix[3][3] 
_pdbx_struct_oper_list.vector[3] 
1 'identity operation'         1_555  x,y,z    1.0000000000  0.0000000000  0.0000000000  0.0000000000   0.0000000000  1.0000000000  0.0000000000  0.0000000000  0.0000000000  0.0000000000  1.0000000000  0.0000000000   
2 'crystal symmetry operation' 15_555 y,x,-z   0.2602235545  -0.5757717800 0.7750939034  -7.7643612479  -0.5757717800 -0.7369410043 -0.3541254207 11.6833628279 0.7750939034  -0.3541254207 -0.5232825502 21.3029433846  
3 'crystal symmetry operation' 10_555 -x,-y,z  -0.8982705013 -0.2570985761 -0.3563852251 -25.5163545340 -0.2570985761 -0.3502407986 0.9006840207  8.0074576000  -0.3563852251 0.9006840207  0.2485112999  -13.0602268967 
4 'crystal symmetry operation' 8_555  -y,-x,-z -0.3619530532 0.8328703560  -0.4187086783 -29.1376880827 0.8328703560  0.0871818029  -0.5465586000 25.0988941946 -0.4187086783 -0.5465586000 -0.7252287497 5.5239170939 
# 
loop_
_pdbx_struct_conn_angle.id 
_pdbx_struct_conn_angle.ptnr1_label_atom_id 
_pdbx_struct_conn_angle.ptnr1_label_alt_id 
_pdbx_struct_conn_angle.ptnr1_label_asym_id 
_pdbx_struct_conn_angle.ptnr1_label_comp_id 
_pdbx_struct_conn_angle.ptnr1_label_seq_id 
_pdbx_struct_conn_angle.ptnr1_auth_atom_id 
_pdbx_struct_conn_angle.ptnr1_auth_asym_id 
_pdbx_struct_conn_angle.ptnr1_auth_comp_id 
_pdbx_struct_conn_angle.ptnr1_auth_seq_id 
_pdbx_struct_conn_angle.ptnr1_PDB_ins_code 
_pdbx_struct_conn_angle.ptnr1_symmetry 
_pdbx_struct_conn_angle.ptnr2_label_atom_id 
_pdbx_struct_conn_angle.ptnr2_label_alt_id 
_pdbx_struct_conn_angle.ptnr2_label_asym_id 
_pdbx_struct_conn_angle.ptnr2_label_comp_id 
_pdbx_struct_conn_angle.ptnr2_label_seq_id 
_pdbx_struct_conn_angle.ptnr2_auth_atom_id 
_pdbx_struct_conn_angle.ptnr2_auth_asym_id 
_pdbx_struct_conn_angle.ptnr2_auth_comp_id 
_pdbx_struct_conn_angle.ptnr2_auth_seq_id 
_pdbx_struct_conn_angle.ptnr2_PDB_ins_code 
_pdbx_struct_conn_angle.ptnr2_symmetry 
_pdbx_struct_conn_angle.ptnr3_label_atom_id 
_pdbx_struct_conn_angle.ptnr3_label_alt_id 
_pdbx_struct_conn_angle.ptnr3_label_asym_id 
_pdbx_struct_conn_angle.ptnr3_label_comp_id 
_pdbx_struct_conn_angle.ptnr3_label_seq_id 
_pdbx_struct_conn_angle.ptnr3_auth_atom_id 
_pdbx_struct_conn_angle.ptnr3_auth_asym_id 
_pdbx_struct_conn_angle.ptnr3_auth_comp_id 
_pdbx_struct_conn_angle.ptnr3_auth_seq_id 
_pdbx_struct_conn_angle.ptnr3_PDB_ins_code 
_pdbx_struct_conn_angle.ptnr3_symmetry 
_pdbx_struct_conn_angle.value 
_pdbx_struct_conn_angle.value_esd 
1 SG ? A CYS 147 ? A CYS 145 ? 1_555 ZN ? B ZN . ? A ZN 1192 ? 1_555 SG ? A CYS 150 ? A CYS 148 ? 1_555 100.9 ? 
2 SG ? A CYS 147 ? A CYS 145 ? 1_555 ZN ? B ZN . ? A ZN 1192 ? 1_555 SG ? A CYS 185 ? A CYS 183 ? 1_555 121.6 ? 
3 SG ? A CYS 150 ? A CYS 148 ? 1_555 ZN ? B ZN . ? A ZN 1192 ? 1_555 SG ? A CYS 185 ? A CYS 183 ? 1_555 118.7 ? 
4 SG ? A CYS 147 ? A CYS 145 ? 1_555 ZN ? B ZN . ? A ZN 1192 ? 1_555 SG ? A CYS 188 ? A CYS 186 ? 1_555 101.2 ? 
5 SG ? A CYS 150 ? A CYS 148 ? 1_555 ZN ? B ZN . ? A ZN 1192 ? 1_555 SG ? A CYS 188 ? A CYS 186 ? 1_555 116.2 ? 
6 SG ? A CYS 185 ? A CYS 183 ? 1_555 ZN ? B ZN . ? A ZN 1192 ? 1_555 SG ? A CYS 188 ? A CYS 186 ? 1_555 97.7  ? 
# 
loop_
_pdbx_audit_revision_history.ordinal 
_pdbx_audit_revision_history.data_content_type 
_pdbx_audit_revision_history.major_revision 
_pdbx_audit_revision_history.minor_revision 
_pdbx_audit_revision_history.revision_date 
1 'Structure model' 1 0 2007-01-23 
2 'Structure model' 1 1 2011-07-13 
3 'Structure model' 1 2 2019-09-04 
4 'Structure model' 1 3 2023-12-13 
# 
_pdbx_audit_revision_details.ordinal             1 
_pdbx_audit_revision_details.revision_ordinal    1 
_pdbx_audit_revision_details.data_content_type   'Structure model' 
_pdbx_audit_revision_details.provider            repository 
_pdbx_audit_revision_details.type                'Initial release' 
_pdbx_audit_revision_details.description         ? 
_pdbx_audit_revision_details.details             ? 
# 
loop_
_pdbx_audit_revision_group.ordinal 
_pdbx_audit_revision_group.revision_ordinal 
_pdbx_audit_revision_group.data_content_type 
_pdbx_audit_revision_group.group 
1 2 'Structure model' Advisory                    
2 2 'Structure model' 'Version format compliance' 
3 3 'Structure model' 'Data collection'           
4 4 'Structure model' 'Data collection'           
5 4 'Structure model' 'Database references'       
6 4 'Structure model' 'Derived calculations'      
7 4 'Structure model' Other                       
8 4 'Structure model' 'Refinement description'    
# 
loop_
_pdbx_audit_revision_category.ordinal 
_pdbx_audit_revision_category.revision_ordinal 
_pdbx_audit_revision_category.data_content_type 
_pdbx_audit_revision_category.category 
1 3 'Structure model' reflns                        
2 3 'Structure model' reflns_shell                  
3 4 'Structure model' chem_comp_atom                
4 4 'Structure model' chem_comp_bond                
5 4 'Structure model' database_2                    
6 4 'Structure model' pdbx_database_status          
7 4 'Structure model' pdbx_initial_refinement_model 
8 4 'Structure model' struct_conn                   
# 
loop_
_pdbx_audit_revision_item.ordinal 
_pdbx_audit_revision_item.revision_ordinal 
_pdbx_audit_revision_item.data_content_type 
_pdbx_audit_revision_item.item 
1  3 'Structure model' '_reflns.pdbx_Rmerge_I_obs'            
2  3 'Structure model' '_reflns.pdbx_Rrim_I_all'              
3  3 'Structure model' '_reflns_shell.Rmerge_I_obs'           
4  3 'Structure model' '_reflns_shell.pdbx_Rrim_I_all'        
5  4 'Structure model' '_database_2.pdbx_DOI'                 
6  4 'Structure model' '_database_2.pdbx_database_accession'  
7  4 'Structure model' '_pdbx_database_status.status_code_sf' 
8  4 'Structure model' '_struct_conn.ptnr1_auth_comp_id'      
9  4 'Structure model' '_struct_conn.ptnr1_auth_seq_id'       
10 4 'Structure model' '_struct_conn.ptnr1_label_asym_id'     
11 4 'Structure model' '_struct_conn.ptnr1_label_atom_id'     
12 4 'Structure model' '_struct_conn.ptnr1_label_comp_id'     
13 4 'Structure model' '_struct_conn.ptnr1_label_seq_id'      
14 4 'Structure model' '_struct_conn.ptnr2_auth_comp_id'      
15 4 'Structure model' '_struct_conn.ptnr2_auth_seq_id'       
16 4 'Structure model' '_struct_conn.ptnr2_label_asym_id'     
17 4 'Structure model' '_struct_conn.ptnr2_label_atom_id'     
18 4 'Structure model' '_struct_conn.ptnr2_label_comp_id'     
19 4 'Structure model' '_struct_conn.ptnr2_label_seq_id'      
# 
_pdbx_refine_tls.pdbx_refine_id   'X-RAY DIFFRACTION' 
_pdbx_refine_tls.id               1 
_pdbx_refine_tls.details          ? 
_pdbx_refine_tls.method           refined 
_pdbx_refine_tls.origin_x         0.2433 
_pdbx_refine_tls.origin_y         0.2560 
_pdbx_refine_tls.origin_z         -0.1933 
_pdbx_refine_tls.T[1][1]          -0.1413 
_pdbx_refine_tls.T[2][2]          -0.1699 
_pdbx_refine_tls.T[3][3]          -0.0922 
_pdbx_refine_tls.T[1][2]          -0.0032 
_pdbx_refine_tls.T[1][3]          0.0593 
_pdbx_refine_tls.T[2][3]          -0.0661 
_pdbx_refine_tls.L[1][1]          2.6444 
_pdbx_refine_tls.L[2][2]          4.7327 
_pdbx_refine_tls.L[3][3]          3.8588 
_pdbx_refine_tls.L[1][2]          0.5294 
_pdbx_refine_tls.L[1][3]          -0.3097 
_pdbx_refine_tls.L[2][3]          -0.8673 
_pdbx_refine_tls.S[1][1]          0.0455 
_pdbx_refine_tls.S[1][2]          0.1357 
_pdbx_refine_tls.S[1][3]          -0.1546 
_pdbx_refine_tls.S[2][1]          -0.0482 
_pdbx_refine_tls.S[2][2]          0.0726 
_pdbx_refine_tls.S[2][3]          -0.6400 
_pdbx_refine_tls.S[3][1]          0.3122 
_pdbx_refine_tls.S[3][2]          0.6459 
_pdbx_refine_tls.S[3][3]          -0.1181 
# 
_pdbx_refine_tls_group.pdbx_refine_id      'X-RAY DIFFRACTION' 
_pdbx_refine_tls_group.id                  1 
_pdbx_refine_tls_group.refine_tls_id       1 
_pdbx_refine_tls_group.beg_auth_asym_id    A 
_pdbx_refine_tls_group.beg_auth_seq_id     -1 
_pdbx_refine_tls_group.beg_label_asym_id   ? 
_pdbx_refine_tls_group.beg_label_seq_id    ? 
_pdbx_refine_tls_group.end_auth_asym_id    A 
_pdbx_refine_tls_group.end_auth_seq_id     191 
_pdbx_refine_tls_group.end_label_asym_id   ? 
_pdbx_refine_tls_group.end_label_seq_id    ? 
_pdbx_refine_tls_group.selection           ? 
_pdbx_refine_tls_group.selection_details   ? 
# 
loop_
_software.name 
_software.classification 
_software.version 
_software.citation_id 
_software.pdbx_ordinal 
_software.date 
_software.type 
_software.location 
_software.language 
REFMAC refinement       5.2.0005 ? 1 ? ? ? ? 
MOSFLM 'data reduction' .        ? 2 ? ? ? ? 
SCALA  'data scaling'   .        ? 3 ? ? ? ? 
MOLREP phasing          .        ? 4 ? ? ? ? 
# 
_pdbx_database_remark.id     700 
_pdbx_database_remark.text   
;
SHEET
DETERMINATION METHOD: AUTHOR PROVIDED.
;
# 
loop_
_pdbx_validate_rmsd_angle.id 
_pdbx_validate_rmsd_angle.PDB_model_num 
_pdbx_validate_rmsd_angle.auth_atom_id_1 
_pdbx_validate_rmsd_angle.auth_asym_id_1 
_pdbx_validate_rmsd_angle.auth_comp_id_1 
_pdbx_validate_rmsd_angle.auth_seq_id_1 
_pdbx_validate_rmsd_angle.PDB_ins_code_1 
_pdbx_validate_rmsd_angle.label_alt_id_1 
_pdbx_validate_rmsd_angle.auth_atom_id_2 
_pdbx_validate_rmsd_angle.auth_asym_id_2 
_pdbx_validate_rmsd_angle.auth_comp_id_2 
_pdbx_validate_rmsd_angle.auth_seq_id_2 
_pdbx_validate_rmsd_angle.PDB_ins_code_2 
_pdbx_validate_rmsd_angle.label_alt_id_2 
_pdbx_validate_rmsd_angle.auth_atom_id_3 
_pdbx_validate_rmsd_angle.auth_asym_id_3 
_pdbx_validate_rmsd_angle.auth_comp_id_3 
_pdbx_validate_rmsd_angle.auth_seq_id_3 
_pdbx_validate_rmsd_angle.PDB_ins_code_3 
_pdbx_validate_rmsd_angle.label_alt_id_3 
_pdbx_validate_rmsd_angle.angle_value 
_pdbx_validate_rmsd_angle.angle_target_value 
_pdbx_validate_rmsd_angle.angle_deviation 
_pdbx_validate_rmsd_angle.angle_standard_deviation 
_pdbx_validate_rmsd_angle.linker_flag 
1 1 CA A PRO 190 ? ? C A PRO 190 ? ? N A ALA 191 ? ? 130.56 117.20 13.36  2.20 Y 
2 1 O  A PRO 190 ? ? C A PRO 190 ? ? N A ALA 191 ? ? 108.56 122.70 -14.14 1.60 Y 
# 
loop_
_pdbx_validate_torsion.id 
_pdbx_validate_torsion.PDB_model_num 
_pdbx_validate_torsion.auth_comp_id 
_pdbx_validate_torsion.auth_asym_id 
_pdbx_validate_torsion.auth_seq_id 
_pdbx_validate_torsion.PDB_ins_code 
_pdbx_validate_torsion.label_alt_id 
_pdbx_validate_torsion.phi 
_pdbx_validate_torsion.psi 
1 1 ASP A 94  ? ? -62.54  -174.24 
2 1 PHE A 125 ? ? -78.40  -93.60  
3 1 SER A 153 ? ? -145.89 10.74   
# 
loop_
_pdbx_unobs_or_zero_occ_residues.id 
_pdbx_unobs_or_zero_occ_residues.PDB_model_num 
_pdbx_unobs_or_zero_occ_residues.polymer_flag 
_pdbx_unobs_or_zero_occ_residues.occupancy_flag 
_pdbx_unobs_or_zero_occ_residues.auth_asym_id 
_pdbx_unobs_or_zero_occ_residues.auth_comp_id 
_pdbx_unobs_or_zero_occ_residues.auth_seq_id 
_pdbx_unobs_or_zero_occ_residues.PDB_ins_code 
_pdbx_unobs_or_zero_occ_residues.label_asym_id 
_pdbx_unobs_or_zero_occ_residues.label_comp_id 
_pdbx_unobs_or_zero_occ_residues.label_seq_id 
1 1 Y 1 A ASN 192 ? A ASN 194 
2 1 Y 1 A LYS 193 ? A LYS 195 
3 1 Y 1 A ASP 194 ? A ASP 196 
4 1 Y 1 A LYS 195 ? A LYS 197 
# 
loop_
_chem_comp_atom.comp_id 
_chem_comp_atom.atom_id 
_chem_comp_atom.type_symbol 
_chem_comp_atom.pdbx_aromatic_flag 
_chem_comp_atom.pdbx_stereo_config 
_chem_comp_atom.pdbx_ordinal 
ALA N      N  N N 1   
ALA CA     C  N S 2   
ALA C      C  N N 3   
ALA O      O  N N 4   
ALA CB     C  N N 5   
ALA OXT    O  N N 6   
ALA H      H  N N 7   
ALA H2     H  N N 8   
ALA HA     H  N N 9   
ALA HB1    H  N N 10  
ALA HB2    H  N N 11  
ALA HB3    H  N N 12  
ALA HXT    H  N N 13  
ARG N      N  N N 14  
ARG CA     C  N S 15  
ARG C      C  N N 16  
ARG O      O  N N 17  
ARG CB     C  N N 18  
ARG CG     C  N N 19  
ARG CD     C  N N 20  
ARG NE     N  N N 21  
ARG CZ     C  N N 22  
ARG NH1    N  N N 23  
ARG NH2    N  N N 24  
ARG OXT    O  N N 25  
ARG H      H  N N 26  
ARG H2     H  N N 27  
ARG HA     H  N N 28  
ARG HB2    H  N N 29  
ARG HB3    H  N N 30  
ARG HG2    H  N N 31  
ARG HG3    H  N N 32  
ARG HD2    H  N N 33  
ARG HD3    H  N N 34  
ARG HE     H  N N 35  
ARG HH11   H  N N 36  
ARG HH12   H  N N 37  
ARG HH21   H  N N 38  
ARG HH22   H  N N 39  
ARG HXT    H  N N 40  
ASN N      N  N N 41  
ASN CA     C  N S 42  
ASN C      C  N N 43  
ASN O      O  N N 44  
ASN CB     C  N N 45  
ASN CG     C  N N 46  
ASN OD1    O  N N 47  
ASN ND2    N  N N 48  
ASN OXT    O  N N 49  
ASN H      H  N N 50  
ASN H2     H  N N 51  
ASN HA     H  N N 52  
ASN HB2    H  N N 53  
ASN HB3    H  N N 54  
ASN HD21   H  N N 55  
ASN HD22   H  N N 56  
ASN HXT    H  N N 57  
ASP N      N  N N 58  
ASP CA     C  N S 59  
ASP C      C  N N 60  
ASP O      O  N N 61  
ASP CB     C  N N 62  
ASP CG     C  N N 63  
ASP OD1    O  N N 64  
ASP OD2    O  N N 65  
ASP OXT    O  N N 66  
ASP H      H  N N 67  
ASP H2     H  N N 68  
ASP HA     H  N N 69  
ASP HB2    H  N N 70  
ASP HB3    H  N N 71  
ASP HD2    H  N N 72  
ASP HXT    H  N N 73  
CYS N      N  N N 74  
CYS CA     C  N R 75  
CYS C      C  N N 76  
CYS O      O  N N 77  
CYS CB     C  N N 78  
CYS SG     S  N N 79  
CYS OXT    O  N N 80  
CYS H      H  N N 81  
CYS H2     H  N N 82  
CYS HA     H  N N 83  
CYS HB2    H  N N 84  
CYS HB3    H  N N 85  
CYS HG     H  N N 86  
CYS HXT    H  N N 87  
GLN N      N  N N 88  
GLN CA     C  N S 89  
GLN C      C  N N 90  
GLN O      O  N N 91  
GLN CB     C  N N 92  
GLN CG     C  N N 93  
GLN CD     C  N N 94  
GLN OE1    O  N N 95  
GLN NE2    N  N N 96  
GLN OXT    O  N N 97  
GLN H      H  N N 98  
GLN H2     H  N N 99  
GLN HA     H  N N 100 
GLN HB2    H  N N 101 
GLN HB3    H  N N 102 
GLN HG2    H  N N 103 
GLN HG3    H  N N 104 
GLN HE21   H  N N 105 
GLN HE22   H  N N 106 
GLN HXT    H  N N 107 
GLU N      N  N N 108 
GLU CA     C  N S 109 
GLU C      C  N N 110 
GLU O      O  N N 111 
GLU CB     C  N N 112 
GLU CG     C  N N 113 
GLU CD     C  N N 114 
GLU OE1    O  N N 115 
GLU OE2    O  N N 116 
GLU OXT    O  N N 117 
GLU H      H  N N 118 
GLU H2     H  N N 119 
GLU HA     H  N N 120 
GLU HB2    H  N N 121 
GLU HB3    H  N N 122 
GLU HG2    H  N N 123 
GLU HG3    H  N N 124 
GLU HE2    H  N N 125 
GLU HXT    H  N N 126 
GLY N      N  N N 127 
GLY CA     C  N N 128 
GLY C      C  N N 129 
GLY O      O  N N 130 
GLY OXT    O  N N 131 
GLY H      H  N N 132 
GLY H2     H  N N 133 
GLY HA2    H  N N 134 
GLY HA3    H  N N 135 
GLY HXT    H  N N 136 
HIS N      N  N N 137 
HIS CA     C  N S 138 
HIS C      C  N N 139 
HIS O      O  N N 140 
HIS CB     C  N N 141 
HIS CG     C  Y N 142 
HIS ND1    N  Y N 143 
HIS CD2    C  Y N 144 
HIS CE1    C  Y N 145 
HIS NE2    N  Y N 146 
HIS OXT    O  N N 147 
HIS H      H  N N 148 
HIS H2     H  N N 149 
HIS HA     H  N N 150 
HIS HB2    H  N N 151 
HIS HB3    H  N N 152 
HIS HD1    H  N N 153 
HIS HD2    H  N N 154 
HIS HE1    H  N N 155 
HIS HE2    H  N N 156 
HIS HXT    H  N N 157 
HOH O      O  N N 158 
HOH H1     H  N N 159 
HOH H2     H  N N 160 
ILE N      N  N N 161 
ILE CA     C  N S 162 
ILE C      C  N N 163 
ILE O      O  N N 164 
ILE CB     C  N S 165 
ILE CG1    C  N N 166 
ILE CG2    C  N N 167 
ILE CD1    C  N N 168 
ILE OXT    O  N N 169 
ILE H      H  N N 170 
ILE H2     H  N N 171 
ILE HA     H  N N 172 
ILE HB     H  N N 173 
ILE HG12   H  N N 174 
ILE HG13   H  N N 175 
ILE HG21   H  N N 176 
ILE HG22   H  N N 177 
ILE HG23   H  N N 178 
ILE HD11   H  N N 179 
ILE HD12   H  N N 180 
ILE HD13   H  N N 181 
ILE HXT    H  N N 182 
LEU N      N  N N 183 
LEU CA     C  N S 184 
LEU C      C  N N 185 
LEU O      O  N N 186 
LEU CB     C  N N 187 
LEU CG     C  N N 188 
LEU CD1    C  N N 189 
LEU CD2    C  N N 190 
LEU OXT    O  N N 191 
LEU H      H  N N 192 
LEU H2     H  N N 193 
LEU HA     H  N N 194 
LEU HB2    H  N N 195 
LEU HB3    H  N N 196 
LEU HG     H  N N 197 
LEU HD11   H  N N 198 
LEU HD12   H  N N 199 
LEU HD13   H  N N 200 
LEU HD21   H  N N 201 
LEU HD22   H  N N 202 
LEU HD23   H  N N 203 
LEU HXT    H  N N 204 
LYS N      N  N N 205 
LYS CA     C  N S 206 
LYS C      C  N N 207 
LYS O      O  N N 208 
LYS CB     C  N N 209 
LYS CG     C  N N 210 
LYS CD     C  N N 211 
LYS CE     C  N N 212 
LYS NZ     N  N N 213 
LYS OXT    O  N N 214 
LYS H      H  N N 215 
LYS H2     H  N N 216 
LYS HA     H  N N 217 
LYS HB2    H  N N 218 
LYS HB3    H  N N 219 
LYS HG2    H  N N 220 
LYS HG3    H  N N 221 
LYS HD2    H  N N 222 
LYS HD3    H  N N 223 
LYS HE2    H  N N 224 
LYS HE3    H  N N 225 
LYS HZ1    H  N N 226 
LYS HZ2    H  N N 227 
LYS HZ3    H  N N 228 
LYS HXT    H  N N 229 
MET N      N  N N 230 
MET CA     C  N S 231 
MET C      C  N N 232 
MET O      O  N N 233 
MET CB     C  N N 234 
MET CG     C  N N 235 
MET SD     S  N N 236 
MET CE     C  N N 237 
MET OXT    O  N N 238 
MET H      H  N N 239 
MET H2     H  N N 240 
MET HA     H  N N 241 
MET HB2    H  N N 242 
MET HB3    H  N N 243 
MET HG2    H  N N 244 
MET HG3    H  N N 245 
MET HE1    H  N N 246 
MET HE2    H  N N 247 
MET HE3    H  N N 248 
MET HXT    H  N N 249 
MPD C1     C  N N 250 
MPD C2     C  N N 251 
MPD O2     O  N N 252 
MPD CM     C  N N 253 
MPD C3     C  N N 254 
MPD C4     C  N S 255 
MPD O4     O  N N 256 
MPD C5     C  N N 257 
MPD H11    H  N N 258 
MPD H12    H  N N 259 
MPD H13    H  N N 260 
MPD HO2    H  N N 261 
MPD HM1    H  N N 262 
MPD HM2    H  N N 263 
MPD HM3    H  N N 264 
MPD H31    H  N N 265 
MPD H32    H  N N 266 
MPD H4     H  N N 267 
MPD HO4    H  N N 268 
MPD H51    H  N N 269 
MPD H52    H  N N 270 
MPD H53    H  N N 271 
PHE N      N  N N 272 
PHE CA     C  N S 273 
PHE C      C  N N 274 
PHE O      O  N N 275 
PHE CB     C  N N 276 
PHE CG     C  Y N 277 
PHE CD1    C  Y N 278 
PHE CD2    C  Y N 279 
PHE CE1    C  Y N 280 
PHE CE2    C  Y N 281 
PHE CZ     C  Y N 282 
PHE OXT    O  N N 283 
PHE H      H  N N 284 
PHE H2     H  N N 285 
PHE HA     H  N N 286 
PHE HB2    H  N N 287 
PHE HB3    H  N N 288 
PHE HD1    H  N N 289 
PHE HD2    H  N N 290 
PHE HE1    H  N N 291 
PHE HE2    H  N N 292 
PHE HZ     H  N N 293 
PHE HXT    H  N N 294 
PRO N      N  N N 295 
PRO CA     C  N S 296 
PRO C      C  N N 297 
PRO O      O  N N 298 
PRO CB     C  N N 299 
PRO CG     C  N N 300 
PRO CD     C  N N 301 
PRO OXT    O  N N 302 
PRO H      H  N N 303 
PRO HA     H  N N 304 
PRO HB2    H  N N 305 
PRO HB3    H  N N 306 
PRO HG2    H  N N 307 
PRO HG3    H  N N 308 
PRO HD2    H  N N 309 
PRO HD3    H  N N 310 
PRO HXT    H  N N 311 
SER N      N  N N 312 
SER CA     C  N S 313 
SER C      C  N N 314 
SER O      O  N N 315 
SER CB     C  N N 316 
SER OG     O  N N 317 
SER OXT    O  N N 318 
SER H      H  N N 319 
SER H2     H  N N 320 
SER HA     H  N N 321 
SER HB2    H  N N 322 
SER HB3    H  N N 323 
SER HG     H  N N 324 
SER HXT    H  N N 325 
THR N      N  N N 326 
THR CA     C  N S 327 
THR C      C  N N 328 
THR O      O  N N 329 
THR CB     C  N R 330 
THR OG1    O  N N 331 
THR CG2    C  N N 332 
THR OXT    O  N N 333 
THR H      H  N N 334 
THR H2     H  N N 335 
THR HA     H  N N 336 
THR HB     H  N N 337 
THR HG1    H  N N 338 
THR HG21   H  N N 339 
THR HG22   H  N N 340 
THR HG23   H  N N 341 
THR HXT    H  N N 342 
TRP N      N  N N 343 
TRP CA     C  N S 344 
TRP C      C  N N 345 
TRP O      O  N N 346 
TRP CB     C  N N 347 
TRP CG     C  Y N 348 
TRP CD1    C  Y N 349 
TRP CD2    C  Y N 350 
TRP NE1    N  Y N 351 
TRP CE2    C  Y N 352 
TRP CE3    C  Y N 353 
TRP CZ2    C  Y N 354 
TRP CZ3    C  Y N 355 
TRP CH2    C  Y N 356 
TRP OXT    O  N N 357 
TRP H      H  N N 358 
TRP H2     H  N N 359 
TRP HA     H  N N 360 
TRP HB2    H  N N 361 
TRP HB3    H  N N 362 
TRP HD1    H  N N 363 
TRP HE1    H  N N 364 
TRP HE3    H  N N 365 
TRP HZ2    H  N N 366 
TRP HZ3    H  N N 367 
TRP HH2    H  N N 368 
TRP HXT    H  N N 369 
TTP PA     P  N S 370 
TTP O1A    O  N N 371 
TTP O2A    O  N N 372 
TTP O3A    O  N N 373 
TTP PB     P  N S 374 
TTP O1B    O  N N 375 
TTP O2B    O  N N 376 
TTP O3B    O  N N 377 
TTP PG     P  N N 378 
TTP O1G    O  N N 379 
TTP O2G    O  N N 380 
TTP O3G    O  N N 381 
TTP "O5'"  O  N N 382 
TTP "C5'"  C  N N 383 
TTP "C4'"  C  N R 384 
TTP "O4'"  O  N N 385 
TTP "C3'"  C  N S 386 
TTP "O3'"  O  N N 387 
TTP "C2'"  C  N N 388 
TTP "C1'"  C  N R 389 
TTP N1     N  N N 390 
TTP C2     C  N N 391 
TTP O2     O  N N 392 
TTP N3     N  N N 393 
TTP C4     C  N N 394 
TTP O4     O  N N 395 
TTP C5     C  N N 396 
TTP C5M    C  N N 397 
TTP C6     C  N N 398 
TTP HOA2   H  N N 399 
TTP HOB2   H  N N 400 
TTP HOG2   H  N N 401 
TTP HOG3   H  N N 402 
TTP "H5'1" H  N N 403 
TTP "H5'2" H  N N 404 
TTP "H4'"  H  N N 405 
TTP "H3'"  H  N N 406 
TTP "HO3'" H  N N 407 
TTP "H2'1" H  N N 408 
TTP "H2'2" H  N N 409 
TTP "H1'"  H  N N 410 
TTP HN3    H  N N 411 
TTP HM51   H  N N 412 
TTP HM52   H  N N 413 
TTP HM53   H  N N 414 
TTP H6     H  N N 415 
TYR N      N  N N 416 
TYR CA     C  N S 417 
TYR C      C  N N 418 
TYR O      O  N N 419 
TYR CB     C  N N 420 
TYR CG     C  Y N 421 
TYR CD1    C  Y N 422 
TYR CD2    C  Y N 423 
TYR CE1    C  Y N 424 
TYR CE2    C  Y N 425 
TYR CZ     C  Y N 426 
TYR OH     O  N N 427 
TYR OXT    O  N N 428 
TYR H      H  N N 429 
TYR H2     H  N N 430 
TYR HA     H  N N 431 
TYR HB2    H  N N 432 
TYR HB3    H  N N 433 
TYR HD1    H  N N 434 
TYR HD2    H  N N 435 
TYR HE1    H  N N 436 
TYR HE2    H  N N 437 
TYR HH     H  N N 438 
TYR HXT    H  N N 439 
VAL N      N  N N 440 
VAL CA     C  N S 441 
VAL C      C  N N 442 
VAL O      O  N N 443 
VAL CB     C  N N 444 
VAL CG1    C  N N 445 
VAL CG2    C  N N 446 
VAL OXT    O  N N 447 
VAL H      H  N N 448 
VAL H2     H  N N 449 
VAL HA     H  N N 450 
VAL HB     H  N N 451 
VAL HG11   H  N N 452 
VAL HG12   H  N N 453 
VAL HG13   H  N N 454 
VAL HG21   H  N N 455 
VAL HG22   H  N N 456 
VAL HG23   H  N N 457 
VAL HXT    H  N N 458 
ZN  ZN     ZN N N 459 
# 
loop_
_chem_comp_bond.comp_id 
_chem_comp_bond.atom_id_1 
_chem_comp_bond.atom_id_2 
_chem_comp_bond.value_order 
_chem_comp_bond.pdbx_aromatic_flag 
_chem_comp_bond.pdbx_stereo_config 
_chem_comp_bond.pdbx_ordinal 
ALA N     CA     sing N N 1   
ALA N     H      sing N N 2   
ALA N     H2     sing N N 3   
ALA CA    C      sing N N 4   
ALA CA    CB     sing N N 5   
ALA CA    HA     sing N N 6   
ALA C     O      doub N N 7   
ALA C     OXT    sing N N 8   
ALA CB    HB1    sing N N 9   
ALA CB    HB2    sing N N 10  
ALA CB    HB3    sing N N 11  
ALA OXT   HXT    sing N N 12  
ARG N     CA     sing N N 13  
ARG N     H      sing N N 14  
ARG N     H2     sing N N 15  
ARG CA    C      sing N N 16  
ARG CA    CB     sing N N 17  
ARG CA    HA     sing N N 18  
ARG C     O      doub N N 19  
ARG C     OXT    sing N N 20  
ARG CB    CG     sing N N 21  
ARG CB    HB2    sing N N 22  
ARG CB    HB3    sing N N 23  
ARG CG    CD     sing N N 24  
ARG CG    HG2    sing N N 25  
ARG CG    HG3    sing N N 26  
ARG CD    NE     sing N N 27  
ARG CD    HD2    sing N N 28  
ARG CD    HD3    sing N N 29  
ARG NE    CZ     sing N N 30  
ARG NE    HE     sing N N 31  
ARG CZ    NH1    sing N N 32  
ARG CZ    NH2    doub N N 33  
ARG NH1   HH11   sing N N 34  
ARG NH1   HH12   sing N N 35  
ARG NH2   HH21   sing N N 36  
ARG NH2   HH22   sing N N 37  
ARG OXT   HXT    sing N N 38  
ASN N     CA     sing N N 39  
ASN N     H      sing N N 40  
ASN N     H2     sing N N 41  
ASN CA    C      sing N N 42  
ASN CA    CB     sing N N 43  
ASN CA    HA     sing N N 44  
ASN C     O      doub N N 45  
ASN C     OXT    sing N N 46  
ASN CB    CG     sing N N 47  
ASN CB    HB2    sing N N 48  
ASN CB    HB3    sing N N 49  
ASN CG    OD1    doub N N 50  
ASN CG    ND2    sing N N 51  
ASN ND2   HD21   sing N N 52  
ASN ND2   HD22   sing N N 53  
ASN OXT   HXT    sing N N 54  
ASP N     CA     sing N N 55  
ASP N     H      sing N N 56  
ASP N     H2     sing N N 57  
ASP CA    C      sing N N 58  
ASP CA    CB     sing N N 59  
ASP CA    HA     sing N N 60  
ASP C     O      doub N N 61  
ASP C     OXT    sing N N 62  
ASP CB    CG     sing N N 63  
ASP CB    HB2    sing N N 64  
ASP CB    HB3    sing N N 65  
ASP CG    OD1    doub N N 66  
ASP CG    OD2    sing N N 67  
ASP OD2   HD2    sing N N 68  
ASP OXT   HXT    sing N N 69  
CYS N     CA     sing N N 70  
CYS N     H      sing N N 71  
CYS N     H2     sing N N 72  
CYS CA    C      sing N N 73  
CYS CA    CB     sing N N 74  
CYS CA    HA     sing N N 75  
CYS C     O      doub N N 76  
CYS C     OXT    sing N N 77  
CYS CB    SG     sing N N 78  
CYS CB    HB2    sing N N 79  
CYS CB    HB3    sing N N 80  
CYS SG    HG     sing N N 81  
CYS OXT   HXT    sing N N 82  
GLN N     CA     sing N N 83  
GLN N     H      sing N N 84  
GLN N     H2     sing N N 85  
GLN CA    C      sing N N 86  
GLN CA    CB     sing N N 87  
GLN CA    HA     sing N N 88  
GLN C     O      doub N N 89  
GLN C     OXT    sing N N 90  
GLN CB    CG     sing N N 91  
GLN CB    HB2    sing N N 92  
GLN CB    HB3    sing N N 93  
GLN CG    CD     sing N N 94  
GLN CG    HG2    sing N N 95  
GLN CG    HG3    sing N N 96  
GLN CD    OE1    doub N N 97  
GLN CD    NE2    sing N N 98  
GLN NE2   HE21   sing N N 99  
GLN NE2   HE22   sing N N 100 
GLN OXT   HXT    sing N N 101 
GLU N     CA     sing N N 102 
GLU N     H      sing N N 103 
GLU N     H2     sing N N 104 
GLU CA    C      sing N N 105 
GLU CA    CB     sing N N 106 
GLU CA    HA     sing N N 107 
GLU C     O      doub N N 108 
GLU C     OXT    sing N N 109 
GLU CB    CG     sing N N 110 
GLU CB    HB2    sing N N 111 
GLU CB    HB3    sing N N 112 
GLU CG    CD     sing N N 113 
GLU CG    HG2    sing N N 114 
GLU CG    HG3    sing N N 115 
GLU CD    OE1    doub N N 116 
GLU CD    OE2    sing N N 117 
GLU OE2   HE2    sing N N 118 
GLU OXT   HXT    sing N N 119 
GLY N     CA     sing N N 120 
GLY N     H      sing N N 121 
GLY N     H2     sing N N 122 
GLY CA    C      sing N N 123 
GLY CA    HA2    sing N N 124 
GLY CA    HA3    sing N N 125 
GLY C     O      doub N N 126 
GLY C     OXT    sing N N 127 
GLY OXT   HXT    sing N N 128 
HIS N     CA     sing N N 129 
HIS N     H      sing N N 130 
HIS N     H2     sing N N 131 
HIS CA    C      sing N N 132 
HIS CA    CB     sing N N 133 
HIS CA    HA     sing N N 134 
HIS C     O      doub N N 135 
HIS C     OXT    sing N N 136 
HIS CB    CG     sing N N 137 
HIS CB    HB2    sing N N 138 
HIS CB    HB3    sing N N 139 
HIS CG    ND1    sing Y N 140 
HIS CG    CD2    doub Y N 141 
HIS ND1   CE1    doub Y N 142 
HIS ND1   HD1    sing N N 143 
HIS CD2   NE2    sing Y N 144 
HIS CD2   HD2    sing N N 145 
HIS CE1   NE2    sing Y N 146 
HIS CE1   HE1    sing N N 147 
HIS NE2   HE2    sing N N 148 
HIS OXT   HXT    sing N N 149 
HOH O     H1     sing N N 150 
HOH O     H2     sing N N 151 
ILE N     CA     sing N N 152 
ILE N     H      sing N N 153 
ILE N     H2     sing N N 154 
ILE CA    C      sing N N 155 
ILE CA    CB     sing N N 156 
ILE CA    HA     sing N N 157 
ILE C     O      doub N N 158 
ILE C     OXT    sing N N 159 
ILE CB    CG1    sing N N 160 
ILE CB    CG2    sing N N 161 
ILE CB    HB     sing N N 162 
ILE CG1   CD1    sing N N 163 
ILE CG1   HG12   sing N N 164 
ILE CG1   HG13   sing N N 165 
ILE CG2   HG21   sing N N 166 
ILE CG2   HG22   sing N N 167 
ILE CG2   HG23   sing N N 168 
ILE CD1   HD11   sing N N 169 
ILE CD1   HD12   sing N N 170 
ILE CD1   HD13   sing N N 171 
ILE OXT   HXT    sing N N 172 
LEU N     CA     sing N N 173 
LEU N     H      sing N N 174 
LEU N     H2     sing N N 175 
LEU CA    C      sing N N 176 
LEU CA    CB     sing N N 177 
LEU CA    HA     sing N N 178 
LEU C     O      doub N N 179 
LEU C     OXT    sing N N 180 
LEU CB    CG     sing N N 181 
LEU CB    HB2    sing N N 182 
LEU CB    HB3    sing N N 183 
LEU CG    CD1    sing N N 184 
LEU CG    CD2    sing N N 185 
LEU CG    HG     sing N N 186 
LEU CD1   HD11   sing N N 187 
LEU CD1   HD12   sing N N 188 
LEU CD1   HD13   sing N N 189 
LEU CD2   HD21   sing N N 190 
LEU CD2   HD22   sing N N 191 
LEU CD2   HD23   sing N N 192 
LEU OXT   HXT    sing N N 193 
LYS N     CA     sing N N 194 
LYS N     H      sing N N 195 
LYS N     H2     sing N N 196 
LYS CA    C      sing N N 197 
LYS CA    CB     sing N N 198 
LYS CA    HA     sing N N 199 
LYS C     O      doub N N 200 
LYS C     OXT    sing N N 201 
LYS CB    CG     sing N N 202 
LYS CB    HB2    sing N N 203 
LYS CB    HB3    sing N N 204 
LYS CG    CD     sing N N 205 
LYS CG    HG2    sing N N 206 
LYS CG    HG3    sing N N 207 
LYS CD    CE     sing N N 208 
LYS CD    HD2    sing N N 209 
LYS CD    HD3    sing N N 210 
LYS CE    NZ     sing N N 211 
LYS CE    HE2    sing N N 212 
LYS CE    HE3    sing N N 213 
LYS NZ    HZ1    sing N N 214 
LYS NZ    HZ2    sing N N 215 
LYS NZ    HZ3    sing N N 216 
LYS OXT   HXT    sing N N 217 
MET N     CA     sing N N 218 
MET N     H      sing N N 219 
MET N     H2     sing N N 220 
MET CA    C      sing N N 221 
MET CA    CB     sing N N 222 
MET CA    HA     sing N N 223 
MET C     O      doub N N 224 
MET C     OXT    sing N N 225 
MET CB    CG     sing N N 226 
MET CB    HB2    sing N N 227 
MET CB    HB3    sing N N 228 
MET CG    SD     sing N N 229 
MET CG    HG2    sing N N 230 
MET CG    HG3    sing N N 231 
MET SD    CE     sing N N 232 
MET CE    HE1    sing N N 233 
MET CE    HE2    sing N N 234 
MET CE    HE3    sing N N 235 
MET OXT   HXT    sing N N 236 
MPD C1    C2     sing N N 237 
MPD C1    H11    sing N N 238 
MPD C1    H12    sing N N 239 
MPD C1    H13    sing N N 240 
MPD C2    O2     sing N N 241 
MPD C2    CM     sing N N 242 
MPD C2    C3     sing N N 243 
MPD O2    HO2    sing N N 244 
MPD CM    HM1    sing N N 245 
MPD CM    HM2    sing N N 246 
MPD CM    HM3    sing N N 247 
MPD C3    C4     sing N N 248 
MPD C3    H31    sing N N 249 
MPD C3    H32    sing N N 250 
MPD C4    O4     sing N N 251 
MPD C4    C5     sing N N 252 
MPD C4    H4     sing N N 253 
MPD O4    HO4    sing N N 254 
MPD C5    H51    sing N N 255 
MPD C5    H52    sing N N 256 
MPD C5    H53    sing N N 257 
PHE N     CA     sing N N 258 
PHE N     H      sing N N 259 
PHE N     H2     sing N N 260 
PHE CA    C      sing N N 261 
PHE CA    CB     sing N N 262 
PHE CA    HA     sing N N 263 
PHE C     O      doub N N 264 
PHE C     OXT    sing N N 265 
PHE CB    CG     sing N N 266 
PHE CB    HB2    sing N N 267 
PHE CB    HB3    sing N N 268 
PHE CG    CD1    doub Y N 269 
PHE CG    CD2    sing Y N 270 
PHE CD1   CE1    sing Y N 271 
PHE CD1   HD1    sing N N 272 
PHE CD2   CE2    doub Y N 273 
PHE CD2   HD2    sing N N 274 
PHE CE1   CZ     doub Y N 275 
PHE CE1   HE1    sing N N 276 
PHE CE2   CZ     sing Y N 277 
PHE CE2   HE2    sing N N 278 
PHE CZ    HZ     sing N N 279 
PHE OXT   HXT    sing N N 280 
PRO N     CA     sing N N 281 
PRO N     CD     sing N N 282 
PRO N     H      sing N N 283 
PRO CA    C      sing N N 284 
PRO CA    CB     sing N N 285 
PRO CA    HA     sing N N 286 
PRO C     O      doub N N 287 
PRO C     OXT    sing N N 288 
PRO CB    CG     sing N N 289 
PRO CB    HB2    sing N N 290 
PRO CB    HB3    sing N N 291 
PRO CG    CD     sing N N 292 
PRO CG    HG2    sing N N 293 
PRO CG    HG3    sing N N 294 
PRO CD    HD2    sing N N 295 
PRO CD    HD3    sing N N 296 
PRO OXT   HXT    sing N N 297 
SER N     CA     sing N N 298 
SER N     H      sing N N 299 
SER N     H2     sing N N 300 
SER CA    C      sing N N 301 
SER CA    CB     sing N N 302 
SER CA    HA     sing N N 303 
SER C     O      doub N N 304 
SER C     OXT    sing N N 305 
SER CB    OG     sing N N 306 
SER CB    HB2    sing N N 307 
SER CB    HB3    sing N N 308 
SER OG    HG     sing N N 309 
SER OXT   HXT    sing N N 310 
THR N     CA     sing N N 311 
THR N     H      sing N N 312 
THR N     H2     sing N N 313 
THR CA    C      sing N N 314 
THR CA    CB     sing N N 315 
THR CA    HA     sing N N 316 
THR C     O      doub N N 317 
THR C     OXT    sing N N 318 
THR CB    OG1    sing N N 319 
THR CB    CG2    sing N N 320 
THR CB    HB     sing N N 321 
THR OG1   HG1    sing N N 322 
THR CG2   HG21   sing N N 323 
THR CG2   HG22   sing N N 324 
THR CG2   HG23   sing N N 325 
THR OXT   HXT    sing N N 326 
TRP N     CA     sing N N 327 
TRP N     H      sing N N 328 
TRP N     H2     sing N N 329 
TRP CA    C      sing N N 330 
TRP CA    CB     sing N N 331 
TRP CA    HA     sing N N 332 
TRP C     O      doub N N 333 
TRP C     OXT    sing N N 334 
TRP CB    CG     sing N N 335 
TRP CB    HB2    sing N N 336 
TRP CB    HB3    sing N N 337 
TRP CG    CD1    doub Y N 338 
TRP CG    CD2    sing Y N 339 
TRP CD1   NE1    sing Y N 340 
TRP CD1   HD1    sing N N 341 
TRP CD2   CE2    doub Y N 342 
TRP CD2   CE3    sing Y N 343 
TRP NE1   CE2    sing Y N 344 
TRP NE1   HE1    sing N N 345 
TRP CE2   CZ2    sing Y N 346 
TRP CE3   CZ3    doub Y N 347 
TRP CE3   HE3    sing N N 348 
TRP CZ2   CH2    doub Y N 349 
TRP CZ2   HZ2    sing N N 350 
TRP CZ3   CH2    sing Y N 351 
TRP CZ3   HZ3    sing N N 352 
TRP CH2   HH2    sing N N 353 
TRP OXT   HXT    sing N N 354 
TTP PA    O1A    doub N N 355 
TTP PA    O2A    sing N N 356 
TTP PA    O3A    sing N N 357 
TTP PA    "O5'"  sing N N 358 
TTP O2A   HOA2   sing N N 359 
TTP O3A   PB     sing N N 360 
TTP PB    O1B    doub N N 361 
TTP PB    O2B    sing N N 362 
TTP PB    O3B    sing N N 363 
TTP O2B   HOB2   sing N N 364 
TTP O3B   PG     sing N N 365 
TTP PG    O1G    doub N N 366 
TTP PG    O2G    sing N N 367 
TTP PG    O3G    sing N N 368 
TTP O2G   HOG2   sing N N 369 
TTP O3G   HOG3   sing N N 370 
TTP "O5'" "C5'"  sing N N 371 
TTP "C5'" "C4'"  sing N N 372 
TTP "C5'" "H5'1" sing N N 373 
TTP "C5'" "H5'2" sing N N 374 
TTP "C4'" "O4'"  sing N N 375 
TTP "C4'" "C3'"  sing N N 376 
TTP "C4'" "H4'"  sing N N 377 
TTP "O4'" "C1'"  sing N N 378 
TTP "C3'" "O3'"  sing N N 379 
TTP "C3'" "C2'"  sing N N 380 
TTP "C3'" "H3'"  sing N N 381 
TTP "O3'" "HO3'" sing N N 382 
TTP "C2'" "C1'"  sing N N 383 
TTP "C2'" "H2'1" sing N N 384 
TTP "C2'" "H2'2" sing N N 385 
TTP "C1'" N1     sing N N 386 
TTP "C1'" "H1'"  sing N N 387 
TTP N1    C2     sing N N 388 
TTP N1    C6     sing N N 389 
TTP C2    O2     doub N N 390 
TTP C2    N3     sing N N 391 
TTP N3    C4     sing N N 392 
TTP N3    HN3    sing N N 393 
TTP C4    O4     doub N N 394 
TTP C4    C5     sing N N 395 
TTP C5    C5M    sing N N 396 
TTP C5    C6     doub N N 397 
TTP C5M   HM51   sing N N 398 
TTP C5M   HM52   sing N N 399 
TTP C5M   HM53   sing N N 400 
TTP C6    H6     sing N N 401 
TYR N     CA     sing N N 402 
TYR N     H      sing N N 403 
TYR N     H2     sing N N 404 
TYR CA    C      sing N N 405 
TYR CA    CB     sing N N 406 
TYR CA    HA     sing N N 407 
TYR C     O      doub N N 408 
TYR C     OXT    sing N N 409 
TYR CB    CG     sing N N 410 
TYR CB    HB2    sing N N 411 
TYR CB    HB3    sing N N 412 
TYR CG    CD1    doub Y N 413 
TYR CG    CD2    sing Y N 414 
TYR CD1   CE1    sing Y N 415 
TYR CD1   HD1    sing N N 416 
TYR CD2   CE2    doub Y N 417 
TYR CD2   HD2    sing N N 418 
TYR CE1   CZ     doub Y N 419 
TYR CE1   HE1    sing N N 420 
TYR CE2   CZ     sing Y N 421 
TYR CE2   HE2    sing N N 422 
TYR CZ    OH     sing N N 423 
TYR OH    HH     sing N N 424 
TYR OXT   HXT    sing N N 425 
VAL N     CA     sing N N 426 
VAL N     H      sing N N 427 
VAL N     H2     sing N N 428 
VAL CA    C      sing N N 429 
VAL CA    CB     sing N N 430 
VAL CA    HA     sing N N 431 
VAL C     O      doub N N 432 
VAL C     OXT    sing N N 433 
VAL CB    CG1    sing N N 434 
VAL CB    CG2    sing N N 435 
VAL CB    HB     sing N N 436 
VAL CG1   HG11   sing N N 437 
VAL CG1   HG12   sing N N 438 
VAL CG1   HG13   sing N N 439 
VAL CG2   HG21   sing N N 440 
VAL CG2   HG22   sing N N 441 
VAL CG2   HG23   sing N N 442 
VAL OXT   HXT    sing N N 443 
# 
loop_
_pdbx_entity_nonpoly.entity_id 
_pdbx_entity_nonpoly.name 
_pdbx_entity_nonpoly.comp_id 
2 'ZINC ION'                      ZN  
3 "THYMIDINE-5'-TRIPHOSPHATE"     TTP 
4 '(4S)-2-METHYL-2,4-PENTANEDIOL' MPD 
5 water                           HOH 
# 
_pdbx_initial_refinement_model.id               1 
_pdbx_initial_refinement_model.entity_id_list   ? 
_pdbx_initial_refinement_model.type             'experimental model' 
_pdbx_initial_refinement_model.source_name      PDB 
_pdbx_initial_refinement_model.accession_code   2J9R 
_pdbx_initial_refinement_model.details          'PDB ENTRY 2J9R' 
# 
